data_2NCZ
#
_entry.id   2NCZ
#
loop_
_entity.id
_entity.type
_entity.pdbx_description
1 polymer 'Bromodomain-containing protein 4'
2 polymer 'Histone-lysine N-methyltransferase NSD3'
#
loop_
_entity_poly.entity_id
_entity_poly.type
_entity_poly.pdbx_seq_one_letter_code
_entity_poly.pdbx_strand_id
1 'polypeptide(L)'
;SEEEDKCKPMSYEEKRQLSLDINKLPGEKLGRVVHIIQSREPSLKNSNPDEIEIDFETLKPSTLRELERYVTSCLRKKRK
PQA
;
A
2 'polypeptide(L)' EIKLKITKTIQN B
#
# COMPACT_ATOMS: atom_id res chain seq x y z
N SER A 1 4.43 -17.11 -9.20
CA SER A 1 3.14 -16.93 -9.89
C SER A 1 1.97 -17.00 -8.91
N GLU A 2 1.84 -18.11 -8.18
CA GLU A 2 0.70 -18.28 -7.28
C GLU A 2 1.05 -17.90 -5.84
N GLU A 3 2.31 -17.61 -5.59
CA GLU A 3 2.76 -17.31 -4.23
C GLU A 3 2.32 -15.92 -3.80
N GLU A 4 1.96 -15.08 -4.77
CA GLU A 4 1.55 -13.72 -4.47
C GLU A 4 0.05 -13.63 -4.18
N ASP A 5 -0.77 -14.27 -5.03
CA ASP A 5 -2.23 -14.13 -4.89
C ASP A 5 -2.81 -15.20 -3.97
N LYS A 6 -2.03 -16.24 -3.69
CA LYS A 6 -2.48 -17.31 -2.81
C LYS A 6 -1.59 -17.38 -1.58
N CYS A 7 -1.15 -16.20 -1.15
CA CYS A 7 -0.26 -16.07 0.00
C CYS A 7 -1.06 -16.03 1.29
N LYS A 8 -0.37 -16.29 2.40
CA LYS A 8 -0.95 -16.16 3.73
C LYS A 8 -0.64 -14.78 4.29
N PRO A 9 -1.46 -14.29 5.25
CA PRO A 9 -1.29 -12.97 5.83
C PRO A 9 0.02 -12.82 6.60
N MET A 10 0.56 -11.62 6.59
CA MET A 10 1.75 -11.31 7.37
C MET A 10 1.33 -10.88 8.78
N SER A 11 2.29 -10.86 9.68
CA SER A 11 2.03 -10.58 11.09
C SER A 11 1.68 -9.12 11.34
N TYR A 12 1.32 -8.81 12.59
CA TYR A 12 0.95 -7.45 12.99
C TYR A 12 2.15 -6.51 12.80
N GLU A 13 3.34 -7.00 13.13
CA GLU A 13 4.56 -6.22 12.99
C GLU A 13 4.74 -5.83 11.52
N GLU A 14 4.53 -6.80 10.65
CA GLU A 14 4.76 -6.61 9.22
C GLU A 14 3.71 -5.70 8.61
N LYS A 15 2.45 -5.93 8.96
CA LYS A 15 1.36 -5.07 8.50
C LYS A 15 1.59 -3.62 8.91
N ARG A 16 2.02 -3.43 10.14
CA ARG A 16 2.32 -2.10 10.65
C ARG A 16 3.52 -1.48 9.94
N GLN A 17 4.57 -2.27 9.75
CA GLN A 17 5.76 -1.80 9.05
C GLN A 17 5.44 -1.51 7.59
N LEU A 18 4.44 -2.21 7.07
CA LEU A 18 3.99 -2.01 5.70
C LEU A 18 3.28 -0.66 5.59
N SER A 19 2.56 -0.30 6.61
CA SER A 19 1.96 1.02 6.68
C SER A 19 3.07 2.07 6.69
N LEU A 20 4.18 1.71 7.30
CA LEU A 20 5.31 2.59 7.45
C LEU A 20 6.15 2.65 6.17
N ASP A 21 6.19 1.54 5.43
CA ASP A 21 7.00 1.48 4.22
C ASP A 21 6.35 2.20 3.05
N ILE A 22 5.01 2.20 3.01
CA ILE A 22 4.29 2.98 2.01
C ILE A 22 4.39 4.46 2.32
N ASN A 23 4.42 4.77 3.61
CA ASN A 23 4.61 6.13 4.08
C ASN A 23 5.96 6.69 3.59
N LYS A 24 6.89 5.79 3.26
CA LYS A 24 8.22 6.17 2.83
C LYS A 24 8.27 6.52 1.35
N LEU A 25 7.35 5.96 0.58
CA LEU A 25 7.31 6.20 -0.86
C LEU A 25 6.96 7.67 -1.15
N PRO A 26 7.78 8.33 -1.99
CA PRO A 26 7.46 9.68 -2.48
C PRO A 26 6.12 9.69 -3.22
N GLY A 27 5.43 10.84 -3.19
CA GLY A 27 4.08 10.95 -3.74
C GLY A 27 3.88 10.22 -5.06
N GLU A 28 4.83 10.39 -5.97
CA GLU A 28 4.81 9.71 -7.27
C GLU A 28 4.66 8.19 -7.09
N LYS A 29 5.61 7.60 -6.39
CA LYS A 29 5.62 6.16 -6.15
C LYS A 29 4.45 5.75 -5.27
N LEU A 30 4.12 6.62 -4.34
CA LEU A 30 3.04 6.42 -3.38
C LEU A 30 1.69 6.25 -4.09
N GLY A 31 1.45 7.03 -5.13
CA GLY A 31 0.17 6.97 -5.85
C GLY A 31 -0.17 5.58 -6.34
N ARG A 32 0.84 4.76 -6.59
CA ARG A 32 0.62 3.38 -7.01
C ARG A 32 -0.06 2.58 -5.91
N VAL A 33 0.46 2.68 -4.68
CA VAL A 33 -0.03 1.87 -3.58
C VAL A 33 -1.45 2.24 -3.22
N VAL A 34 -1.72 3.54 -3.09
CA VAL A 34 -3.09 4.01 -2.84
C VAL A 34 -4.04 3.38 -3.86
N HIS A 35 -3.56 3.30 -5.09
CA HIS A 35 -4.32 2.68 -6.17
C HIS A 35 -4.43 1.17 -5.99
N ILE A 36 -3.32 0.53 -5.60
CA ILE A 36 -3.30 -0.92 -5.41
C ILE A 36 -4.36 -1.37 -4.42
N ILE A 37 -4.34 -0.77 -3.22
CA ILE A 37 -5.30 -1.15 -2.19
C ILE A 37 -6.74 -0.93 -2.67
N GLN A 38 -6.99 0.26 -3.19
CA GLN A 38 -8.33 0.61 -3.71
C GLN A 38 -8.79 -0.35 -4.80
N SER A 39 -7.84 -0.88 -5.57
CA SER A 39 -8.15 -1.81 -6.65
C SER A 39 -8.43 -3.22 -6.11
N ARG A 40 -7.72 -3.61 -5.06
CA ARG A 40 -7.85 -4.96 -4.52
C ARG A 40 -8.93 -5.05 -3.46
N GLU A 41 -9.14 -3.95 -2.75
CA GLU A 41 -10.14 -3.89 -1.69
C GLU A 41 -11.31 -2.96 -2.05
N PRO A 42 -12.26 -3.43 -2.90
CA PRO A 42 -13.46 -2.66 -3.27
C PRO A 42 -14.13 -1.90 -2.11
N SER A 43 -14.10 -2.47 -0.91
CA SER A 43 -14.81 -1.89 0.23
C SER A 43 -14.28 -0.51 0.61
N LEU A 44 -13.06 -0.18 0.18
CA LEU A 44 -12.49 1.11 0.50
C LEU A 44 -12.24 1.94 -0.75
N LYS A 45 -12.82 1.53 -1.88
CA LYS A 45 -12.67 2.31 -3.11
C LYS A 45 -13.59 3.53 -3.05
N ASN A 46 -14.36 3.61 -1.98
CA ASN A 46 -15.21 4.76 -1.70
C ASN A 46 -14.41 5.86 -1.04
N SER A 47 -13.18 5.55 -0.65
CA SER A 47 -12.31 6.52 0.01
C SER A 47 -11.82 7.55 -1.01
N ASN A 48 -11.81 8.81 -0.60
CA ASN A 48 -11.29 9.87 -1.45
C ASN A 48 -9.82 9.59 -1.72
N PRO A 49 -9.41 9.64 -3.01
CA PRO A 49 -8.06 9.26 -3.41
C PRO A 49 -6.98 10.10 -2.74
N ASP A 50 -7.35 11.27 -2.25
CA ASP A 50 -6.41 12.16 -1.59
C ASP A 50 -6.21 11.74 -0.13
N GLU A 51 -7.26 11.19 0.46
CA GLU A 51 -7.28 10.81 1.87
C GLU A 51 -7.84 9.40 1.99
N ILE A 52 -7.11 8.43 1.46
CA ILE A 52 -7.64 7.09 1.35
C ILE A 52 -7.64 6.38 2.69
N GLU A 53 -8.69 5.62 2.95
CA GLU A 53 -8.85 4.94 4.21
C GLU A 53 -8.43 3.48 4.05
N ILE A 54 -7.28 3.12 4.59
CA ILE A 54 -6.78 1.75 4.52
C ILE A 54 -6.99 1.05 5.85
N ASP A 55 -7.51 -0.17 5.82
CA ASP A 55 -7.69 -0.92 7.05
C ASP A 55 -6.90 -2.20 6.97
N PHE A 56 -5.69 -2.16 7.52
CA PHE A 56 -4.71 -3.23 7.33
C PHE A 56 -5.18 -4.57 7.88
N GLU A 57 -6.22 -4.57 8.67
CA GLU A 57 -6.74 -5.79 9.25
C GLU A 57 -7.83 -6.41 8.38
N THR A 58 -8.13 -5.76 7.27
CA THR A 58 -9.16 -6.25 6.35
C THR A 58 -8.62 -6.51 4.96
N LEU A 59 -7.44 -5.96 4.66
CA LEU A 59 -6.82 -6.16 3.35
C LEU A 59 -6.52 -7.64 3.15
N LYS A 60 -6.75 -8.12 1.94
CA LYS A 60 -6.45 -9.50 1.58
C LYS A 60 -4.94 -9.76 1.72
N PRO A 61 -4.56 -11.00 2.04
CA PRO A 61 -3.14 -11.37 2.21
C PRO A 61 -2.33 -11.05 0.97
N SER A 62 -2.96 -11.19 -0.19
CA SER A 62 -2.31 -10.92 -1.46
C SER A 62 -2.13 -9.42 -1.66
N THR A 63 -3.09 -8.63 -1.17
CA THR A 63 -2.99 -7.19 -1.21
C THR A 63 -1.76 -6.74 -0.43
N LEU A 64 -1.61 -7.27 0.78
CA LEU A 64 -0.47 -6.96 1.63
C LEU A 64 0.84 -7.31 0.92
N ARG A 65 0.87 -8.43 0.23
CA ARG A 65 2.09 -8.89 -0.40
C ARG A 65 2.34 -8.17 -1.72
N GLU A 66 1.33 -7.48 -2.22
CA GLU A 66 1.51 -6.63 -3.39
C GLU A 66 1.99 -5.26 -2.94
N LEU A 67 1.49 -4.81 -1.79
CA LEU A 67 1.86 -3.54 -1.24
C LEU A 67 3.32 -3.60 -0.78
N GLU A 68 3.62 -4.62 0.00
CA GLU A 68 4.96 -4.79 0.58
C GLU A 68 6.00 -5.03 -0.51
N ARG A 69 5.71 -5.99 -1.40
CA ARG A 69 6.64 -6.34 -2.48
C ARG A 69 6.96 -5.13 -3.34
N TYR A 70 5.99 -4.27 -3.55
CA TYR A 70 6.17 -3.10 -4.39
C TYR A 70 6.99 -2.03 -3.68
N VAL A 71 6.65 -1.74 -2.44
CA VAL A 71 7.34 -0.69 -1.71
C VAL A 71 8.78 -1.06 -1.42
N THR A 72 9.00 -2.30 -1.02
CA THR A 72 10.34 -2.77 -0.70
C THR A 72 11.24 -2.66 -1.92
N SER A 73 10.65 -2.78 -3.10
CA SER A 73 11.40 -2.65 -4.35
C SER A 73 11.89 -1.20 -4.51
N CYS A 74 11.15 -0.28 -3.88
CA CYS A 74 11.46 1.14 -3.95
C CYS A 74 12.39 1.56 -2.79
N LEU A 75 12.02 1.18 -1.56
CA LEU A 75 12.80 1.50 -0.36
C LEU A 75 14.25 1.01 -0.48
N ARG A 76 14.42 -0.15 -1.09
CA ARG A 76 15.73 -0.77 -1.25
C ARG A 76 16.55 -0.10 -2.37
N LYS A 77 16.27 1.17 -2.59
CA LYS A 77 16.92 1.95 -3.63
C LYS A 77 17.12 3.38 -3.15
N LYS A 78 17.62 4.24 -4.01
CA LYS A 78 17.79 5.64 -3.65
C LYS A 78 16.53 6.41 -4.02
N ARG A 79 15.50 6.20 -3.22
CA ARG A 79 14.16 6.72 -3.51
C ARG A 79 14.01 8.19 -3.09
N LYS A 80 14.69 9.07 -3.81
CA LYS A 80 14.62 10.48 -3.53
C LYS A 80 14.30 11.33 -4.77
N PRO A 81 13.36 10.91 -5.65
CA PRO A 81 13.00 11.72 -6.82
C PRO A 81 12.11 12.89 -6.44
N GLN A 82 11.20 12.64 -5.51
CA GLN A 82 10.28 13.65 -5.02
C GLN A 82 10.33 13.68 -3.49
N ALA A 83 11.50 13.38 -2.94
CA ALA A 83 11.69 13.33 -1.50
C ALA A 83 13.15 13.48 -1.15
N GLU B 1 -6.54 -2.99 14.73
CA GLU B 1 -6.88 -1.56 14.59
C GLU B 1 -5.72 -0.79 13.96
N ILE B 2 -5.61 -0.85 12.64
CA ILE B 2 -4.55 -0.13 11.92
C ILE B 2 -5.12 0.52 10.67
N LYS B 3 -5.05 1.85 10.63
CA LYS B 3 -5.54 2.62 9.50
C LYS B 3 -4.42 3.43 8.88
N LEU B 4 -4.29 3.36 7.56
CA LEU B 4 -3.28 4.15 6.87
C LEU B 4 -3.96 5.20 6.00
N LYS B 5 -4.07 6.40 6.52
CA LYS B 5 -4.55 7.53 5.75
C LYS B 5 -3.41 8.09 4.91
N ILE B 6 -3.14 7.49 3.77
CA ILE B 6 -2.11 8.03 2.90
C ILE B 6 -2.62 9.33 2.28
N THR B 7 -2.05 10.43 2.69
CA THR B 7 -2.48 11.74 2.20
C THR B 7 -1.60 12.17 1.02
N LYS B 8 -2.13 12.05 -0.20
CA LYS B 8 -1.38 12.41 -1.40
C LYS B 8 -2.29 12.52 -2.61
N THR B 9 -1.67 12.65 -3.79
CA THR B 9 -2.37 12.83 -5.08
C THR B 9 -3.24 14.08 -5.08
N ILE B 10 -2.99 14.98 -4.13
CA ILE B 10 -3.74 16.21 -4.02
C ILE B 10 -3.42 17.13 -5.19
N GLN B 11 -4.47 17.64 -5.84
CA GLN B 11 -4.34 18.49 -7.00
C GLN B 11 -3.63 19.79 -6.64
N ASN B 12 -2.77 20.25 -7.53
CA ASN B 12 -2.03 21.48 -7.33
C ASN B 12 -2.25 22.42 -8.50
N SER A 1 -3.10 -15.97 -12.04
CA SER A 1 -4.13 -15.31 -11.22
C SER A 1 -4.25 -15.96 -9.85
N GLU A 2 -4.12 -17.28 -9.80
CA GLU A 2 -4.32 -18.03 -8.55
C GLU A 2 -3.23 -17.71 -7.51
N GLU A 3 -2.16 -17.06 -7.96
CA GLU A 3 -1.04 -16.70 -7.08
C GLU A 3 -1.51 -15.87 -5.90
N GLU A 4 -2.46 -14.97 -6.16
CA GLU A 4 -2.91 -14.04 -5.12
C GLU A 4 -3.82 -14.75 -4.12
N ASP A 5 -4.28 -15.93 -4.48
CA ASP A 5 -5.07 -16.76 -3.57
C ASP A 5 -4.17 -17.66 -2.74
N LYS A 6 -2.90 -17.77 -3.16
CA LYS A 6 -1.98 -18.73 -2.54
C LYS A 6 -1.13 -18.06 -1.44
N CYS A 7 -1.12 -16.74 -1.39
CA CYS A 7 -0.27 -16.03 -0.45
C CYS A 7 -0.90 -15.97 0.94
N LYS A 8 -0.07 -16.09 1.96
CA LYS A 8 -0.53 -16.07 3.34
C LYS A 8 -0.40 -14.68 3.93
N PRO A 9 -1.21 -14.36 4.96
CA PRO A 9 -1.16 -13.07 5.65
C PRO A 9 0.15 -12.87 6.39
N MET A 10 0.54 -11.63 6.54
CA MET A 10 1.73 -11.29 7.30
C MET A 10 1.33 -10.90 8.73
N SER A 11 2.31 -10.89 9.62
CA SER A 11 2.05 -10.66 11.04
C SER A 11 1.75 -9.19 11.34
N TYR A 12 1.46 -8.89 12.61
CA TYR A 12 1.11 -7.53 13.03
C TYR A 12 2.29 -6.58 12.80
N GLU A 13 3.50 -7.07 13.11
CA GLU A 13 4.71 -6.26 12.95
C GLU A 13 4.88 -5.90 11.47
N GLU A 14 4.58 -6.86 10.61
CA GLU A 14 4.76 -6.68 9.16
C GLU A 14 3.71 -5.75 8.59
N LYS A 15 2.45 -5.94 8.98
CA LYS A 15 1.37 -5.06 8.55
C LYS A 15 1.65 -3.62 8.98
N ARG A 16 2.10 -3.46 10.22
CA ARG A 16 2.46 -2.15 10.74
C ARG A 16 3.62 -1.54 9.95
N GLN A 17 4.65 -2.34 9.70
CA GLN A 17 5.80 -1.88 8.95
C GLN A 17 5.42 -1.55 7.52
N LEU A 18 4.50 -2.32 6.97
CA LEU A 18 4.02 -2.10 5.61
C LEU A 18 3.42 -0.70 5.50
N SER A 19 2.65 -0.33 6.52
CA SER A 19 2.08 1.01 6.62
C SER A 19 3.19 2.06 6.67
N LEU A 20 4.24 1.75 7.41
CA LEU A 20 5.38 2.64 7.57
C LEU A 20 6.20 2.72 6.27
N ASP A 21 6.23 1.63 5.54
CA ASP A 21 7.03 1.54 4.34
C ASP A 21 6.40 2.29 3.17
N ILE A 22 5.08 2.23 3.07
CA ILE A 22 4.37 3.00 2.06
C ILE A 22 4.49 4.49 2.34
N ASN A 23 4.53 4.82 3.63
CA ASN A 23 4.71 6.20 4.08
C ASN A 23 6.04 6.77 3.57
N LYS A 24 7.02 5.90 3.34
CA LYS A 24 8.34 6.33 2.86
C LYS A 24 8.29 6.74 1.39
N LEU A 25 7.43 6.10 0.62
CA LEU A 25 7.36 6.32 -0.83
C LEU A 25 7.05 7.77 -1.18
N PRO A 26 7.82 8.35 -2.11
CA PRO A 26 7.50 9.67 -2.68
C PRO A 26 6.14 9.65 -3.37
N GLY A 27 5.44 10.80 -3.38
CA GLY A 27 4.08 10.87 -3.88
C GLY A 27 3.82 10.11 -5.17
N GLU A 28 4.75 10.23 -6.12
CA GLU A 28 4.64 9.56 -7.40
C GLU A 28 4.56 8.04 -7.22
N LYS A 29 5.52 7.49 -6.51
CA LYS A 29 5.55 6.05 -6.21
C LYS A 29 4.38 5.66 -5.31
N LEU A 30 4.05 6.56 -4.41
CA LEU A 30 2.97 6.35 -3.46
C LEU A 30 1.62 6.16 -4.15
N GLY A 31 1.36 6.95 -5.19
CA GLY A 31 0.08 6.87 -5.90
C GLY A 31 -0.26 5.47 -6.35
N ARG A 32 0.76 4.68 -6.66
CA ARG A 32 0.57 3.30 -7.07
C ARG A 32 -0.11 2.49 -5.96
N VAL A 33 0.40 2.60 -4.75
CA VAL A 33 -0.07 1.80 -3.62
C VAL A 33 -1.50 2.15 -3.27
N VAL A 34 -1.76 3.45 -3.13
CA VAL A 34 -3.13 3.92 -2.86
C VAL A 34 -4.09 3.31 -3.89
N HIS A 35 -3.62 3.22 -5.13
CA HIS A 35 -4.37 2.59 -6.20
C HIS A 35 -4.49 1.07 -5.98
N ILE A 36 -3.39 0.44 -5.59
CA ILE A 36 -3.37 -1.01 -5.37
C ILE A 36 -4.41 -1.42 -4.33
N ILE A 37 -4.38 -0.78 -3.16
CA ILE A 37 -5.33 -1.14 -2.10
C ILE A 37 -6.77 -0.93 -2.57
N GLN A 38 -7.04 0.26 -3.09
CA GLN A 38 -8.37 0.62 -3.57
C GLN A 38 -8.88 -0.34 -4.65
N SER A 39 -7.98 -0.87 -5.45
CA SER A 39 -8.36 -1.79 -6.51
C SER A 39 -8.64 -3.18 -5.94
N ARG A 40 -7.77 -3.65 -5.05
CA ARG A 40 -7.88 -4.99 -4.50
C ARG A 40 -8.98 -5.08 -3.45
N GLU A 41 -9.11 -4.01 -2.67
CA GLU A 41 -10.14 -3.94 -1.65
C GLU A 41 -11.20 -2.91 -2.04
N PRO A 42 -12.18 -3.31 -2.87
CA PRO A 42 -13.20 -2.38 -3.40
C PRO A 42 -14.09 -1.77 -2.31
N SER A 43 -14.00 -2.30 -1.11
CA SER A 43 -14.80 -1.80 0.00
C SER A 43 -14.35 -0.42 0.43
N LEU A 44 -13.08 -0.10 0.18
CA LEU A 44 -12.53 1.19 0.59
C LEU A 44 -12.27 2.09 -0.61
N LYS A 45 -12.82 1.70 -1.76
CA LYS A 45 -12.63 2.51 -2.97
C LYS A 45 -13.54 3.73 -2.94
N ASN A 46 -14.34 3.81 -1.90
CA ASN A 46 -15.23 4.96 -1.71
C ASN A 46 -14.50 6.08 -0.99
N SER A 47 -13.23 5.83 -0.65
CA SER A 47 -12.41 6.82 -0.01
C SER A 47 -11.84 7.79 -1.05
N ASN A 48 -11.81 9.08 -0.73
CA ASN A 48 -11.24 10.09 -1.61
C ASN A 48 -9.78 9.74 -1.86
N PRO A 49 -9.35 9.74 -3.13
CA PRO A 49 -8.00 9.30 -3.50
C PRO A 49 -6.88 10.06 -2.79
N ASP A 50 -7.18 11.28 -2.33
CA ASP A 50 -6.18 12.05 -1.59
C ASP A 50 -6.14 11.61 -0.13
N GLU A 51 -7.29 11.22 0.41
CA GLU A 51 -7.40 10.82 1.81
C GLU A 51 -7.98 9.42 1.90
N ILE A 52 -7.20 8.44 1.47
CA ILE A 52 -7.72 7.09 1.33
C ILE A 52 -7.73 6.36 2.68
N GLU A 53 -8.73 5.53 2.87
CA GLU A 53 -8.91 4.81 4.11
C GLU A 53 -8.48 3.35 3.95
N ILE A 54 -7.35 3.00 4.55
CA ILE A 54 -6.84 1.64 4.47
C ILE A 54 -7.08 0.91 5.79
N ASP A 55 -7.60 -0.31 5.71
CA ASP A 55 -7.81 -1.10 6.92
C ASP A 55 -6.94 -2.33 6.85
N PHE A 56 -5.75 -2.23 7.43
CA PHE A 56 -4.73 -3.25 7.28
C PHE A 56 -5.12 -4.60 7.89
N GLU A 57 -6.23 -4.62 8.61
CA GLU A 57 -6.70 -5.84 9.23
C GLU A 57 -7.73 -6.57 8.36
N THR A 58 -8.09 -5.96 7.24
CA THR A 58 -9.06 -6.57 6.34
C THR A 58 -8.51 -6.74 4.93
N LEU A 59 -7.40 -6.08 4.63
CA LEU A 59 -6.77 -6.23 3.32
C LEU A 59 -6.42 -7.69 3.08
N LYS A 60 -6.70 -8.17 1.88
CA LYS A 60 -6.35 -9.54 1.51
C LYS A 60 -4.85 -9.77 1.65
N PRO A 61 -4.46 -11.01 2.00
CA PRO A 61 -3.04 -11.37 2.14
C PRO A 61 -2.24 -11.03 0.90
N SER A 62 -2.87 -11.18 -0.25
CA SER A 62 -2.24 -10.85 -1.52
C SER A 62 -2.06 -9.35 -1.66
N THR A 63 -3.04 -8.60 -1.15
CA THR A 63 -2.96 -7.15 -1.17
C THR A 63 -1.75 -6.69 -0.38
N LEU A 64 -1.59 -7.23 0.82
CA LEU A 64 -0.45 -6.92 1.66
C LEU A 64 0.86 -7.25 0.97
N ARG A 65 0.89 -8.38 0.28
CA ARG A 65 2.12 -8.85 -0.36
C ARG A 65 2.36 -8.11 -1.66
N GLU A 66 1.35 -7.41 -2.17
CA GLU A 66 1.52 -6.57 -3.34
C GLU A 66 1.95 -5.18 -2.90
N LEU A 67 1.39 -4.73 -1.78
CA LEU A 67 1.74 -3.43 -1.24
C LEU A 67 3.18 -3.45 -0.77
N GLU A 68 3.52 -4.48 0.00
CA GLU A 68 4.85 -4.62 0.57
C GLU A 68 5.89 -4.88 -0.51
N ARG A 69 5.65 -5.91 -1.34
CA ARG A 69 6.59 -6.25 -2.40
C ARG A 69 6.91 -5.05 -3.28
N TYR A 70 5.93 -4.20 -3.47
CA TYR A 70 6.10 -3.02 -4.30
C TYR A 70 6.92 -1.95 -3.58
N VAL A 71 6.56 -1.64 -2.34
CA VAL A 71 7.26 -0.60 -1.61
C VAL A 71 8.68 -1.01 -1.28
N THR A 72 8.86 -2.25 -0.87
CA THR A 72 10.19 -2.76 -0.53
C THR A 72 11.12 -2.68 -1.74
N SER A 73 10.55 -2.75 -2.94
CA SER A 73 11.32 -2.60 -4.17
C SER A 73 11.86 -1.18 -4.29
N CYS A 74 11.14 -0.23 -3.70
CA CYS A 74 11.50 1.17 -3.75
C CYS A 74 12.42 1.55 -2.58
N LEU A 75 12.04 1.14 -1.37
CA LEU A 75 12.82 1.44 -0.16
C LEU A 75 14.22 0.87 -0.25
N ARG A 76 14.35 -0.32 -0.85
CA ARG A 76 15.64 -0.98 -0.97
C ARG A 76 16.45 -0.42 -2.13
N LYS A 77 15.95 0.65 -2.72
CA LYS A 77 16.64 1.38 -3.77
C LYS A 77 16.59 2.87 -3.46
N LYS A 78 17.06 3.69 -4.37
CA LYS A 78 16.98 5.13 -4.16
C LYS A 78 15.66 5.68 -4.72
N ARG A 79 15.65 6.07 -5.99
CA ARG A 79 14.43 6.53 -6.68
C ARG A 79 13.71 7.62 -5.89
N LYS A 80 14.18 8.86 -6.00
CA LYS A 80 13.60 9.97 -5.26
C LYS A 80 13.64 11.24 -6.12
N PRO A 81 12.89 11.26 -7.23
CA PRO A 81 12.88 12.40 -8.16
C PRO A 81 12.28 13.64 -7.53
N GLN A 82 11.21 13.45 -6.78
CA GLN A 82 10.54 14.54 -6.09
C GLN A 82 10.21 14.12 -4.66
N ALA A 83 11.17 14.34 -3.78
CA ALA A 83 11.02 13.98 -2.38
C ALA A 83 11.74 15.00 -1.51
N GLU B 1 -5.84 -1.83 15.89
CA GLU B 1 -6.28 -1.43 14.53
C GLU B 1 -5.14 -0.73 13.80
N ILE B 2 -5.03 -1.00 12.50
CA ILE B 2 -3.99 -0.38 11.69
C ILE B 2 -4.63 0.27 10.47
N LYS B 3 -4.70 1.59 10.48
CA LYS B 3 -5.35 2.34 9.41
C LYS B 3 -4.37 3.32 8.79
N LEU B 4 -4.24 3.28 7.47
CA LEU B 4 -3.31 4.17 6.78
C LEU B 4 -4.07 5.18 5.93
N LYS B 5 -4.16 6.40 6.42
CA LYS B 5 -4.72 7.49 5.65
C LYS B 5 -3.65 8.12 4.77
N ILE B 6 -3.24 7.42 3.72
CA ILE B 6 -2.21 7.96 2.84
C ILE B 6 -2.74 9.23 2.19
N THR B 7 -2.03 10.34 2.36
CA THR B 7 -2.44 11.60 1.77
C THR B 7 -1.53 11.98 0.60
N LYS B 8 -2.11 12.04 -0.60
CA LYS B 8 -1.35 12.35 -1.81
C LYS B 8 -2.26 12.44 -3.03
N THR B 9 -1.68 12.28 -4.23
CA THR B 9 -2.40 12.36 -5.50
C THR B 9 -3.11 13.69 -5.67
N ILE B 10 -2.44 14.75 -5.25
CA ILE B 10 -2.97 16.10 -5.41
C ILE B 10 -2.20 16.83 -6.50
N GLN B 11 -1.09 16.24 -6.91
CA GLN B 11 -0.26 16.79 -7.97
C GLN B 11 0.14 15.70 -8.95
N ASN B 12 -0.73 14.70 -9.09
CA ASN B 12 -0.48 13.58 -9.97
C ASN B 12 -1.79 13.13 -10.62
N SER A 1 2.29 -16.55 -9.73
CA SER A 1 1.05 -15.80 -9.43
C SER A 1 0.29 -16.45 -8.27
N GLU A 2 0.18 -17.77 -8.28
CA GLU A 2 -0.60 -18.49 -7.30
C GLU A 2 -0.11 -18.26 -5.87
N GLU A 3 1.19 -18.10 -5.70
CA GLU A 3 1.75 -17.95 -4.36
C GLU A 3 1.65 -16.52 -3.84
N GLU A 4 1.53 -15.54 -4.71
CA GLU A 4 1.37 -14.16 -4.27
C GLU A 4 -0.10 -13.82 -4.07
N ASP A 5 -0.97 -14.34 -4.93
CA ASP A 5 -2.40 -14.06 -4.82
C ASP A 5 -3.05 -14.96 -3.78
N LYS A 6 -2.35 -16.02 -3.38
CA LYS A 6 -2.85 -16.92 -2.36
C LYS A 6 -1.81 -17.05 -1.25
N CYS A 7 -1.12 -15.96 -1.01
CA CYS A 7 -0.08 -15.91 0.00
C CYS A 7 -0.69 -15.93 1.40
N LYS A 8 0.16 -16.15 2.39
CA LYS A 8 -0.27 -16.20 3.78
C LYS A 8 -0.19 -14.82 4.41
N PRO A 9 -1.13 -14.50 5.31
CA PRO A 9 -1.17 -13.19 5.98
C PRO A 9 0.08 -12.91 6.79
N MET A 10 0.58 -11.69 6.65
CA MET A 10 1.73 -11.26 7.42
C MET A 10 1.28 -10.81 8.82
N SER A 11 2.21 -10.89 9.76
CA SER A 11 1.92 -10.61 11.16
C SER A 11 1.63 -9.13 11.42
N TYR A 12 1.32 -8.81 12.68
CA TYR A 12 0.97 -7.45 13.08
C TYR A 12 2.16 -6.52 12.84
N GLU A 13 3.35 -7.00 13.16
CA GLU A 13 4.58 -6.24 12.97
C GLU A 13 4.76 -5.84 11.51
N GLU A 14 4.44 -6.79 10.63
CA GLU A 14 4.62 -6.61 9.20
C GLU A 14 3.57 -5.66 8.63
N LYS A 15 2.32 -5.89 8.99
CA LYS A 15 1.22 -5.01 8.58
C LYS A 15 1.48 -3.58 9.02
N ARG A 16 1.92 -3.42 10.26
CA ARG A 16 2.29 -2.11 10.78
C ARG A 16 3.44 -1.51 9.98
N GLN A 17 4.46 -2.32 9.73
CA GLN A 17 5.65 -1.88 9.03
C GLN A 17 5.34 -1.54 7.59
N LEU A 18 4.30 -2.17 7.05
CA LEU A 18 3.86 -1.92 5.68
C LEU A 18 3.19 -0.56 5.59
N SER A 19 2.44 -0.23 6.62
CA SER A 19 1.86 1.10 6.72
C SER A 19 2.98 2.13 6.77
N LEU A 20 4.10 1.72 7.36
CA LEU A 20 5.26 2.56 7.52
C LEU A 20 6.11 2.62 6.25
N ASP A 21 6.14 1.53 5.49
CA ASP A 21 6.97 1.45 4.29
C ASP A 21 6.33 2.19 3.12
N ILE A 22 5.00 2.21 3.06
CA ILE A 22 4.29 3.00 2.06
C ILE A 22 4.37 4.47 2.39
N ASN A 23 4.38 4.76 3.69
CA ASN A 23 4.57 6.11 4.20
C ASN A 23 5.91 6.67 3.71
N LYS A 24 6.83 5.78 3.36
CA LYS A 24 8.17 6.16 2.93
C LYS A 24 8.21 6.55 1.45
N LEU A 25 7.33 5.96 0.66
CA LEU A 25 7.31 6.20 -0.77
C LEU A 25 6.98 7.66 -1.10
N PRO A 26 7.80 8.30 -1.96
CA PRO A 26 7.49 9.63 -2.50
C PRO A 26 6.17 9.62 -3.28
N GLY A 27 5.49 10.77 -3.32
CA GLY A 27 4.16 10.88 -3.90
C GLY A 27 3.96 10.12 -5.20
N GLU A 28 4.91 10.24 -6.13
CA GLU A 28 4.82 9.53 -7.41
C GLU A 28 4.66 8.02 -7.19
N LYS A 29 5.59 7.46 -6.43
CA LYS A 29 5.62 6.04 -6.14
C LYS A 29 4.45 5.65 -5.24
N LEU A 30 4.10 6.57 -4.37
CA LEU A 30 3.01 6.38 -3.42
C LEU A 30 1.67 6.20 -4.11
N GLY A 31 1.41 7.00 -5.15
CA GLY A 31 0.12 6.95 -5.84
C GLY A 31 -0.24 5.56 -6.34
N ARG A 32 0.77 4.73 -6.60
CA ARG A 32 0.54 3.36 -7.03
C ARG A 32 -0.12 2.55 -5.92
N VAL A 33 0.42 2.63 -4.71
CA VAL A 33 -0.06 1.82 -3.60
C VAL A 33 -1.49 2.17 -3.23
N VAL A 34 -1.75 3.46 -3.09
CA VAL A 34 -3.11 3.94 -2.84
C VAL A 34 -4.07 3.34 -3.87
N HIS A 35 -3.58 3.26 -5.09
CA HIS A 35 -4.33 2.69 -6.20
C HIS A 35 -4.47 1.17 -6.04
N ILE A 36 -3.38 0.51 -5.64
CA ILE A 36 -3.38 -0.95 -5.45
C ILE A 36 -4.44 -1.38 -4.43
N ILE A 37 -4.41 -0.77 -3.24
CA ILE A 37 -5.34 -1.16 -2.18
C ILE A 37 -6.79 -0.93 -2.61
N GLN A 38 -7.05 0.28 -3.09
CA GLN A 38 -8.39 0.65 -3.57
C GLN A 38 -8.88 -0.32 -4.66
N SER A 39 -7.96 -0.80 -5.47
CA SER A 39 -8.30 -1.69 -6.57
C SER A 39 -8.53 -3.12 -6.08
N ARG A 40 -7.76 -3.57 -5.10
CA ARG A 40 -7.88 -4.94 -4.61
C ARG A 40 -9.00 -5.05 -3.57
N GLU A 41 -9.14 -4.03 -2.75
CA GLU A 41 -10.15 -4.03 -1.70
C GLU A 41 -11.34 -3.15 -2.08
N PRO A 42 -12.45 -3.76 -2.56
CA PRO A 42 -13.66 -3.03 -2.94
C PRO A 42 -14.40 -2.44 -1.73
N SER A 43 -13.83 -2.64 -0.55
CA SER A 43 -14.46 -2.16 0.68
C SER A 43 -13.97 -0.76 1.06
N LEU A 44 -13.02 -0.22 0.30
CA LEU A 44 -12.50 1.12 0.61
C LEU A 44 -12.28 1.97 -0.63
N LYS A 45 -12.88 1.56 -1.76
CA LYS A 45 -12.72 2.32 -2.99
C LYS A 45 -13.54 3.61 -2.95
N ASN A 46 -14.32 3.77 -1.91
CA ASN A 46 -15.13 4.96 -1.71
C ASN A 46 -14.31 6.06 -1.04
N SER A 47 -13.12 5.68 -0.59
CA SER A 47 -12.23 6.63 0.08
C SER A 47 -11.67 7.61 -0.94
N ASN A 48 -11.71 8.90 -0.62
CA ASN A 48 -11.16 9.93 -1.51
C ASN A 48 -9.70 9.62 -1.78
N PRO A 49 -9.28 9.63 -3.05
CA PRO A 49 -7.94 9.22 -3.45
C PRO A 49 -6.86 10.03 -2.77
N ASP A 50 -7.19 11.24 -2.34
CA ASP A 50 -6.24 12.10 -1.66
C ASP A 50 -6.13 11.74 -0.18
N GLU A 51 -7.21 11.20 0.37
CA GLU A 51 -7.29 10.89 1.80
C GLU A 51 -7.83 9.49 1.99
N ILE A 52 -7.16 8.52 1.39
CA ILE A 52 -7.67 7.17 1.34
C ILE A 52 -7.63 6.52 2.73
N GLU A 53 -8.49 5.53 2.93
CA GLU A 53 -8.51 4.82 4.19
C GLU A 53 -8.13 3.36 3.96
N ILE A 54 -7.04 2.94 4.57
CA ILE A 54 -6.59 1.56 4.44
C ILE A 54 -6.83 0.83 5.74
N ASP A 55 -7.39 -0.37 5.67
CA ASP A 55 -7.66 -1.15 6.86
C ASP A 55 -6.81 -2.40 6.84
N PHE A 56 -5.61 -2.29 7.40
CA PHE A 56 -4.59 -3.31 7.25
C PHE A 56 -4.97 -4.65 7.87
N GLU A 57 -6.08 -4.68 8.60
CA GLU A 57 -6.52 -5.90 9.22
C GLU A 57 -7.48 -6.66 8.31
N THR A 58 -7.98 -5.99 7.30
CA THR A 58 -9.00 -6.56 6.42
C THR A 58 -8.53 -6.66 4.98
N LEU A 59 -7.32 -6.18 4.70
CA LEU A 59 -6.74 -6.33 3.35
C LEU A 59 -6.43 -7.79 3.11
N LYS A 60 -6.63 -8.23 1.87
CA LYS A 60 -6.27 -9.59 1.47
C LYS A 60 -4.77 -9.79 1.64
N PRO A 61 -4.34 -11.02 1.99
CA PRO A 61 -2.93 -11.36 2.14
C PRO A 61 -2.15 -11.08 0.86
N SER A 62 -2.84 -11.16 -0.27
CA SER A 62 -2.26 -10.89 -1.56
C SER A 62 -2.04 -9.39 -1.74
N THR A 63 -3.02 -8.62 -1.28
CA THR A 63 -2.92 -7.17 -1.31
C THR A 63 -1.70 -6.73 -0.51
N LEU A 64 -1.58 -7.24 0.71
CA LEU A 64 -0.45 -6.91 1.57
C LEU A 64 0.88 -7.23 0.90
N ARG A 65 0.96 -8.36 0.24
CA ARG A 65 2.21 -8.78 -0.37
C ARG A 65 2.46 -8.03 -1.67
N GLU A 66 1.41 -7.44 -2.24
CA GLU A 66 1.55 -6.62 -3.42
C GLU A 66 2.02 -5.24 -3.00
N LEU A 67 1.49 -4.78 -1.87
CA LEU A 67 1.84 -3.49 -1.32
C LEU A 67 3.29 -3.53 -0.87
N GLU A 68 3.60 -4.54 -0.05
CA GLU A 68 4.92 -4.70 0.54
C GLU A 68 5.98 -4.91 -0.54
N ARG A 69 5.75 -5.89 -1.42
CA ARG A 69 6.73 -6.18 -2.48
C ARG A 69 7.02 -4.94 -3.31
N TYR A 70 6.00 -4.16 -3.56
CA TYR A 70 6.14 -2.98 -4.41
C TYR A 70 6.93 -1.90 -3.69
N VAL A 71 6.64 -1.67 -2.43
CA VAL A 71 7.31 -0.63 -1.68
C VAL A 71 8.75 -1.02 -1.38
N THR A 72 8.96 -2.27 -0.95
CA THR A 72 10.29 -2.76 -0.64
C THR A 72 11.18 -2.69 -1.87
N SER A 73 10.58 -2.83 -3.06
CA SER A 73 11.30 -2.68 -4.31
C SER A 73 11.80 -1.24 -4.45
N CYS A 74 11.07 -0.31 -3.87
CA CYS A 74 11.38 1.11 -3.96
C CYS A 74 12.31 1.56 -2.84
N LEU A 75 11.96 1.22 -1.60
CA LEU A 75 12.78 1.54 -0.43
C LEU A 75 14.21 1.05 -0.61
N ARG A 76 14.37 -0.07 -1.30
CA ARG A 76 15.68 -0.70 -1.45
C ARG A 76 16.30 -0.39 -2.81
N LYS A 77 15.67 0.50 -3.56
CA LYS A 77 16.20 0.94 -4.85
C LYS A 77 15.94 2.44 -5.04
N LYS A 78 16.99 3.25 -4.94
CA LYS A 78 16.80 4.68 -5.04
C LYS A 78 16.70 5.14 -6.48
N ARG A 79 15.68 5.92 -6.74
CA ARG A 79 15.42 6.48 -8.05
C ARG A 79 14.61 7.75 -7.87
N LYS A 80 15.23 8.88 -8.20
CA LYS A 80 14.58 10.19 -8.09
C LYS A 80 13.16 10.16 -8.67
N PRO A 81 12.10 10.36 -7.84
CA PRO A 81 10.72 10.45 -8.34
C PRO A 81 10.50 11.69 -9.20
N GLN A 82 11.01 11.65 -10.41
CA GLN A 82 10.93 12.77 -11.34
C GLN A 82 9.58 12.77 -12.04
N ALA A 83 8.56 13.23 -11.34
CA ALA A 83 7.22 13.37 -11.90
C ALA A 83 6.59 14.67 -11.44
N GLU B 1 -5.53 -3.51 14.70
CA GLU B 1 -6.08 -2.18 14.37
C GLU B 1 -5.00 -1.29 13.73
N ILE B 2 -4.79 -1.49 12.43
CA ILE B 2 -3.79 -0.73 11.69
C ILE B 2 -4.43 -0.07 10.47
N LYS B 3 -4.25 1.23 10.34
CA LYS B 3 -4.81 1.95 9.21
C LYS B 3 -3.71 2.73 8.49
N LEU B 4 -4.10 3.48 7.46
CA LEU B 4 -3.16 4.32 6.74
C LEU B 4 -3.92 5.30 5.85
N LYS B 5 -4.07 6.53 6.33
CA LYS B 5 -4.66 7.58 5.51
C LYS B 5 -3.59 8.23 4.65
N ILE B 6 -3.17 7.54 3.60
CA ILE B 6 -2.15 8.10 2.73
C ILE B 6 -2.71 9.34 2.04
N THR B 7 -2.00 10.45 2.18
CA THR B 7 -2.42 11.69 1.54
C THR B 7 -1.51 12.04 0.38
N LYS B 8 -2.08 12.03 -0.84
CA LYS B 8 -1.31 12.31 -2.05
C LYS B 8 -2.23 12.32 -3.28
N THR B 9 -1.66 11.98 -4.44
CA THR B 9 -2.37 11.95 -5.73
C THR B 9 -2.93 13.32 -6.08
N ILE B 10 -2.05 14.31 -6.07
CA ILE B 10 -2.41 15.68 -6.42
C ILE B 10 -2.64 15.79 -7.92
N GLN B 11 -3.65 16.56 -8.29
CA GLN B 11 -3.99 16.75 -9.69
C GLN B 11 -3.94 18.23 -10.06
N ASN B 12 -2.77 18.82 -9.89
CA ASN B 12 -2.54 20.24 -10.16
C ASN B 12 -3.44 21.08 -9.27
N SER A 1 3.31 -15.89 -10.27
CA SER A 1 2.11 -15.07 -10.52
C SER A 1 0.93 -15.53 -9.68
N GLU A 2 0.94 -16.80 -9.28
CA GLU A 2 -0.19 -17.36 -8.54
C GLU A 2 0.06 -17.39 -7.04
N GLU A 3 1.31 -17.65 -6.64
CA GLU A 3 1.66 -17.76 -5.23
C GLU A 3 1.40 -16.45 -4.48
N GLU A 4 1.48 -15.34 -5.18
CA GLU A 4 1.25 -14.03 -4.58
C GLU A 4 -0.24 -13.82 -4.27
N ASP A 5 -1.10 -14.45 -5.08
CA ASP A 5 -2.55 -14.35 -4.85
C ASP A 5 -3.03 -15.44 -3.91
N LYS A 6 -2.18 -16.44 -3.67
CA LYS A 6 -2.50 -17.53 -2.76
C LYS A 6 -1.54 -17.49 -1.58
N CYS A 7 -1.16 -16.28 -1.19
CA CYS A 7 -0.16 -16.07 -0.17
C CYS A 7 -0.78 -16.04 1.23
N LYS A 8 0.03 -16.39 2.21
CA LYS A 8 -0.41 -16.38 3.60
C LYS A 8 -0.27 -14.98 4.18
N PRO A 9 -1.11 -14.63 5.19
CA PRO A 9 -1.08 -13.31 5.81
C PRO A 9 0.23 -13.03 6.53
N MET A 10 0.60 -11.76 6.57
CA MET A 10 1.77 -11.33 7.30
C MET A 10 1.38 -10.94 8.72
N SER A 11 2.36 -10.94 9.62
CA SER A 11 2.11 -10.67 11.03
C SER A 11 1.76 -9.21 11.29
N TYR A 12 1.35 -8.89 12.51
CA TYR A 12 0.98 -7.53 12.88
C TYR A 12 2.14 -6.58 12.64
N GLU A 13 3.34 -7.02 13.01
CA GLU A 13 4.56 -6.23 12.83
C GLU A 13 4.72 -5.83 11.37
N GLU A 14 4.44 -6.78 10.48
CA GLU A 14 4.63 -6.57 9.05
C GLU A 14 3.57 -5.65 8.49
N LYS A 15 2.31 -5.88 8.87
CA LYS A 15 1.21 -5.01 8.47
C LYS A 15 1.46 -3.57 8.92
N ARG A 16 1.91 -3.43 10.15
CA ARG A 16 2.25 -2.12 10.70
C ARG A 16 3.39 -1.49 9.92
N GLN A 17 4.44 -2.27 9.70
CA GLN A 17 5.62 -1.79 9.01
C GLN A 17 5.31 -1.48 7.55
N LEU A 18 4.26 -2.09 7.04
CA LEU A 18 3.82 -1.87 5.67
C LEU A 18 3.16 -0.50 5.57
N SER A 19 2.39 -0.16 6.58
CA SER A 19 1.86 1.19 6.69
C SER A 19 3.01 2.20 6.74
N LEU A 20 4.10 1.78 7.36
CA LEU A 20 5.26 2.63 7.51
C LEU A 20 6.11 2.65 6.24
N ASP A 21 6.13 1.56 5.49
CA ASP A 21 6.96 1.46 4.30
C ASP A 21 6.32 2.17 3.10
N ILE A 22 5.00 2.22 3.06
CA ILE A 22 4.29 2.99 2.03
C ILE A 22 4.39 4.47 2.34
N ASN A 23 4.39 4.79 3.63
CA ASN A 23 4.58 6.16 4.09
C ASN A 23 5.92 6.71 3.61
N LYS A 24 6.89 5.81 3.40
CA LYS A 24 8.22 6.18 2.96
C LYS A 24 8.24 6.58 1.48
N LEU A 25 7.37 5.95 0.70
CA LEU A 25 7.32 6.17 -0.74
C LEU A 25 7.00 7.62 -1.09
N PRO A 26 7.79 8.19 -2.02
CA PRO A 26 7.51 9.52 -2.59
C PRO A 26 6.18 9.54 -3.35
N GLY A 27 5.53 10.70 -3.41
CA GLY A 27 4.21 10.81 -4.00
C GLY A 27 4.03 10.04 -5.29
N GLU A 28 5.01 10.13 -6.18
CA GLU A 28 4.98 9.42 -7.46
C GLU A 28 4.77 7.91 -7.23
N LYS A 29 5.70 7.32 -6.49
CA LYS A 29 5.65 5.90 -6.18
C LYS A 29 4.45 5.57 -5.31
N LEU A 30 4.12 6.50 -4.44
CA LEU A 30 3.02 6.34 -3.50
C LEU A 30 1.69 6.16 -4.21
N GLY A 31 1.46 6.91 -5.29
CA GLY A 31 0.20 6.83 -6.00
C GLY A 31 -0.16 5.42 -6.46
N ARG A 32 0.87 4.60 -6.70
CA ARG A 32 0.65 3.22 -7.09
C ARG A 32 -0.04 2.45 -5.97
N VAL A 33 0.45 2.61 -4.75
CA VAL A 33 -0.04 1.82 -3.63
C VAL A 33 -1.46 2.20 -3.26
N VAL A 34 -1.72 3.51 -3.14
CA VAL A 34 -3.09 3.99 -2.91
C VAL A 34 -4.02 3.38 -3.94
N HIS A 35 -3.53 3.29 -5.17
CA HIS A 35 -4.27 2.68 -6.25
C HIS A 35 -4.42 1.17 -6.04
N ILE A 36 -3.32 0.50 -5.68
CA ILE A 36 -3.34 -0.95 -5.48
C ILE A 36 -4.41 -1.34 -4.48
N ILE A 37 -4.35 -0.75 -3.28
CA ILE A 37 -5.28 -1.10 -2.23
C ILE A 37 -6.72 -0.86 -2.66
N GLN A 38 -6.97 0.32 -3.21
CA GLN A 38 -8.31 0.69 -3.66
C GLN A 38 -8.83 -0.26 -4.75
N SER A 39 -7.94 -0.70 -5.64
CA SER A 39 -8.30 -1.58 -6.71
C SER A 39 -8.52 -3.02 -6.22
N ARG A 40 -7.71 -3.47 -5.25
CA ARG A 40 -7.83 -4.83 -4.73
C ARG A 40 -8.93 -4.92 -3.69
N GLU A 41 -9.05 -3.89 -2.85
CA GLU A 41 -10.04 -3.89 -1.79
C GLU A 41 -11.17 -2.91 -2.12
N PRO A 42 -12.26 -3.40 -2.74
CA PRO A 42 -13.42 -2.56 -3.07
C PRO A 42 -14.10 -1.97 -1.84
N SER A 43 -13.81 -2.54 -0.68
CA SER A 43 -14.41 -2.13 0.57
C SER A 43 -13.99 -0.72 0.98
N LEU A 44 -12.90 -0.23 0.39
CA LEU A 44 -12.38 1.08 0.75
C LEU A 44 -12.22 1.96 -0.47
N LYS A 45 -12.78 1.54 -1.60
CA LYS A 45 -12.68 2.32 -2.84
C LYS A 45 -13.59 3.54 -2.76
N ASN A 46 -14.44 3.58 -1.75
CA ASN A 46 -15.32 4.70 -1.50
C ASN A 46 -14.60 5.80 -0.74
N SER A 47 -13.33 5.57 -0.45
CA SER A 47 -12.49 6.59 0.16
C SER A 47 -11.98 7.52 -0.92
N ASN A 48 -12.01 8.83 -0.67
CA ASN A 48 -11.51 9.80 -1.63
C ASN A 48 -10.05 9.48 -1.93
N PRO A 49 -9.69 9.39 -3.22
CA PRO A 49 -8.34 8.98 -3.63
C PRO A 49 -7.24 9.92 -3.12
N ASP A 50 -7.63 11.04 -2.54
CA ASP A 50 -6.65 11.97 -1.97
C ASP A 50 -6.49 11.74 -0.47
N GLU A 51 -7.56 11.27 0.15
CA GLU A 51 -7.62 11.06 1.60
C GLU A 51 -8.07 9.63 1.86
N ILE A 52 -7.27 8.67 1.44
CA ILE A 52 -7.72 7.29 1.36
C ILE A 52 -7.68 6.60 2.72
N GLU A 53 -8.65 5.72 2.93
CA GLU A 53 -8.82 5.02 4.19
C GLU A 53 -8.43 3.55 4.03
N ILE A 54 -7.32 3.15 4.63
CA ILE A 54 -6.85 1.78 4.52
C ILE A 54 -7.03 1.05 5.85
N ASP A 55 -7.56 -0.17 5.80
CA ASP A 55 -7.75 -0.94 7.02
C ASP A 55 -6.92 -2.20 6.94
N PHE A 56 -5.70 -2.12 7.45
CA PHE A 56 -4.69 -3.16 7.23
C PHE A 56 -5.09 -4.52 7.80
N GLU A 57 -6.08 -4.53 8.68
CA GLU A 57 -6.52 -5.79 9.28
C GLU A 57 -7.56 -6.49 8.42
N THR A 58 -7.99 -5.86 7.35
CA THR A 58 -9.01 -6.45 6.48
C THR A 58 -8.53 -6.61 5.05
N LEU A 59 -7.39 -6.02 4.72
CA LEU A 59 -6.82 -6.17 3.37
C LEU A 59 -6.49 -7.64 3.14
N LYS A 60 -6.70 -8.11 1.92
CA LYS A 60 -6.37 -9.47 1.56
C LYS A 60 -4.86 -9.71 1.66
N PRO A 61 -4.45 -10.93 2.05
CA PRO A 61 -3.03 -11.29 2.14
C PRO A 61 -2.27 -10.98 0.84
N SER A 62 -2.95 -11.17 -0.27
CA SER A 62 -2.38 -10.91 -1.58
C SER A 62 -2.16 -9.41 -1.78
N THR A 63 -3.08 -8.60 -1.24
CA THR A 63 -2.96 -7.16 -1.28
C THR A 63 -1.72 -6.73 -0.50
N LEU A 64 -1.59 -7.23 0.72
CA LEU A 64 -0.47 -6.92 1.59
C LEU A 64 0.86 -7.29 0.91
N ARG A 65 0.90 -8.43 0.26
CA ARG A 65 2.13 -8.92 -0.35
C ARG A 65 2.41 -8.19 -1.66
N GLU A 66 1.41 -7.50 -2.18
CA GLU A 66 1.59 -6.67 -3.35
C GLU A 66 2.06 -5.29 -2.92
N LEU A 67 1.52 -4.81 -1.81
CA LEU A 67 1.88 -3.52 -1.26
C LEU A 67 3.32 -3.59 -0.78
N GLU A 68 3.59 -4.59 0.05
CA GLU A 68 4.90 -4.78 0.66
C GLU A 68 5.97 -5.04 -0.41
N ARG A 69 5.74 -6.04 -1.27
CA ARG A 69 6.70 -6.38 -2.32
C ARG A 69 7.01 -5.18 -3.20
N TYR A 70 6.02 -4.35 -3.42
CA TYR A 70 6.19 -3.19 -4.29
C TYR A 70 7.01 -2.09 -3.60
N VAL A 71 6.67 -1.78 -2.36
CA VAL A 71 7.35 -0.71 -1.66
C VAL A 71 8.80 -1.08 -1.35
N THR A 72 9.01 -2.32 -0.92
CA THR A 72 10.35 -2.79 -0.59
C THR A 72 11.27 -2.71 -1.81
N SER A 73 10.67 -2.77 -3.01
CA SER A 73 11.43 -2.61 -4.25
C SER A 73 11.92 -1.16 -4.37
N CYS A 74 11.17 -0.24 -3.79
CA CYS A 74 11.49 1.18 -3.87
C CYS A 74 12.41 1.60 -2.73
N LEU A 75 12.04 1.24 -1.51
CA LEU A 75 12.84 1.57 -0.31
C LEU A 75 14.27 1.07 -0.46
N ARG A 76 14.44 -0.09 -1.09
CA ARG A 76 15.74 -0.71 -1.21
C ARG A 76 16.40 -0.41 -2.55
N LYS A 77 15.92 0.64 -3.22
CA LYS A 77 16.51 1.09 -4.47
C LYS A 77 16.63 2.61 -4.49
N LYS A 78 17.27 3.14 -5.51
CA LYS A 78 17.39 4.57 -5.67
C LYS A 78 16.58 5.04 -6.86
N ARG A 79 15.28 5.15 -6.68
CA ARG A 79 14.41 5.62 -7.75
C ARG A 79 13.28 6.46 -7.16
N LYS A 80 13.64 7.67 -6.76
CA LYS A 80 12.69 8.61 -6.18
C LYS A 80 13.06 10.06 -6.53
N PRO A 81 13.07 10.40 -7.84
CA PRO A 81 13.42 11.76 -8.29
C PRO A 81 12.25 12.74 -8.18
N GLN A 82 11.10 12.25 -7.75
CA GLN A 82 9.91 13.07 -7.64
C GLN A 82 9.16 12.75 -6.35
N ALA A 83 9.20 13.69 -5.41
CA ALA A 83 8.55 13.51 -4.12
C ALA A 83 7.76 14.74 -3.73
N GLU B 1 -5.44 -1.90 15.89
CA GLU B 1 -5.89 -1.60 14.52
C GLU B 1 -4.85 -0.79 13.78
N ILE B 2 -4.73 -1.03 12.48
CA ILE B 2 -3.76 -0.32 11.65
C ILE B 2 -4.48 0.37 10.50
N LYS B 3 -4.46 1.69 10.51
CA LYS B 3 -5.14 2.49 9.50
C LYS B 3 -4.16 3.42 8.79
N LEU B 4 -4.08 3.30 7.48
CA LEU B 4 -3.16 4.13 6.72
C LEU B 4 -3.92 5.19 5.93
N LYS B 5 -3.93 6.40 6.45
CA LYS B 5 -4.47 7.53 5.72
C LYS B 5 -3.39 8.14 4.84
N ILE B 6 -3.14 7.55 3.68
CA ILE B 6 -2.12 8.09 2.81
C ILE B 6 -2.63 9.39 2.19
N THR B 7 -2.13 10.51 2.68
CA THR B 7 -2.44 11.80 2.10
C THR B 7 -1.42 12.13 1.02
N LYS B 8 -1.86 12.12 -0.23
CA LYS B 8 -0.96 12.32 -1.36
C LYS B 8 -1.75 12.76 -2.59
N THR B 9 -1.22 12.44 -3.77
CA THR B 9 -1.85 12.75 -5.07
C THR B 9 -2.17 14.24 -5.20
N ILE B 10 -1.11 15.03 -5.29
CA ILE B 10 -1.25 16.48 -5.43
C ILE B 10 -0.54 16.97 -6.69
N GLN B 11 -0.24 16.05 -7.61
CA GLN B 11 0.54 16.39 -8.79
C GLN B 11 -0.24 16.11 -10.07
N ASN B 12 -1.54 15.90 -9.95
CA ASN B 12 -2.38 15.60 -11.09
C ASN B 12 -3.75 16.24 -10.92
N SER A 1 1.58 -18.26 -10.22
CA SER A 1 1.66 -19.48 -9.39
C SER A 1 0.68 -19.39 -8.20
N GLU A 2 0.86 -20.24 -7.19
CA GLU A 2 -0.11 -20.32 -6.11
C GLU A 2 0.17 -19.30 -5.00
N GLU A 3 1.43 -19.17 -4.59
CA GLU A 3 1.76 -18.38 -3.40
C GLU A 3 1.54 -16.88 -3.59
N GLU A 4 1.28 -16.45 -4.81
CA GLU A 4 0.99 -15.04 -5.06
C GLU A 4 -0.48 -14.74 -4.78
N ASP A 5 -1.36 -15.68 -5.14
CA ASP A 5 -2.78 -15.52 -4.89
C ASP A 5 -3.17 -16.09 -3.52
N LYS A 6 -2.39 -17.03 -3.05
CA LYS A 6 -2.72 -17.75 -1.83
C LYS A 6 -1.70 -17.45 -0.75
N CYS A 7 -1.14 -16.25 -0.81
CA CYS A 7 -0.11 -15.82 0.14
C CYS A 7 -0.67 -15.82 1.56
N LYS A 8 0.20 -16.03 2.52
CA LYS A 8 -0.19 -16.12 3.91
C LYS A 8 -0.17 -14.75 4.56
N PRO A 9 -1.14 -14.47 5.45
CA PRO A 9 -1.24 -13.20 6.15
C PRO A 9 0.03 -12.84 6.91
N MET A 10 0.57 -11.66 6.63
CA MET A 10 1.73 -11.18 7.36
C MET A 10 1.32 -10.74 8.75
N SER A 11 2.24 -10.84 9.68
CA SER A 11 1.98 -10.54 11.08
C SER A 11 1.64 -9.07 11.31
N TYR A 12 1.11 -8.75 12.49
CA TYR A 12 0.77 -7.37 12.86
C TYR A 12 2.01 -6.48 12.72
N GLU A 13 3.16 -7.03 13.13
CA GLU A 13 4.43 -6.33 13.04
C GLU A 13 4.71 -5.88 11.61
N GLU A 14 4.35 -6.75 10.66
CA GLU A 14 4.63 -6.49 9.26
C GLU A 14 3.59 -5.54 8.66
N LYS A 15 2.33 -5.76 9.01
CA LYS A 15 1.26 -4.87 8.56
C LYS A 15 1.52 -3.44 9.01
N ARG A 16 1.99 -3.31 10.24
CA ARG A 16 2.36 -2.00 10.79
C ARG A 16 3.52 -1.40 9.98
N GLN A 17 4.53 -2.22 9.71
CA GLN A 17 5.71 -1.77 8.99
C GLN A 17 5.37 -1.44 7.54
N LEU A 18 4.38 -2.14 7.00
CA LEU A 18 3.91 -1.91 5.64
C LEU A 18 3.25 -0.54 5.55
N SER A 19 2.51 -0.18 6.58
CA SER A 19 1.97 1.16 6.67
C SER A 19 3.10 2.18 6.69
N LEU A 20 4.20 1.79 7.32
CA LEU A 20 5.36 2.66 7.44
C LEU A 20 6.18 2.70 6.16
N ASP A 21 6.21 1.58 5.43
CA ASP A 21 7.03 1.49 4.21
C ASP A 21 6.36 2.23 3.04
N ILE A 22 5.04 2.24 2.99
CA ILE A 22 4.32 2.99 1.98
C ILE A 22 4.41 4.49 2.28
N ASN A 23 4.41 4.81 3.55
CA ASN A 23 4.57 6.18 4.00
C ASN A 23 5.94 6.74 3.57
N LYS A 24 6.88 5.83 3.28
CA LYS A 24 8.23 6.20 2.87
C LYS A 24 8.26 6.57 1.39
N LEU A 25 7.36 6.00 0.60
CA LEU A 25 7.32 6.25 -0.84
C LEU A 25 6.95 7.70 -1.15
N PRO A 26 7.75 8.37 -2.00
CA PRO A 26 7.42 9.71 -2.52
C PRO A 26 6.07 9.70 -3.25
N GLY A 27 5.40 10.85 -3.27
CA GLY A 27 4.04 10.95 -3.80
C GLY A 27 3.81 10.19 -5.10
N GLU A 28 4.76 10.29 -6.03
CA GLU A 28 4.64 9.59 -7.31
C GLU A 28 4.57 8.08 -7.11
N LYS A 29 5.59 7.53 -6.45
CA LYS A 29 5.65 6.11 -6.14
C LYS A 29 4.48 5.68 -5.26
N LEU A 30 4.12 6.58 -4.37
CA LEU A 30 3.03 6.37 -3.41
C LEU A 30 1.70 6.15 -4.13
N GLY A 31 1.43 6.94 -5.16
CA GLY A 31 0.16 6.85 -5.87
C GLY A 31 -0.15 5.45 -6.35
N ARG A 32 0.90 4.67 -6.62
CA ARG A 32 0.73 3.28 -7.04
C ARG A 32 0.06 2.46 -5.95
N VAL A 33 0.53 2.59 -4.71
CA VAL A 33 0.04 1.76 -3.60
C VAL A 33 -1.39 2.11 -3.25
N VAL A 34 -1.66 3.40 -3.09
CA VAL A 34 -3.03 3.87 -2.86
C VAL A 34 -3.95 3.28 -3.92
N HIS A 35 -3.44 3.21 -5.14
CA HIS A 35 -4.16 2.61 -6.25
C HIS A 35 -4.28 1.10 -6.09
N ILE A 36 -3.18 0.44 -5.70
CA ILE A 36 -3.17 -1.02 -5.53
C ILE A 36 -4.25 -1.46 -4.56
N ILE A 37 -4.28 -0.85 -3.38
CA ILE A 37 -5.25 -1.23 -2.37
C ILE A 37 -6.67 -1.00 -2.87
N GLN A 38 -6.95 0.21 -3.34
CA GLN A 38 -8.28 0.56 -3.84
C GLN A 38 -8.71 -0.34 -4.99
N SER A 39 -7.73 -0.79 -5.77
CA SER A 39 -8.02 -1.65 -6.91
C SER A 39 -8.29 -3.09 -6.47
N ARG A 40 -7.65 -3.53 -5.40
CA ARG A 40 -7.81 -4.91 -4.96
C ARG A 40 -8.99 -5.02 -4.01
N GLU A 41 -9.17 -3.97 -3.23
CA GLU A 41 -10.19 -3.95 -2.21
C GLU A 41 -11.26 -2.90 -2.51
N PRO A 42 -12.30 -3.28 -3.27
CA PRO A 42 -13.38 -2.37 -3.66
C PRO A 42 -14.17 -1.81 -2.47
N SER A 43 -14.01 -2.43 -1.30
CA SER A 43 -14.72 -2.02 -0.10
C SER A 43 -14.25 -0.65 0.39
N LEU A 44 -13.02 -0.29 0.04
CA LEU A 44 -12.44 0.96 0.51
C LEU A 44 -12.24 1.94 -0.65
N LYS A 45 -12.87 1.65 -1.78
CA LYS A 45 -12.74 2.49 -2.95
C LYS A 45 -13.65 3.73 -2.85
N ASN A 46 -14.39 3.85 -1.75
CA ASN A 46 -15.23 5.02 -1.51
C ASN A 46 -14.41 6.10 -0.84
N SER A 47 -13.20 5.73 -0.43
CA SER A 47 -12.30 6.65 0.22
C SER A 47 -11.72 7.62 -0.80
N ASN A 48 -11.78 8.93 -0.49
CA ASN A 48 -11.24 9.94 -1.39
C ASN A 48 -9.77 9.65 -1.63
N PRO A 49 -9.34 9.64 -2.91
CA PRO A 49 -7.98 9.25 -3.28
C PRO A 49 -6.89 10.08 -2.61
N ASP A 50 -7.23 11.26 -2.11
CA ASP A 50 -6.27 12.09 -1.41
C ASP A 50 -6.16 11.68 0.06
N GLU A 51 -7.26 11.23 0.63
CA GLU A 51 -7.33 10.85 2.04
C GLU A 51 -7.87 9.44 2.16
N ILE A 52 -7.12 8.46 1.67
CA ILE A 52 -7.64 7.11 1.56
C ILE A 52 -7.61 6.40 2.91
N GLU A 53 -8.63 5.59 3.15
CA GLU A 53 -8.80 4.88 4.40
C GLU A 53 -8.53 3.39 4.17
N ILE A 54 -7.41 2.90 4.67
CA ILE A 54 -7.02 1.50 4.43
C ILE A 54 -7.30 0.64 5.67
N ASP A 55 -7.99 -0.47 5.47
CA ASP A 55 -8.32 -1.37 6.55
C ASP A 55 -7.31 -2.50 6.60
N PHE A 56 -6.11 -2.17 7.09
CA PHE A 56 -4.96 -3.08 7.01
C PHE A 56 -5.22 -4.44 7.66
N GLU A 57 -6.21 -4.51 8.54
CA GLU A 57 -6.53 -5.74 9.23
C GLU A 57 -7.47 -6.62 8.41
N THR A 58 -8.03 -6.07 7.36
CA THR A 58 -9.00 -6.80 6.55
C THR A 58 -8.66 -6.75 5.07
N LEU A 59 -7.45 -6.32 4.76
CA LEU A 59 -6.95 -6.42 3.39
C LEU A 59 -6.65 -7.89 3.10
N LYS A 60 -6.77 -8.26 1.85
CA LYS A 60 -6.40 -9.60 1.42
C LYS A 60 -4.88 -9.78 1.57
N PRO A 61 -4.44 -10.99 1.95
CA PRO A 61 -3.02 -11.30 2.08
C PRO A 61 -2.26 -11.07 0.77
N SER A 62 -2.94 -11.27 -0.34
CA SER A 62 -2.39 -10.98 -1.66
C SER A 62 -2.18 -9.48 -1.83
N THR A 63 -3.09 -8.69 -1.27
CA THR A 63 -2.98 -7.24 -1.30
C THR A 63 -1.75 -6.80 -0.51
N LEU A 64 -1.67 -7.23 0.75
CA LEU A 64 -0.55 -6.90 1.62
C LEU A 64 0.78 -7.26 0.98
N ARG A 65 0.83 -8.45 0.39
CA ARG A 65 2.06 -8.95 -0.21
C ARG A 65 2.43 -8.10 -1.43
N GLU A 66 1.41 -7.58 -2.12
CA GLU A 66 1.63 -6.74 -3.29
C GLU A 66 2.09 -5.35 -2.87
N LEU A 67 1.53 -4.87 -1.77
CA LEU A 67 1.85 -3.57 -1.26
C LEU A 67 3.30 -3.58 -0.78
N GLU A 68 3.64 -4.58 0.00
CA GLU A 68 4.98 -4.72 0.54
C GLU A 68 6.00 -4.98 -0.56
N ARG A 69 5.68 -5.90 -1.48
CA ARG A 69 6.62 -6.31 -2.51
C ARG A 69 6.99 -5.12 -3.39
N TYR A 70 6.03 -4.23 -3.54
CA TYR A 70 6.22 -3.08 -4.39
C TYR A 70 7.02 -2.00 -3.68
N VAL A 71 6.68 -1.73 -2.43
CA VAL A 71 7.35 -0.68 -1.69
C VAL A 71 8.78 -1.07 -1.38
N THR A 72 8.99 -2.31 -0.94
CA THR A 72 10.33 -2.79 -0.63
C THR A 72 11.23 -2.67 -1.86
N SER A 73 10.64 -2.81 -3.04
CA SER A 73 11.37 -2.68 -4.28
C SER A 73 11.83 -1.22 -4.50
N CYS A 74 11.08 -0.30 -3.88
CA CYS A 74 11.38 1.13 -3.98
C CYS A 74 12.32 1.57 -2.86
N LEU A 75 11.98 1.22 -1.61
CA LEU A 75 12.80 1.56 -0.45
C LEU A 75 14.23 1.08 -0.63
N ARG A 76 14.39 -0.07 -1.27
CA ARG A 76 15.70 -0.67 -1.48
C ARG A 76 16.33 -0.16 -2.77
N LYS A 77 15.82 0.96 -3.25
CA LYS A 77 16.35 1.63 -4.43
C LYS A 77 16.06 3.13 -4.34
N LYS A 78 16.22 3.83 -5.45
CA LYS A 78 15.83 5.22 -5.54
C LYS A 78 14.75 5.40 -6.61
N ARG A 79 15.19 5.62 -7.86
CA ARG A 79 14.31 5.80 -9.00
C ARG A 79 13.27 6.89 -8.73
N LYS A 80 13.63 8.13 -9.05
CA LYS A 80 12.77 9.28 -8.78
C LYS A 80 13.19 10.47 -9.64
N PRO A 81 12.89 10.41 -10.96
CA PRO A 81 13.16 11.53 -11.86
C PRO A 81 12.12 12.63 -11.73
N GLN A 82 11.26 12.48 -10.73
CA GLN A 82 10.21 13.44 -10.47
C GLN A 82 10.49 14.16 -9.15
N ALA A 83 11.31 15.19 -9.21
CA ALA A 83 11.71 15.95 -8.03
C ALA A 83 11.99 17.39 -8.40
N GLU B 1 -5.53 -3.65 14.85
CA GLU B 1 -6.18 -2.49 14.21
C GLU B 1 -5.13 -1.55 13.62
N ILE B 2 -5.01 -1.56 12.30
CA ILE B 2 -4.07 -0.71 11.60
C ILE B 2 -4.77 0.03 10.47
N LYS B 3 -4.69 1.35 10.51
CA LYS B 3 -5.29 2.17 9.47
C LYS B 3 -4.24 3.11 8.88
N LEU B 4 -4.22 3.21 7.56
CA LEU B 4 -3.25 4.07 6.89
C LEU B 4 -3.97 5.14 6.08
N LYS B 5 -3.91 6.37 6.56
CA LYS B 5 -4.42 7.52 5.82
C LYS B 5 -3.37 8.07 4.90
N ILE B 6 -3.13 7.41 3.77
CA ILE B 6 -2.15 7.93 2.82
C ILE B 6 -2.71 9.18 2.16
N THR B 7 -2.01 10.30 2.31
CA THR B 7 -2.45 11.55 1.71
C THR B 7 -1.56 11.94 0.54
N LYS B 8 -2.15 12.00 -0.67
CA LYS B 8 -1.40 12.32 -1.89
C LYS B 8 -2.32 12.36 -3.11
N THR B 9 -1.74 12.22 -4.30
CA THR B 9 -2.44 12.29 -5.59
C THR B 9 -3.13 13.64 -5.78
N ILE B 10 -2.53 14.68 -5.24
CA ILE B 10 -3.05 16.03 -5.40
C ILE B 10 -2.26 16.78 -6.45
N GLN B 11 -1.02 16.37 -6.65
CA GLN B 11 -0.16 16.99 -7.64
C GLN B 11 -0.30 16.27 -8.97
N ASN B 12 -1.36 16.61 -9.70
CA ASN B 12 -1.61 16.02 -11.00
C ASN B 12 -1.44 17.07 -12.08
N SER A 1 1.42 -12.69 -9.30
CA SER A 1 0.18 -13.49 -9.39
C SER A 1 0.23 -14.71 -8.47
N GLU A 2 0.99 -15.73 -8.87
CA GLU A 2 0.98 -17.02 -8.16
C GLU A 2 1.37 -16.90 -6.69
N GLU A 3 2.45 -16.18 -6.43
CA GLU A 3 2.99 -16.08 -5.07
C GLU A 3 2.05 -15.28 -4.17
N GLU A 4 1.37 -14.31 -4.75
CA GLU A 4 0.49 -13.44 -3.98
C GLU A 4 -0.88 -14.08 -3.76
N ASP A 5 -1.37 -14.80 -4.76
CA ASP A 5 -2.71 -15.39 -4.68
C ASP A 5 -2.75 -16.55 -3.68
N LYS A 6 -1.57 -17.04 -3.29
CA LYS A 6 -1.50 -18.13 -2.33
C LYS A 6 -0.67 -17.69 -1.12
N CYS A 7 -0.54 -16.39 -0.96
CA CYS A 7 0.28 -15.82 0.10
C CYS A 7 -0.40 -15.90 1.45
N LYS A 8 0.37 -16.24 2.46
CA LYS A 8 -0.12 -16.28 3.83
C LYS A 8 -0.16 -14.87 4.41
N PRO A 9 -1.15 -14.58 5.27
CA PRO A 9 -1.28 -13.26 5.90
C PRO A 9 -0.08 -12.91 6.76
N MET A 10 0.53 -11.78 6.48
CA MET A 10 1.63 -11.28 7.28
C MET A 10 1.11 -10.82 8.64
N SER A 11 1.92 -11.01 9.67
CA SER A 11 1.50 -10.73 11.04
C SER A 11 1.58 -9.24 11.36
N TYR A 12 1.19 -8.88 12.59
CA TYR A 12 1.01 -7.48 13.00
C TYR A 12 2.25 -6.63 12.73
N GLU A 13 3.43 -7.15 13.03
CA GLU A 13 4.68 -6.40 12.89
C GLU A 13 4.91 -5.99 11.43
N GLU A 14 4.39 -6.81 10.52
CA GLU A 14 4.61 -6.63 9.09
C GLU A 14 3.57 -5.68 8.53
N LYS A 15 2.32 -5.89 8.91
CA LYS A 15 1.23 -5.00 8.52
C LYS A 15 1.51 -3.57 8.98
N ARG A 16 2.00 -3.44 10.22
CA ARG A 16 2.38 -2.15 10.76
C ARG A 16 3.54 -1.55 9.97
N GLN A 17 4.55 -2.39 9.70
CA GLN A 17 5.74 -1.95 9.00
C GLN A 17 5.42 -1.57 7.56
N LEU A 18 4.36 -2.16 7.03
CA LEU A 18 3.89 -1.89 5.69
C LEU A 18 3.27 -0.50 5.63
N SER A 19 2.52 -0.16 6.66
CA SER A 19 2.02 1.20 6.81
C SER A 19 3.19 2.18 6.85
N LEU A 20 4.30 1.71 7.43
CA LEU A 20 5.50 2.52 7.55
C LEU A 20 6.27 2.59 6.23
N ASP A 21 6.23 1.51 5.45
CA ASP A 21 7.00 1.44 4.21
C ASP A 21 6.32 2.21 3.07
N ILE A 22 5.00 2.24 3.06
CA ILE A 22 4.26 3.04 2.07
C ILE A 22 4.41 4.52 2.41
N ASN A 23 4.45 4.81 3.70
CA ASN A 23 4.68 6.17 4.18
C ASN A 23 6.01 6.73 3.66
N LYS A 24 6.93 5.82 3.34
CA LYS A 24 8.26 6.20 2.87
C LYS A 24 8.27 6.57 1.39
N LEU A 25 7.36 5.99 0.63
CA LEU A 25 7.30 6.22 -0.83
C LEU A 25 7.01 7.69 -1.16
N PRO A 26 7.80 8.27 -2.09
CA PRO A 26 7.50 9.60 -2.64
C PRO A 26 6.14 9.61 -3.35
N GLY A 27 5.47 10.77 -3.35
CA GLY A 27 4.09 10.88 -3.83
C GLY A 27 3.79 10.14 -5.13
N GLU A 28 4.67 10.24 -6.11
CA GLU A 28 4.46 9.57 -7.39
C GLU A 28 4.39 8.05 -7.22
N LYS A 29 5.34 7.51 -6.48
CA LYS A 29 5.39 6.10 -6.18
C LYS A 29 4.28 5.71 -5.23
N LEU A 30 4.00 6.62 -4.30
CA LEU A 30 2.94 6.44 -3.31
C LEU A 30 1.60 6.25 -3.99
N GLY A 31 1.34 6.99 -5.06
CA GLY A 31 0.08 6.89 -5.76
C GLY A 31 -0.23 5.47 -6.22
N ARG A 32 0.80 4.66 -6.43
CA ARG A 32 0.60 3.28 -6.84
C ARG A 32 -0.05 2.47 -5.73
N VAL A 33 0.50 2.54 -4.53
CA VAL A 33 -0.01 1.73 -3.41
C VAL A 33 -1.45 2.11 -3.07
N VAL A 34 -1.72 3.41 -2.97
CA VAL A 34 -3.10 3.87 -2.73
C VAL A 34 -4.03 3.25 -3.76
N HIS A 35 -3.56 3.19 -5.00
CA HIS A 35 -4.31 2.60 -6.10
C HIS A 35 -4.41 1.08 -5.95
N ILE A 36 -3.31 0.44 -5.56
CA ILE A 36 -3.29 -1.02 -5.38
C ILE A 36 -4.35 -1.45 -4.37
N ILE A 37 -4.35 -0.83 -3.20
CA ILE A 37 -5.31 -1.20 -2.16
C ILE A 37 -6.74 -0.99 -2.65
N GLN A 38 -7.01 0.18 -3.19
CA GLN A 38 -8.35 0.52 -3.68
C GLN A 38 -8.81 -0.46 -4.76
N SER A 39 -7.89 -0.93 -5.58
CA SER A 39 -8.22 -1.85 -6.66
C SER A 39 -8.49 -3.26 -6.12
N ARG A 40 -7.74 -3.66 -5.10
CA ARG A 40 -7.87 -5.01 -4.56
C ARG A 40 -8.97 -5.08 -3.52
N GLU A 41 -9.11 -4.01 -2.74
CA GLU A 41 -10.14 -3.94 -1.71
C GLU A 41 -11.22 -2.93 -2.11
N PRO A 42 -12.24 -3.37 -2.86
CA PRO A 42 -13.30 -2.48 -3.35
C PRO A 42 -14.08 -1.81 -2.21
N SER A 43 -14.03 -2.43 -1.04
CA SER A 43 -14.77 -1.95 0.12
C SER A 43 -14.29 -0.57 0.58
N LEU A 44 -13.09 -0.17 0.14
CA LEU A 44 -12.55 1.13 0.49
C LEU A 44 -12.31 1.98 -0.74
N LYS A 45 -12.86 1.55 -1.87
CA LYS A 45 -12.73 2.33 -3.13
C LYS A 45 -13.63 3.56 -3.08
N ASN A 46 -14.32 3.73 -1.96
CA ASN A 46 -15.22 4.86 -1.80
C ASN A 46 -14.47 6.02 -1.15
N SER A 47 -13.25 5.75 -0.70
CA SER A 47 -12.43 6.76 -0.06
C SER A 47 -11.87 7.74 -1.10
N ASN A 48 -11.84 9.02 -0.74
CA ASN A 48 -11.24 10.05 -1.60
C ASN A 48 -9.79 9.71 -1.82
N PRO A 49 -9.32 9.74 -3.08
CA PRO A 49 -7.96 9.34 -3.43
C PRO A 49 -6.89 10.16 -2.71
N ASP A 50 -7.23 11.38 -2.31
CA ASP A 50 -6.27 12.23 -1.60
C ASP A 50 -6.14 11.79 -0.14
N GLU A 51 -7.23 11.23 0.39
CA GLU A 51 -7.30 10.79 1.79
C GLU A 51 -7.88 9.40 1.87
N ILE A 52 -7.12 8.40 1.42
CA ILE A 52 -7.67 7.07 1.31
C ILE A 52 -7.69 6.36 2.66
N GLU A 53 -8.71 5.53 2.87
CA GLU A 53 -8.89 4.85 4.13
C GLU A 53 -8.45 3.40 4.00
N ILE A 54 -7.32 3.08 4.61
CA ILE A 54 -6.80 1.71 4.58
C ILE A 54 -7.05 1.02 5.90
N ASP A 55 -7.52 -0.21 5.84
CA ASP A 55 -7.70 -1.00 7.06
C ASP A 55 -6.84 -2.25 6.97
N PHE A 56 -5.64 -2.17 7.53
CA PHE A 56 -4.63 -3.21 7.38
C PHE A 56 -5.03 -4.51 8.06
N GLU A 57 -6.20 -4.54 8.67
CA GLU A 57 -6.68 -5.72 9.35
C GLU A 57 -7.73 -6.44 8.51
N THR A 58 -8.02 -5.90 7.32
CA THR A 58 -9.02 -6.49 6.45
C THR A 58 -8.50 -6.69 5.03
N LEU A 59 -7.41 -5.99 4.68
CA LEU A 59 -6.81 -6.15 3.35
C LEU A 59 -6.47 -7.61 3.11
N LYS A 60 -6.75 -8.10 1.91
CA LYS A 60 -6.43 -9.47 1.55
C LYS A 60 -4.93 -9.72 1.65
N PRO A 61 -4.52 -10.96 1.98
CA PRO A 61 -3.10 -11.33 2.11
C PRO A 61 -2.31 -11.02 0.84
N SER A 62 -2.98 -11.18 -0.30
CA SER A 62 -2.37 -10.88 -1.58
C SER A 62 -2.17 -9.38 -1.74
N THR A 63 -3.09 -8.59 -1.18
CA THR A 63 -2.99 -7.15 -1.20
C THR A 63 -1.77 -6.70 -0.42
N LEU A 64 -1.65 -7.21 0.80
CA LEU A 64 -0.51 -6.88 1.67
C LEU A 64 0.81 -7.23 1.01
N ARG A 65 0.89 -8.41 0.42
CA ARG A 65 2.12 -8.86 -0.22
C ARG A 65 2.45 -7.99 -1.43
N GLU A 66 1.41 -7.47 -2.09
CA GLU A 66 1.59 -6.64 -3.27
C GLU A 66 2.05 -5.25 -2.86
N LEU A 67 1.49 -4.76 -1.76
CA LEU A 67 1.86 -3.47 -1.22
C LEU A 67 3.32 -3.51 -0.78
N GLU A 68 3.62 -4.54 0.01
CA GLU A 68 4.95 -4.74 0.58
C GLU A 68 6.01 -4.98 -0.50
N ARG A 69 5.73 -5.95 -1.39
CA ARG A 69 6.67 -6.30 -2.45
C ARG A 69 7.02 -5.10 -3.30
N TYR A 70 6.04 -4.25 -3.54
CA TYR A 70 6.22 -3.11 -4.40
C TYR A 70 7.05 -2.03 -3.71
N VAL A 71 6.68 -1.70 -2.48
CA VAL A 71 7.37 -0.64 -1.75
C VAL A 71 8.81 -1.02 -1.45
N THR A 72 9.03 -2.25 -1.02
CA THR A 72 10.37 -2.72 -0.66
C THR A 72 11.29 -2.62 -1.88
N SER A 73 10.71 -2.75 -3.06
CA SER A 73 11.45 -2.62 -4.29
C SER A 73 11.83 -1.17 -4.57
N CYS A 74 11.10 -0.24 -3.95
CA CYS A 74 11.39 1.18 -4.07
C CYS A 74 12.34 1.63 -2.95
N LEU A 75 11.99 1.32 -1.71
CA LEU A 75 12.80 1.65 -0.53
C LEU A 75 14.24 1.20 -0.70
N ARG A 76 14.42 -0.01 -1.24
CA ARG A 76 15.73 -0.61 -1.38
C ARG A 76 16.45 -0.13 -2.64
N LYS A 77 15.90 0.88 -3.29
CA LYS A 77 16.50 1.42 -4.51
C LYS A 77 16.47 2.95 -4.47
N LYS A 78 16.58 3.58 -5.64
CA LYS A 78 16.57 5.03 -5.71
C LYS A 78 15.17 5.56 -5.44
N ARG A 79 14.95 6.08 -4.25
CA ARG A 79 13.63 6.54 -3.85
C ARG A 79 13.47 8.05 -4.04
N LYS A 80 13.20 8.45 -5.27
CA LYS A 80 13.02 9.85 -5.64
C LYS A 80 12.75 9.94 -7.15
N PRO A 81 11.50 9.69 -7.58
CA PRO A 81 11.13 9.73 -9.00
C PRO A 81 11.04 11.16 -9.54
N GLN A 82 12.13 11.90 -9.40
CA GLN A 82 12.17 13.26 -9.89
C GLN A 82 13.62 13.66 -10.19
N ALA A 83 13.82 14.29 -11.34
CA ALA A 83 15.13 14.75 -11.74
C ALA A 83 15.23 16.27 -11.62
N GLU B 1 -5.24 -3.52 15.13
CA GLU B 1 -5.84 -2.35 14.45
C GLU B 1 -4.75 -1.48 13.84
N ILE B 2 -4.74 -1.41 12.51
CA ILE B 2 -3.76 -0.61 11.77
C ILE B 2 -4.43 0.09 10.61
N LYS B 3 -4.40 1.42 10.63
CA LYS B 3 -4.97 2.21 9.55
C LYS B 3 -3.88 2.95 8.80
N LEU B 4 -4.22 3.48 7.64
CA LEU B 4 -3.30 4.32 6.88
C LEU B 4 -4.06 5.30 6.01
N LYS B 5 -4.21 6.51 6.53
CA LYS B 5 -4.75 7.60 5.72
C LYS B 5 -3.64 8.18 4.87
N ILE B 6 -3.32 7.52 3.76
CA ILE B 6 -2.27 8.03 2.88
C ILE B 6 -2.77 9.32 2.22
N THR B 7 -2.07 10.41 2.43
CA THR B 7 -2.44 11.67 1.80
C THR B 7 -1.51 12.01 0.64
N LYS B 8 -2.06 12.00 -0.58
CA LYS B 8 -1.28 12.30 -1.77
C LYS B 8 -2.20 12.42 -2.99
N THR B 9 -1.64 12.20 -4.19
CA THR B 9 -2.36 12.26 -5.46
C THR B 9 -2.96 13.65 -5.69
N ILE B 10 -2.09 14.64 -5.76
CA ILE B 10 -2.52 16.00 -6.06
C ILE B 10 -2.51 16.22 -7.57
N GLN B 11 -1.79 15.35 -8.27
CA GLN B 11 -1.75 15.38 -9.72
C GLN B 11 -2.78 14.42 -10.30
N ASN B 12 -3.90 14.97 -10.73
CA ASN B 12 -5.00 14.17 -11.25
C ASN B 12 -4.88 14.03 -12.77
N SER A 1 -1.93 -18.18 -10.33
CA SER A 1 -3.16 -18.77 -9.78
C SER A 1 -2.85 -19.65 -8.57
N GLU A 2 -1.59 -20.05 -8.42
CA GLU A 2 -1.20 -20.90 -7.31
C GLU A 2 -0.54 -20.11 -6.17
N GLU A 3 0.59 -19.47 -6.45
CA GLU A 3 1.44 -18.91 -5.39
C GLU A 3 0.94 -17.57 -4.87
N GLU A 4 0.33 -16.77 -5.74
CA GLU A 4 -0.14 -15.44 -5.33
C GLU A 4 -1.55 -15.54 -4.77
N ASP A 5 -2.23 -16.62 -5.15
CA ASP A 5 -3.57 -16.88 -4.68
C ASP A 5 -3.55 -17.57 -3.32
N LYS A 6 -2.40 -18.13 -2.97
CA LYS A 6 -2.28 -18.91 -1.75
C LYS A 6 -1.37 -18.18 -0.76
N CYS A 7 -1.38 -16.86 -0.84
CA CYS A 7 -0.54 -16.05 0.01
C CYS A 7 -1.10 -16.00 1.43
N LYS A 8 -0.22 -16.12 2.41
CA LYS A 8 -0.62 -16.10 3.80
C LYS A 8 -0.51 -14.68 4.37
N PRO A 9 -1.38 -14.34 5.34
CA PRO A 9 -1.33 -13.02 5.97
C PRO A 9 -0.05 -12.79 6.72
N MET A 10 0.47 -11.58 6.62
CA MET A 10 1.66 -11.21 7.36
C MET A 10 1.29 -10.79 8.77
N SER A 11 2.26 -10.86 9.67
CA SER A 11 2.03 -10.60 11.09
C SER A 11 1.76 -9.12 11.38
N TYR A 12 1.44 -8.81 12.63
CA TYR A 12 1.15 -7.44 13.05
C TYR A 12 2.34 -6.53 12.76
N GLU A 13 3.55 -7.02 13.05
CA GLU A 13 4.76 -6.24 12.83
C GLU A 13 4.90 -5.89 11.35
N GLU A 14 4.51 -6.82 10.49
CA GLU A 14 4.66 -6.64 9.05
C GLU A 14 3.61 -5.69 8.52
N LYS A 15 2.36 -5.87 8.94
CA LYS A 15 1.27 -4.97 8.55
C LYS A 15 1.56 -3.55 8.99
N ARG A 16 2.04 -3.39 10.22
CA ARG A 16 2.43 -2.09 10.73
C ARG A 16 3.59 -1.51 9.92
N GLN A 17 4.58 -2.34 9.65
CA GLN A 17 5.76 -1.92 8.92
C GLN A 17 5.41 -1.55 7.49
N LEU A 18 4.34 -2.15 7.00
CA LEU A 18 3.86 -1.88 5.64
C LEU A 18 3.20 -0.50 5.59
N SER A 19 2.50 -0.17 6.65
CA SER A 19 1.98 1.18 6.81
C SER A 19 3.15 2.16 6.82
N LEU A 20 4.26 1.73 7.40
CA LEU A 20 5.46 2.54 7.50
C LEU A 20 6.22 2.58 6.19
N ASP A 21 6.19 1.49 5.44
CA ASP A 21 6.97 1.41 4.20
C ASP A 21 6.30 2.14 3.04
N ILE A 22 4.97 2.17 3.03
CA ILE A 22 4.25 2.95 2.02
C ILE A 22 4.38 4.43 2.33
N ASN A 23 4.40 4.76 3.62
CA ASN A 23 4.57 6.13 4.05
C ASN A 23 5.96 6.65 3.66
N LYS A 24 6.87 5.74 3.33
CA LYS A 24 8.21 6.11 2.89
C LYS A 24 8.22 6.50 1.42
N LEU A 25 7.32 5.91 0.64
CA LEU A 25 7.26 6.17 -0.78
C LEU A 25 6.92 7.63 -1.10
N PRO A 26 7.74 8.26 -1.94
CA PRO A 26 7.45 9.61 -2.46
C PRO A 26 6.13 9.63 -3.23
N GLY A 27 5.46 10.78 -3.25
CA GLY A 27 4.13 10.90 -3.82
C GLY A 27 3.92 10.17 -5.14
N GLU A 28 4.88 10.28 -6.06
CA GLU A 28 4.79 9.62 -7.36
C GLU A 28 4.66 8.10 -7.17
N LYS A 29 5.57 7.54 -6.40
CA LYS A 29 5.59 6.11 -6.13
C LYS A 29 4.42 5.72 -5.23
N LEU A 30 4.08 6.63 -4.35
CA LEU A 30 2.98 6.45 -3.41
C LEU A 30 1.65 6.24 -4.13
N GLY A 31 1.41 7.01 -5.18
CA GLY A 31 0.16 6.89 -5.92
C GLY A 31 -0.12 5.47 -6.39
N ARG A 32 0.95 4.68 -6.57
CA ARG A 32 0.80 3.29 -6.96
C ARG A 32 0.06 2.50 -5.89
N VAL A 33 0.53 2.58 -4.66
CA VAL A 33 -0.01 1.79 -3.56
C VAL A 33 -1.44 2.18 -3.24
N VAL A 34 -1.70 3.49 -3.11
CA VAL A 34 -3.07 3.96 -2.90
C VAL A 34 -3.99 3.37 -3.97
N HIS A 35 -3.49 3.36 -5.19
CA HIS A 35 -4.20 2.77 -6.31
C HIS A 35 -4.35 1.25 -6.14
N ILE A 36 -3.25 0.58 -5.77
CA ILE A 36 -3.26 -0.88 -5.59
C ILE A 36 -4.36 -1.30 -4.62
N ILE A 37 -4.34 -0.74 -3.41
CA ILE A 37 -5.33 -1.13 -2.40
C ILE A 37 -6.74 -0.92 -2.91
N GLN A 38 -7.01 0.29 -3.41
CA GLN A 38 -8.33 0.63 -3.94
C GLN A 38 -8.78 -0.33 -5.04
N SER A 39 -7.83 -0.82 -5.82
CA SER A 39 -8.13 -1.71 -6.92
C SER A 39 -8.37 -3.14 -6.45
N ARG A 40 -7.75 -3.53 -5.34
CA ARG A 40 -7.87 -4.90 -4.85
C ARG A 40 -9.02 -5.01 -3.87
N GLU A 41 -9.24 -3.92 -3.15
CA GLU A 41 -10.27 -3.86 -2.14
C GLU A 41 -11.38 -2.88 -2.50
N PRO A 42 -12.44 -3.37 -3.17
CA PRO A 42 -13.57 -2.54 -3.59
C PRO A 42 -14.31 -1.91 -2.40
N SER A 43 -14.07 -2.45 -1.21
CA SER A 43 -14.75 -1.99 0.00
C SER A 43 -14.25 -0.60 0.42
N LEU A 44 -13.11 -0.19 -0.11
CA LEU A 44 -12.54 1.10 0.25
C LEU A 44 -12.25 1.94 -0.98
N LYS A 45 -12.83 1.54 -2.11
CA LYS A 45 -12.66 2.31 -3.35
C LYS A 45 -13.52 3.56 -3.32
N ASN A 46 -14.31 3.67 -2.26
CA ASN A 46 -15.17 4.83 -2.05
C ASN A 46 -14.47 5.85 -1.16
N SER A 47 -13.29 5.51 -0.68
CA SER A 47 -12.48 6.44 0.10
C SER A 47 -11.88 7.48 -0.83
N ASN A 48 -11.95 8.75 -0.44
CA ASN A 48 -11.42 9.84 -1.26
C ASN A 48 -9.94 9.57 -1.52
N PRO A 49 -9.53 9.60 -2.81
CA PRO A 49 -8.17 9.23 -3.21
C PRO A 49 -7.11 10.11 -2.56
N ASP A 50 -7.52 11.27 -2.09
CA ASP A 50 -6.62 12.19 -1.43
C ASP A 50 -6.38 11.76 0.01
N GLU A 51 -7.40 11.14 0.60
CA GLU A 51 -7.40 10.76 2.01
C GLU A 51 -7.93 9.35 2.15
N ILE A 52 -7.20 8.39 1.59
CA ILE A 52 -7.72 7.04 1.50
C ILE A 52 -7.66 6.33 2.84
N GLU A 53 -8.69 5.54 3.11
CA GLU A 53 -8.81 4.84 4.38
C GLU A 53 -8.36 3.38 4.20
N ILE A 54 -7.20 3.06 4.74
CA ILE A 54 -6.70 1.69 4.68
C ILE A 54 -6.82 1.02 6.04
N ASP A 55 -7.34 -0.19 6.06
CA ASP A 55 -7.43 -0.93 7.30
C ASP A 55 -6.64 -2.22 7.17
N PHE A 56 -5.42 -2.22 7.69
CA PHE A 56 -4.48 -3.29 7.47
C PHE A 56 -4.93 -4.64 8.06
N GLU A 57 -6.01 -4.63 8.81
CA GLU A 57 -6.56 -5.86 9.35
C GLU A 57 -7.62 -6.45 8.42
N THR A 58 -8.03 -5.67 7.45
CA THR A 58 -9.08 -6.10 6.53
C THR A 58 -8.54 -6.33 5.12
N LEU A 59 -7.32 -5.87 4.85
CA LEU A 59 -6.74 -6.05 3.53
C LEU A 59 -6.45 -7.53 3.31
N LYS A 60 -6.70 -7.99 2.10
CA LYS A 60 -6.41 -9.36 1.72
C LYS A 60 -4.91 -9.61 1.79
N PRO A 61 -4.50 -10.85 2.12
CA PRO A 61 -3.09 -11.23 2.19
C PRO A 61 -2.35 -10.94 0.89
N SER A 62 -3.08 -11.04 -0.23
CA SER A 62 -2.51 -10.76 -1.54
C SER A 62 -2.28 -9.26 -1.70
N THR A 63 -3.20 -8.46 -1.18
CA THR A 63 -3.06 -7.02 -1.19
C THR A 63 -1.80 -6.63 -0.42
N LEU A 64 -1.67 -7.16 0.79
CA LEU A 64 -0.53 -6.89 1.65
C LEU A 64 0.78 -7.27 0.97
N ARG A 65 0.81 -8.41 0.30
CA ARG A 65 2.05 -8.89 -0.30
C ARG A 65 2.32 -8.18 -1.62
N GLU A 66 1.32 -7.48 -2.14
CA GLU A 66 1.51 -6.64 -3.31
C GLU A 66 2.00 -5.27 -2.89
N LEU A 67 1.43 -4.75 -1.80
CA LEU A 67 1.81 -3.46 -1.27
C LEU A 67 3.25 -3.54 -0.80
N GLU A 68 3.54 -4.57 -0.02
CA GLU A 68 4.86 -4.77 0.58
C GLU A 68 5.91 -5.06 -0.47
N ARG A 69 5.68 -6.08 -1.30
CA ARG A 69 6.63 -6.46 -2.34
C ARG A 69 7.00 -5.27 -3.22
N TYR A 70 6.03 -4.40 -3.45
CA TYR A 70 6.25 -3.26 -4.32
C TYR A 70 7.06 -2.17 -3.63
N VAL A 71 6.66 -1.82 -2.42
CA VAL A 71 7.33 -0.73 -1.70
C VAL A 71 8.77 -1.10 -1.37
N THR A 72 8.98 -2.34 -0.92
CA THR A 72 10.32 -2.80 -0.58
C THR A 72 11.24 -2.71 -1.79
N SER A 73 10.64 -2.85 -2.98
CA SER A 73 11.36 -2.71 -4.23
C SER A 73 11.86 -1.27 -4.40
N CYS A 74 11.09 -0.33 -3.86
CA CYS A 74 11.42 1.09 -3.97
C CYS A 74 12.34 1.55 -2.83
N LEU A 75 11.98 1.19 -1.61
CA LEU A 75 12.78 1.54 -0.43
C LEU A 75 14.23 1.06 -0.58
N ARG A 76 14.41 -0.05 -1.27
CA ARG A 76 15.72 -0.66 -1.38
C ARG A 76 16.39 -0.34 -2.72
N LYS A 77 15.67 0.35 -3.58
CA LYS A 77 16.18 0.71 -4.90
C LYS A 77 15.69 2.08 -5.34
N LYS A 78 16.61 3.03 -5.47
CA LYS A 78 16.30 4.39 -5.93
C LYS A 78 15.25 5.05 -5.03
N ARG A 79 15.63 5.39 -3.81
CA ARG A 79 14.71 6.02 -2.87
C ARG A 79 15.05 7.50 -2.72
N LYS A 80 15.42 8.12 -3.84
CA LYS A 80 15.79 9.52 -3.85
C LYS A 80 15.28 10.20 -5.13
N PRO A 81 13.98 10.52 -5.18
CA PRO A 81 13.38 11.18 -6.35
C PRO A 81 13.75 12.65 -6.44
N GLN A 82 13.49 13.24 -7.59
CA GLN A 82 13.78 14.65 -7.82
C GLN A 82 12.48 15.40 -8.05
N ALA A 83 11.37 14.69 -7.89
CA ALA A 83 10.05 15.26 -8.07
C ALA A 83 9.09 14.69 -7.02
N GLU B 1 -5.78 -1.79 16.08
CA GLU B 1 -6.19 -1.31 14.74
C GLU B 1 -5.02 -0.68 14.01
N ILE B 2 -4.93 -0.93 12.71
CA ILE B 2 -3.87 -0.36 11.89
C ILE B 2 -4.48 0.32 10.65
N LYS B 3 -4.69 1.62 10.75
CA LYS B 3 -5.22 2.39 9.63
C LYS B 3 -4.10 3.18 8.95
N LEU B 4 -4.14 3.24 7.64
CA LEU B 4 -3.18 4.05 6.88
C LEU B 4 -3.91 5.09 6.05
N LYS B 5 -3.99 6.29 6.57
CA LYS B 5 -4.55 7.40 5.82
C LYS B 5 -3.50 8.00 4.91
N ILE B 6 -3.15 7.31 3.83
CA ILE B 6 -2.19 7.87 2.90
C ILE B 6 -2.77 9.13 2.30
N THR B 7 -2.24 10.26 2.68
CA THR B 7 -2.75 11.52 2.21
C THR B 7 -1.85 12.08 1.11
N LYS B 8 -2.30 11.99 -0.13
CA LYS B 8 -1.50 12.41 -1.28
C LYS B 8 -2.35 12.56 -2.53
N THR B 9 -1.68 12.64 -3.69
CA THR B 9 -2.31 12.86 -5.01
C THR B 9 -2.96 14.24 -5.09
N ILE B 10 -2.47 15.05 -6.03
CA ILE B 10 -2.88 16.46 -6.21
C ILE B 10 -3.01 17.19 -4.88
N GLN B 11 -2.11 16.88 -3.96
CA GLN B 11 -2.16 17.45 -2.62
C GLN B 11 -1.68 18.89 -2.62
N ASN B 12 -2.38 19.74 -1.87
CA ASN B 12 -2.03 21.14 -1.78
C ASN B 12 -1.05 21.37 -0.64
N SER A 1 1.23 -17.61 -9.95
CA SER A 1 0.14 -18.59 -9.78
C SER A 1 0.22 -19.28 -8.43
N GLU A 2 1.42 -19.36 -7.86
CA GLU A 2 1.61 -19.99 -6.57
C GLU A 2 1.69 -18.94 -5.45
N GLU A 3 2.62 -18.01 -5.59
CA GLU A 3 2.95 -17.08 -4.51
C GLU A 3 1.77 -16.16 -4.15
N GLU A 4 1.06 -15.67 -5.15
CA GLU A 4 0.01 -14.68 -4.90
C GLU A 4 -1.33 -15.36 -4.61
N ASP A 5 -1.49 -16.59 -5.08
CA ASP A 5 -2.72 -17.33 -4.87
C ASP A 5 -2.67 -18.13 -3.57
N LYS A 6 -1.46 -18.37 -3.07
CA LYS A 6 -1.28 -19.17 -1.86
C LYS A 6 -0.51 -18.36 -0.83
N CYS A 7 -0.76 -17.05 -0.83
CA CYS A 7 -0.04 -16.13 0.02
C CYS A 7 -0.56 -16.17 1.46
N LYS A 8 0.36 -16.33 2.40
CA LYS A 8 0.02 -16.34 3.81
C LYS A 8 0.04 -14.92 4.36
N PRO A 9 -0.88 -14.59 5.29
CA PRO A 9 -0.96 -13.25 5.88
C PRO A 9 0.27 -12.92 6.71
N MET A 10 0.87 -11.78 6.44
CA MET A 10 1.97 -11.30 7.25
C MET A 10 1.46 -10.89 8.62
N SER A 11 2.35 -10.91 9.60
CA SER A 11 1.97 -10.69 11.00
C SER A 11 1.63 -9.23 11.29
N TYR A 12 1.19 -8.97 12.52
CA TYR A 12 0.78 -7.63 12.95
C TYR A 12 1.92 -6.62 12.77
N GLU A 13 3.13 -7.01 13.15
CA GLU A 13 4.30 -6.13 13.04
C GLU A 13 4.52 -5.72 11.59
N GLU A 14 4.35 -6.68 10.69
CA GLU A 14 4.61 -6.47 9.28
C GLU A 14 3.56 -5.57 8.65
N LYS A 15 2.28 -5.86 8.94
CA LYS A 15 1.18 -5.04 8.46
C LYS A 15 1.36 -3.59 8.87
N ARG A 16 1.76 -3.37 10.13
CA ARG A 16 2.01 -2.03 10.64
C ARG A 16 3.20 -1.40 9.92
N GLN A 17 4.28 -2.16 9.76
CA GLN A 17 5.48 -1.68 9.10
C GLN A 17 5.21 -1.40 7.63
N LEU A 18 4.24 -2.12 7.07
CA LEU A 18 3.83 -1.94 5.68
C LEU A 18 3.11 -0.60 5.54
N SER A 19 2.33 -0.25 6.54
CA SER A 19 1.73 1.07 6.59
C SER A 19 2.82 2.13 6.60
N LEU A 20 3.92 1.80 7.26
CA LEU A 20 5.05 2.70 7.41
C LEU A 20 5.90 2.75 6.13
N ASP A 21 5.94 1.64 5.40
CA ASP A 21 6.79 1.55 4.22
C ASP A 21 6.15 2.23 3.01
N ILE A 22 4.82 2.17 2.91
CA ILE A 22 4.12 2.89 1.85
C ILE A 22 4.15 4.38 2.12
N ASN A 23 4.06 4.72 3.40
CA ASN A 23 4.11 6.10 3.82
C ASN A 23 5.52 6.67 3.59
N LYS A 24 6.49 5.79 3.31
CA LYS A 24 7.84 6.20 2.95
C LYS A 24 7.91 6.66 1.50
N LEU A 25 7.09 6.05 0.65
CA LEU A 25 7.10 6.33 -0.78
C LEU A 25 6.65 7.76 -1.07
N PRO A 26 7.45 8.51 -1.84
CA PRO A 26 7.04 9.83 -2.35
C PRO A 26 5.77 9.73 -3.18
N GLY A 27 4.97 10.81 -3.18
CA GLY A 27 3.65 10.80 -3.81
C GLY A 27 3.60 10.09 -5.15
N GLU A 28 4.60 10.32 -5.99
CA GLU A 28 4.74 9.66 -7.28
C GLU A 28 4.64 8.13 -7.13
N LYS A 29 5.57 7.57 -6.38
CA LYS A 29 5.65 6.13 -6.14
C LYS A 29 4.45 5.67 -5.32
N LEU A 30 4.04 6.54 -4.43
CA LEU A 30 2.95 6.29 -3.51
C LEU A 30 1.63 6.06 -4.24
N GLY A 31 1.41 6.82 -5.32
CA GLY A 31 0.15 6.73 -6.06
C GLY A 31 -0.17 5.33 -6.51
N ARG A 32 0.87 4.54 -6.82
CA ARG A 32 0.67 3.14 -7.19
C ARG A 32 -0.02 2.37 -6.08
N VAL A 33 0.47 2.51 -4.86
CA VAL A 33 -0.01 1.70 -3.73
C VAL A 33 -1.44 2.07 -3.37
N VAL A 34 -1.73 3.36 -3.27
CA VAL A 34 -3.11 3.83 -3.04
C VAL A 34 -4.04 3.17 -4.06
N HIS A 35 -3.55 3.09 -5.29
CA HIS A 35 -4.29 2.45 -6.37
C HIS A 35 -4.39 0.94 -6.14
N ILE A 36 -3.28 0.30 -5.73
CA ILE A 36 -3.28 -1.14 -5.49
C ILE A 36 -4.31 -1.53 -4.44
N ILE A 37 -4.28 -0.84 -3.30
CA ILE A 37 -5.20 -1.16 -2.21
C ILE A 37 -6.65 -0.94 -2.65
N GLN A 38 -6.93 0.23 -3.19
CA GLN A 38 -8.27 0.57 -3.65
C GLN A 38 -8.78 -0.43 -4.68
N SER A 39 -7.89 -0.91 -5.54
CA SER A 39 -8.26 -1.86 -6.58
C SER A 39 -8.57 -3.22 -5.98
N ARG A 40 -7.73 -3.67 -5.05
CA ARG A 40 -7.89 -5.01 -4.47
C ARG A 40 -8.96 -5.01 -3.40
N GLU A 41 -9.07 -3.93 -2.66
CA GLU A 41 -10.07 -3.80 -1.60
C GLU A 41 -11.16 -2.80 -1.99
N PRO A 42 -12.23 -3.26 -2.65
CA PRO A 42 -13.33 -2.39 -3.10
C PRO A 42 -14.10 -1.75 -1.94
N SER A 43 -13.89 -2.26 -0.73
CA SER A 43 -14.58 -1.75 0.45
C SER A 43 -14.07 -0.36 0.85
N LEU A 44 -12.89 0.00 0.38
CA LEU A 44 -12.33 1.30 0.71
C LEU A 44 -12.13 2.15 -0.53
N LYS A 45 -12.77 1.75 -1.62
CA LYS A 45 -12.65 2.51 -2.87
C LYS A 45 -13.45 3.81 -2.77
N ASN A 46 -14.25 3.94 -1.73
CA ASN A 46 -15.06 5.13 -1.52
C ASN A 46 -14.23 6.23 -0.88
N SER A 47 -13.07 5.86 -0.34
CA SER A 47 -12.18 6.81 0.30
C SER A 47 -11.65 7.81 -0.72
N ASN A 48 -11.60 9.08 -0.34
CA ASN A 48 -11.09 10.13 -1.22
C ASN A 48 -9.65 9.78 -1.60
N PRO A 49 -9.34 9.77 -2.90
CA PRO A 49 -8.03 9.32 -3.40
C PRO A 49 -6.87 10.12 -2.83
N ASP A 50 -7.15 11.33 -2.36
CA ASP A 50 -6.12 12.18 -1.79
C ASP A 50 -5.83 11.77 -0.35
N GLU A 51 -6.84 11.23 0.33
CA GLU A 51 -6.77 10.86 1.74
C GLU A 51 -7.37 9.49 1.93
N ILE A 52 -6.76 8.48 1.33
CA ILE A 52 -7.39 7.16 1.27
C ILE A 52 -7.28 6.44 2.61
N GLU A 53 -8.25 5.58 2.88
CA GLU A 53 -8.38 4.91 4.16
C GLU A 53 -8.01 3.44 4.02
N ILE A 54 -6.91 3.04 4.65
CA ILE A 54 -6.47 1.64 4.59
C ILE A 54 -6.80 0.94 5.90
N ASP A 55 -7.31 -0.27 5.83
CA ASP A 55 -7.50 -1.06 7.04
C ASP A 55 -6.72 -2.36 6.94
N PHE A 56 -5.51 -2.36 7.50
CA PHE A 56 -4.57 -3.45 7.28
C PHE A 56 -5.05 -4.79 7.82
N GLU A 57 -6.08 -4.78 8.64
CA GLU A 57 -6.62 -6.01 9.18
C GLU A 57 -7.73 -6.59 8.32
N THR A 58 -8.07 -5.89 7.25
CA THR A 58 -9.12 -6.35 6.35
C THR A 58 -8.65 -6.46 4.91
N LEU A 59 -7.40 -6.06 4.65
CA LEU A 59 -6.82 -6.22 3.32
C LEU A 59 -6.57 -7.70 3.08
N LYS A 60 -6.72 -8.13 1.85
CA LYS A 60 -6.42 -9.51 1.48
C LYS A 60 -4.90 -9.76 1.60
N PRO A 61 -4.51 -11.01 1.96
CA PRO A 61 -3.10 -11.38 2.11
C PRO A 61 -2.31 -11.12 0.84
N SER A 62 -3.00 -11.22 -0.29
CA SER A 62 -2.39 -10.97 -1.59
C SER A 62 -2.13 -9.48 -1.78
N THR A 63 -3.04 -8.67 -1.25
CA THR A 63 -2.88 -7.23 -1.28
C THR A 63 -1.64 -6.83 -0.51
N LEU A 64 -1.53 -7.34 0.72
CA LEU A 64 -0.39 -7.05 1.58
C LEU A 64 0.94 -7.39 0.92
N ARG A 65 0.98 -8.52 0.23
CA ARG A 65 2.23 -8.96 -0.37
C ARG A 65 2.50 -8.21 -1.67
N GLU A 66 1.48 -7.57 -2.22
CA GLU A 66 1.66 -6.74 -3.39
C GLU A 66 2.11 -5.35 -2.96
N LEU A 67 1.56 -4.89 -1.84
CA LEU A 67 1.89 -3.59 -1.29
C LEU A 67 3.34 -3.61 -0.83
N GLU A 68 3.64 -4.62 -0.02
CA GLU A 68 4.96 -4.76 0.58
C GLU A 68 6.03 -5.03 -0.49
N ARG A 69 5.81 -6.06 -1.31
CA ARG A 69 6.77 -6.40 -2.37
C ARG A 69 7.09 -5.20 -3.25
N TYR A 70 6.09 -4.37 -3.50
CA TYR A 70 6.27 -3.21 -4.35
C TYR A 70 7.07 -2.12 -3.65
N VAL A 71 6.68 -1.77 -2.43
CA VAL A 71 7.33 -0.69 -1.73
C VAL A 71 8.77 -1.05 -1.40
N THR A 72 8.99 -2.29 -0.97
CA THR A 72 10.33 -2.73 -0.60
C THR A 72 11.28 -2.61 -1.79
N SER A 73 10.72 -2.73 -3.01
CA SER A 73 11.50 -2.56 -4.22
C SER A 73 11.96 -1.12 -4.36
N CYS A 74 11.15 -0.20 -3.84
CA CYS A 74 11.40 1.24 -3.94
C CYS A 74 12.23 1.75 -2.76
N LEU A 75 11.81 1.39 -1.53
CA LEU A 75 12.52 1.80 -0.31
C LEU A 75 13.99 1.43 -0.40
N ARG A 76 14.24 0.21 -0.84
CA ARG A 76 15.60 -0.33 -0.89
C ARG A 76 16.26 0.00 -2.21
N LYS A 77 15.81 1.10 -2.82
CA LYS A 77 16.37 1.60 -4.07
C LYS A 77 16.18 0.61 -5.21
N LYS A 78 17.11 -0.34 -5.34
CA LYS A 78 17.06 -1.41 -6.34
C LYS A 78 16.51 -0.94 -7.68
N ARG A 79 15.21 -1.06 -7.86
CA ARG A 79 14.54 -0.60 -9.06
C ARG A 79 13.34 0.26 -8.69
N LYS A 80 13.54 1.56 -8.74
CA LYS A 80 12.48 2.50 -8.40
C LYS A 80 12.25 3.50 -9.55
N PRO A 81 11.77 3.01 -10.70
CA PRO A 81 11.52 3.86 -11.87
C PRO A 81 10.22 4.64 -11.74
N GLN A 82 9.97 5.55 -12.68
CA GLN A 82 8.75 6.36 -12.64
C GLN A 82 8.03 6.32 -13.98
N ALA A 83 7.58 5.13 -14.35
CA ALA A 83 6.89 4.93 -15.61
C ALA A 83 5.50 4.36 -15.36
N GLU B 1 -8.60 -2.88 11.71
CA GLU B 1 -7.78 -1.86 12.39
C GLU B 1 -6.46 -1.67 11.64
N ILE B 2 -5.56 -0.87 12.24
CA ILE B 2 -4.31 -0.49 11.59
C ILE B 2 -4.62 0.29 10.32
N LYS B 3 -4.95 1.56 10.51
CA LYS B 3 -5.35 2.42 9.40
C LYS B 3 -4.14 3.13 8.80
N LEU B 4 -4.28 3.55 7.56
CA LEU B 4 -3.24 4.30 6.87
C LEU B 4 -3.89 5.37 6.01
N LYS B 5 -3.78 6.61 6.42
CA LYS B 5 -4.27 7.71 5.61
C LYS B 5 -3.20 8.13 4.62
N ILE B 6 -3.08 7.39 3.53
CA ILE B 6 -2.13 7.72 2.49
C ILE B 6 -2.54 9.04 1.83
N THR B 7 -1.74 10.07 2.03
CA THR B 7 -2.06 11.39 1.50
C THR B 7 -1.19 11.73 0.30
N LYS B 8 -1.83 11.84 -0.87
CA LYS B 8 -1.14 12.17 -2.12
C LYS B 8 -2.13 12.29 -3.27
N THR B 9 -1.63 12.24 -4.51
CA THR B 9 -2.43 12.36 -5.74
C THR B 9 -3.20 13.68 -5.79
N ILE B 10 -2.74 14.66 -5.03
CA ILE B 10 -3.40 15.95 -5.00
C ILE B 10 -2.94 16.81 -6.17
N GLN B 11 -3.89 17.34 -6.92
CA GLN B 11 -3.58 18.19 -8.05
C GLN B 11 -4.42 19.46 -8.00
N ASN B 12 -3.81 20.57 -8.39
CA ASN B 12 -4.49 21.86 -8.40
C ASN B 12 -3.81 22.80 -9.37
N SER A 1 3.08 -15.14 -10.40
CA SER A 1 1.80 -14.91 -11.10
C SER A 1 0.62 -15.09 -10.14
N GLU A 2 0.39 -16.32 -9.68
CA GLU A 2 -0.73 -16.60 -8.78
C GLU A 2 -0.28 -16.68 -7.32
N GLU A 3 1.03 -16.72 -7.11
CA GLU A 3 1.59 -16.93 -5.77
C GLU A 3 1.06 -15.90 -4.78
N GLU A 4 0.87 -14.67 -5.24
CA GLU A 4 0.40 -13.59 -4.36
C GLU A 4 -1.04 -13.84 -3.93
N ASP A 5 -1.86 -14.37 -4.84
CA ASP A 5 -3.27 -14.63 -4.56
C ASP A 5 -3.42 -15.85 -3.67
N LYS A 6 -2.34 -16.63 -3.55
CA LYS A 6 -2.36 -17.84 -2.76
C LYS A 6 -1.46 -17.67 -1.54
N CYS A 7 -1.12 -16.42 -1.25
CA CYS A 7 -0.18 -16.11 -0.19
C CYS A 7 -0.88 -16.03 1.16
N LYS A 8 -0.12 -16.24 2.23
CA LYS A 8 -0.65 -16.18 3.58
C LYS A 8 -0.43 -14.80 4.18
N PRO A 9 -1.26 -14.42 5.17
CA PRO A 9 -1.18 -13.10 5.81
C PRO A 9 0.14 -12.87 6.53
N MET A 10 0.49 -11.61 6.69
CA MET A 10 1.66 -11.23 7.43
C MET A 10 1.27 -10.74 8.82
N SER A 11 2.22 -10.74 9.73
CA SER A 11 1.95 -10.45 11.13
C SER A 11 1.57 -9.00 11.38
N TYR A 12 1.13 -8.70 12.59
CA TYR A 12 0.78 -7.33 12.98
C TYR A 12 1.98 -6.41 12.79
N GLU A 13 3.16 -6.92 13.14
CA GLU A 13 4.40 -6.17 12.98
C GLU A 13 4.58 -5.77 11.52
N GLU A 14 4.42 -6.75 10.63
CA GLU A 14 4.64 -6.54 9.21
C GLU A 14 3.59 -5.62 8.60
N LYS A 15 2.32 -5.86 8.97
CA LYS A 15 1.22 -5.01 8.52
C LYS A 15 1.46 -3.55 8.93
N ARG A 16 1.88 -3.37 10.18
CA ARG A 16 2.22 -2.04 10.68
C ARG A 16 3.40 -1.45 9.90
N GLN A 17 4.43 -2.26 9.71
CA GLN A 17 5.62 -1.82 8.99
C GLN A 17 5.31 -1.48 7.54
N LEU A 18 4.28 -2.12 7.02
CA LEU A 18 3.83 -1.90 5.65
C LEU A 18 3.16 -0.53 5.55
N SER A 19 2.42 -0.17 6.57
CA SER A 19 1.88 1.18 6.66
C SER A 19 3.02 2.19 6.70
N LEU A 20 4.12 1.77 7.29
CA LEU A 20 5.28 2.61 7.46
C LEU A 20 6.13 2.65 6.18
N ASP A 21 6.14 1.55 5.44
CA ASP A 21 6.95 1.47 4.23
C ASP A 21 6.29 2.20 3.06
N ILE A 22 4.96 2.18 3.01
CA ILE A 22 4.23 2.96 2.01
C ILE A 22 4.36 4.43 2.31
N ASN A 23 4.38 4.76 3.60
CA ASN A 23 4.54 6.13 4.05
C ASN A 23 5.89 6.69 3.57
N LYS A 24 6.83 5.79 3.28
CA LYS A 24 8.16 6.17 2.84
C LYS A 24 8.18 6.56 1.37
N LEU A 25 7.27 5.98 0.60
CA LEU A 25 7.25 6.21 -0.85
C LEU A 25 6.92 7.67 -1.19
N PRO A 26 7.75 8.30 -2.03
CA PRO A 26 7.46 9.63 -2.58
C PRO A 26 6.14 9.62 -3.35
N GLY A 27 5.46 10.78 -3.39
CA GLY A 27 4.09 10.88 -3.90
C GLY A 27 3.82 10.10 -5.19
N GLU A 28 4.73 10.14 -6.16
CA GLU A 28 4.51 9.44 -7.42
C GLU A 28 4.46 7.92 -7.18
N LYS A 29 5.48 7.41 -6.51
CA LYS A 29 5.56 6.00 -6.19
C LYS A 29 4.43 5.61 -5.25
N LEU A 30 4.07 6.55 -4.38
CA LEU A 30 2.99 6.39 -3.43
C LEU A 30 1.66 6.19 -4.14
N GLY A 31 1.43 6.95 -5.21
CA GLY A 31 0.16 6.87 -5.93
C GLY A 31 -0.14 5.47 -6.45
N ARG A 32 0.88 4.63 -6.53
CA ARG A 32 0.69 3.25 -6.95
C ARG A 32 -0.02 2.46 -5.86
N VAL A 33 0.49 2.53 -4.64
CA VAL A 33 -0.04 1.72 -3.53
C VAL A 33 -1.47 2.13 -3.19
N VAL A 34 -1.72 3.43 -3.09
CA VAL A 34 -3.08 3.93 -2.88
C VAL A 34 -4.02 3.33 -3.93
N HIS A 35 -3.52 3.27 -5.15
CA HIS A 35 -4.27 2.68 -6.26
C HIS A 35 -4.38 1.15 -6.09
N ILE A 36 -3.28 0.51 -5.69
CA ILE A 36 -3.27 -0.94 -5.49
C ILE A 36 -4.33 -1.37 -4.49
N ILE A 37 -4.29 -0.79 -3.29
CA ILE A 37 -5.23 -1.17 -2.25
C ILE A 37 -6.67 -0.96 -2.72
N GLN A 38 -6.95 0.24 -3.21
CA GLN A 38 -8.28 0.59 -3.67
C GLN A 38 -8.75 -0.32 -4.81
N SER A 39 -7.82 -0.79 -5.62
CA SER A 39 -8.15 -1.66 -6.74
C SER A 39 -8.39 -3.09 -6.28
N ARG A 40 -7.70 -3.51 -5.23
CA ARG A 40 -7.83 -4.89 -4.76
C ARG A 40 -8.95 -4.99 -3.75
N GLU A 41 -9.14 -3.91 -3.01
CA GLU A 41 -10.16 -3.85 -1.98
C GLU A 41 -11.24 -2.82 -2.31
N PRO A 42 -12.28 -3.24 -3.05
CA PRO A 42 -13.39 -2.35 -3.44
C PRO A 42 -14.12 -1.77 -2.23
N SER A 43 -14.02 -2.45 -1.10
CA SER A 43 -14.70 -2.05 0.12
C SER A 43 -14.19 -0.70 0.64
N LEU A 44 -13.03 -0.29 0.17
CA LEU A 44 -12.44 0.98 0.59
C LEU A 44 -12.19 1.87 -0.62
N LYS A 45 -12.85 1.56 -1.72
CA LYS A 45 -12.69 2.34 -2.95
C LYS A 45 -13.54 3.62 -2.91
N ASN A 46 -14.28 3.81 -1.81
CA ASN A 46 -15.10 5.01 -1.66
C ASN A 46 -14.27 6.11 -1.00
N SER A 47 -13.10 5.73 -0.52
CA SER A 47 -12.22 6.63 0.18
C SER A 47 -11.65 7.66 -0.79
N ASN A 48 -11.70 8.94 -0.39
CA ASN A 48 -11.18 10.03 -1.22
C ASN A 48 -9.70 9.79 -1.48
N PRO A 49 -9.27 9.90 -2.75
CA PRO A 49 -7.89 9.57 -3.13
C PRO A 49 -6.85 10.40 -2.40
N ASP A 50 -7.22 11.57 -1.90
CA ASP A 50 -6.30 12.41 -1.14
C ASP A 50 -6.17 11.91 0.31
N GLU A 51 -7.26 11.36 0.83
CA GLU A 51 -7.31 10.87 2.21
C GLU A 51 -7.84 9.44 2.22
N ILE A 52 -7.05 8.50 1.71
CA ILE A 52 -7.55 7.15 1.56
C ILE A 52 -7.42 6.37 2.85
N GLU A 53 -8.39 5.51 3.10
CA GLU A 53 -8.47 4.77 4.35
C GLU A 53 -8.03 3.32 4.13
N ILE A 54 -6.92 2.94 4.74
CA ILE A 54 -6.45 1.56 4.63
C ILE A 54 -6.79 0.81 5.90
N ASP A 55 -7.26 -0.42 5.76
CA ASP A 55 -7.56 -1.23 6.93
C ASP A 55 -6.70 -2.48 6.90
N PHE A 56 -5.52 -2.39 7.49
CA PHE A 56 -4.53 -3.45 7.41
C PHE A 56 -4.99 -4.71 8.13
N GLU A 57 -6.10 -4.63 8.85
CA GLU A 57 -6.66 -5.77 9.54
C GLU A 57 -7.75 -6.45 8.70
N THR A 58 -7.94 -5.96 7.48
CA THR A 58 -8.94 -6.55 6.59
C THR A 58 -8.38 -6.82 5.21
N LEU A 59 -7.30 -6.12 4.84
CA LEU A 59 -6.70 -6.30 3.50
C LEU A 59 -6.35 -7.76 3.28
N LYS A 60 -6.61 -8.21 2.07
CA LYS A 60 -6.30 -9.57 1.67
C LYS A 60 -4.79 -9.79 1.72
N PRO A 61 -4.36 -11.02 2.04
CA PRO A 61 -2.95 -11.38 2.11
C PRO A 61 -2.22 -11.09 0.80
N SER A 62 -2.98 -11.16 -0.29
CA SER A 62 -2.45 -10.87 -1.60
C SER A 62 -2.20 -9.38 -1.77
N THR A 63 -3.11 -8.58 -1.22
CA THR A 63 -2.98 -7.14 -1.24
C THR A 63 -1.73 -6.72 -0.47
N LEU A 64 -1.58 -7.27 0.72
CA LEU A 64 -0.42 -6.98 1.56
C LEU A 64 0.88 -7.34 0.87
N ARG A 65 0.89 -8.45 0.16
CA ARG A 65 2.10 -8.95 -0.48
C ARG A 65 2.36 -8.19 -1.78
N GLU A 66 1.38 -7.47 -2.27
CA GLU A 66 1.55 -6.61 -3.42
C GLU A 66 2.02 -5.23 -2.97
N LEU A 67 1.46 -4.76 -1.86
CA LEU A 67 1.84 -3.48 -1.30
C LEU A 67 3.28 -3.55 -0.84
N GLU A 68 3.57 -4.57 -0.03
CA GLU A 68 4.88 -4.76 0.57
C GLU A 68 5.95 -5.05 -0.48
N ARG A 69 5.69 -6.05 -1.34
CA ARG A 69 6.65 -6.41 -2.40
C ARG A 69 7.02 -5.19 -3.24
N TYR A 70 6.05 -4.34 -3.50
CA TYR A 70 6.26 -3.19 -4.36
C TYR A 70 7.04 -2.10 -3.64
N VAL A 71 6.63 -1.78 -2.42
CA VAL A 71 7.29 -0.71 -1.68
C VAL A 71 8.73 -1.07 -1.35
N THR A 72 8.95 -2.30 -0.89
CA THR A 72 10.30 -2.75 -0.53
C THR A 72 11.23 -2.64 -1.73
N SER A 73 10.67 -2.81 -2.92
CA SER A 73 11.45 -2.70 -4.15
C SER A 73 11.88 -1.25 -4.36
N CYS A 74 11.08 -0.32 -3.84
CA CYS A 74 11.33 1.11 -4.00
C CYS A 74 12.21 1.64 -2.86
N LEU A 75 11.87 1.27 -1.63
CA LEU A 75 12.66 1.67 -0.45
C LEU A 75 14.11 1.25 -0.61
N ARG A 76 14.31 0.07 -1.18
CA ARG A 76 15.63 -0.50 -1.36
C ARG A 76 16.28 0.02 -2.65
N LYS A 77 15.72 1.08 -3.19
CA LYS A 77 16.31 1.79 -4.32
C LYS A 77 16.59 3.23 -3.93
N LYS A 78 17.59 3.84 -4.56
CA LYS A 78 17.97 5.21 -4.24
C LYS A 78 18.24 6.03 -5.49
N ARG A 79 18.04 7.34 -5.38
CA ARG A 79 18.29 8.28 -6.46
C ARG A 79 17.42 8.01 -7.68
N LYS A 80 16.19 7.59 -7.43
CA LYS A 80 15.22 7.36 -8.49
C LYS A 80 13.78 7.36 -7.95
N PRO A 81 13.35 8.45 -7.29
CA PRO A 81 12.00 8.56 -6.75
C PRO A 81 10.96 8.73 -7.84
N GLN A 82 11.34 9.38 -8.93
CA GLN A 82 10.44 9.62 -10.05
C GLN A 82 10.73 8.62 -11.18
N ALA A 83 9.89 7.61 -11.30
CA ALA A 83 10.10 6.57 -12.31
C ALA A 83 8.76 5.97 -12.75
N GLU B 1 -5.92 -1.88 16.02
CA GLU B 1 -6.27 -1.53 14.62
C GLU B 1 -5.07 -0.91 13.93
N ILE B 2 -4.99 -1.10 12.61
CA ILE B 2 -3.92 -0.50 11.82
C ILE B 2 -4.52 0.19 10.60
N LYS B 3 -4.58 1.52 10.65
CA LYS B 3 -5.10 2.31 9.55
C LYS B 3 -3.98 3.10 8.90
N LEU B 4 -4.10 3.34 7.60
CA LEU B 4 -3.10 4.12 6.88
C LEU B 4 -3.79 5.21 6.07
N LYS B 5 -3.85 6.41 6.62
CA LYS B 5 -4.39 7.53 5.87
C LYS B 5 -3.33 8.09 4.93
N ILE B 6 -3.10 7.40 3.82
CA ILE B 6 -2.13 7.87 2.84
C ILE B 6 -2.62 9.18 2.23
N THR B 7 -1.84 10.24 2.36
CA THR B 7 -2.23 11.54 1.84
C THR B 7 -1.36 11.95 0.65
N LYS B 8 -1.98 12.00 -0.54
CA LYS B 8 -1.26 12.34 -1.77
C LYS B 8 -2.21 12.44 -2.96
N THR B 9 -1.67 12.24 -4.17
CA THR B 9 -2.40 12.28 -5.46
C THR B 9 -2.88 13.68 -5.80
N ILE B 10 -2.29 14.22 -6.87
CA ILE B 10 -2.64 15.53 -7.40
C ILE B 10 -2.40 16.62 -6.37
N GLN B 11 -1.17 17.11 -6.33
CA GLN B 11 -0.83 18.21 -5.44
C GLN B 11 -1.28 19.53 -6.07
N ASN B 12 -2.05 20.30 -5.33
CA ASN B 12 -2.60 21.55 -5.83
C ASN B 12 -1.60 22.68 -5.65
N SER A 1 4.75 -17.09 -8.26
CA SER A 1 3.56 -17.66 -8.91
C SER A 1 2.55 -18.16 -7.87
N GLU A 2 2.87 -19.26 -7.20
CA GLU A 2 1.92 -19.85 -6.25
C GLU A 2 1.87 -19.07 -4.94
N GLU A 3 3.04 -18.77 -4.39
CA GLU A 3 3.13 -18.15 -3.07
C GLU A 3 2.61 -16.71 -3.07
N GLU A 4 2.41 -16.12 -4.24
CA GLU A 4 1.92 -14.75 -4.33
C GLU A 4 0.40 -14.71 -4.34
N ASP A 5 -0.23 -15.67 -5.03
CA ASP A 5 -1.69 -15.70 -5.13
C ASP A 5 -2.29 -16.50 -3.98
N LYS A 6 -1.46 -17.27 -3.29
CA LYS A 6 -1.90 -18.04 -2.15
C LYS A 6 -1.08 -17.64 -0.93
N CYS A 7 -0.71 -16.37 -0.90
CA CYS A 7 0.11 -15.81 0.17
C CYS A 7 -0.62 -15.84 1.50
N LYS A 8 0.14 -15.98 2.57
CA LYS A 8 -0.41 -15.93 3.92
C LYS A 8 -0.40 -14.49 4.43
N PRO A 9 -1.31 -14.14 5.36
CA PRO A 9 -1.36 -12.81 5.94
C PRO A 9 -0.16 -12.53 6.81
N MET A 10 0.54 -11.46 6.53
CA MET A 10 1.64 -11.03 7.37
C MET A 10 1.10 -10.51 8.70
N SER A 11 1.93 -10.61 9.73
CA SER A 11 1.50 -10.35 11.10
C SER A 11 1.28 -8.85 11.39
N TYR A 12 0.87 -8.55 12.60
CA TYR A 12 0.56 -7.17 13.02
C TYR A 12 1.79 -6.28 12.86
N GLU A 13 2.96 -6.80 13.25
CA GLU A 13 4.21 -6.06 13.15
C GLU A 13 4.47 -5.69 11.70
N GLU A 14 4.22 -6.65 10.81
CA GLU A 14 4.51 -6.49 9.40
C GLU A 14 3.50 -5.56 8.74
N LYS A 15 2.22 -5.77 9.04
CA LYS A 15 1.16 -4.92 8.52
C LYS A 15 1.38 -3.46 8.92
N ARG A 16 1.78 -3.25 10.17
CA ARG A 16 2.10 -1.92 10.65
C ARG A 16 3.31 -1.34 9.91
N GLN A 17 4.35 -2.17 9.75
CA GLN A 17 5.55 -1.73 9.07
C GLN A 17 5.28 -1.43 7.60
N LEU A 18 4.26 -2.07 7.06
CA LEU A 18 3.86 -1.86 5.68
C LEU A 18 3.23 -0.48 5.54
N SER A 19 2.46 -0.08 6.53
CA SER A 19 1.94 1.28 6.57
C SER A 19 3.11 2.27 6.66
N LEU A 20 4.19 1.83 7.29
CA LEU A 20 5.38 2.65 7.47
C LEU A 20 6.24 2.67 6.20
N ASP A 21 6.28 1.55 5.49
CA ASP A 21 7.11 1.43 4.30
C ASP A 21 6.48 2.18 3.11
N ILE A 22 5.16 2.19 3.05
CA ILE A 22 4.45 2.97 2.04
C ILE A 22 4.60 4.46 2.33
N ASN A 23 4.61 4.80 3.61
CA ASN A 23 4.78 6.18 4.05
C ASN A 23 6.16 6.72 3.64
N LYS A 24 7.08 5.81 3.33
CA LYS A 24 8.42 6.19 2.91
C LYS A 24 8.45 6.58 1.43
N LEU A 25 7.57 5.98 0.64
CA LEU A 25 7.52 6.19 -0.80
C LEU A 25 7.27 7.65 -1.18
N PRO A 26 8.06 8.20 -2.13
CA PRO A 26 7.78 9.50 -2.73
C PRO A 26 6.42 9.51 -3.41
N GLY A 27 5.79 10.69 -3.47
CA GLY A 27 4.40 10.81 -3.92
C GLY A 27 4.08 10.04 -5.20
N GLU A 28 4.93 10.12 -6.20
CA GLU A 28 4.69 9.43 -7.47
C GLU A 28 4.61 7.91 -7.25
N LYS A 29 5.58 7.38 -6.53
CA LYS A 29 5.61 5.96 -6.20
C LYS A 29 4.46 5.60 -5.26
N LEU A 30 4.16 6.52 -4.37
CA LEU A 30 3.10 6.36 -3.38
C LEU A 30 1.75 6.17 -4.04
N GLY A 31 1.46 6.97 -5.06
CA GLY A 31 0.16 6.91 -5.74
C GLY A 31 -0.20 5.51 -6.20
N ARG A 32 0.82 4.71 -6.50
CA ARG A 32 0.60 3.33 -6.91
C ARG A 32 -0.07 2.53 -5.79
N VAL A 33 0.46 2.63 -4.58
CA VAL A 33 -0.01 1.80 -3.47
C VAL A 33 -1.42 2.18 -3.07
N VAL A 34 -1.67 3.47 -2.91
CA VAL A 34 -3.01 3.97 -2.63
C VAL A 34 -3.99 3.38 -3.64
N HIS A 35 -3.54 3.35 -4.89
CA HIS A 35 -4.32 2.80 -5.99
C HIS A 35 -4.45 1.27 -5.88
N ILE A 36 -3.35 0.61 -5.52
CA ILE A 36 -3.35 -0.85 -5.37
C ILE A 36 -4.40 -1.29 -4.34
N ILE A 37 -4.32 -0.74 -3.13
CA ILE A 37 -5.24 -1.13 -2.07
C ILE A 37 -6.69 -0.91 -2.50
N GLN A 38 -6.96 0.29 -2.97
CA GLN A 38 -8.31 0.65 -3.43
C GLN A 38 -8.81 -0.30 -4.51
N SER A 39 -7.94 -0.67 -5.43
CA SER A 39 -8.32 -1.52 -6.55
C SER A 39 -8.52 -2.96 -6.11
N ARG A 40 -7.73 -3.42 -5.15
CA ARG A 40 -7.79 -4.80 -4.71
C ARG A 40 -8.85 -4.99 -3.64
N GLU A 41 -9.01 -3.99 -2.78
CA GLU A 41 -9.99 -4.03 -1.71
C GLU A 41 -11.18 -3.13 -2.02
N PRO A 42 -12.27 -3.71 -2.56
CA PRO A 42 -13.48 -2.95 -2.91
C PRO A 42 -14.11 -2.26 -1.69
N SER A 43 -13.81 -2.79 -0.50
CA SER A 43 -14.38 -2.29 0.74
C SER A 43 -14.06 -0.82 0.97
N LEU A 44 -12.86 -0.41 0.59
CA LEU A 44 -12.39 0.94 0.88
C LEU A 44 -12.28 1.76 -0.40
N LYS A 45 -12.91 1.28 -1.47
CA LYS A 45 -12.84 1.96 -2.77
C LYS A 45 -13.65 3.25 -2.77
N ASN A 46 -14.26 3.58 -1.62
CA ASN A 46 -15.06 4.78 -1.51
C ASN A 46 -14.28 5.89 -0.82
N SER A 47 -13.10 5.54 -0.34
CA SER A 47 -12.22 6.50 0.29
C SER A 47 -11.73 7.53 -0.73
N ASN A 48 -11.80 8.81 -0.39
CA ASN A 48 -11.35 9.86 -1.30
C ASN A 48 -9.89 9.62 -1.64
N PRO A 49 -9.55 9.55 -2.93
CA PRO A 49 -8.21 9.17 -3.37
C PRO A 49 -7.11 10.09 -2.84
N ASP A 50 -7.48 11.28 -2.38
CA ASP A 50 -6.51 12.21 -1.79
C ASP A 50 -6.25 11.86 -0.33
N GLU A 51 -7.29 11.37 0.36
CA GLU A 51 -7.21 11.02 1.78
C GLU A 51 -7.68 9.59 1.97
N ILE A 52 -6.90 8.63 1.51
CA ILE A 52 -7.39 7.27 1.47
C ILE A 52 -7.33 6.60 2.83
N GLU A 53 -8.29 5.72 3.05
CA GLU A 53 -8.46 5.05 4.32
C GLU A 53 -8.19 3.56 4.11
N ILE A 54 -7.16 3.01 4.74
CA ILE A 54 -6.88 1.57 4.58
C ILE A 54 -7.40 0.84 5.81
N ASP A 55 -7.82 -0.39 5.63
CA ASP A 55 -8.12 -1.24 6.76
C ASP A 55 -7.22 -2.47 6.71
N PHE A 56 -6.01 -2.31 7.24
CA PHE A 56 -4.95 -3.29 7.03
C PHE A 56 -5.29 -4.69 7.56
N GLU A 57 -6.33 -4.79 8.37
CA GLU A 57 -6.75 -6.08 8.91
C GLU A 57 -7.75 -6.78 8.00
N THR A 58 -8.21 -6.09 6.98
CA THR A 58 -9.20 -6.65 6.07
C THR A 58 -8.61 -6.92 4.70
N LEU A 59 -7.50 -6.25 4.39
CA LEU A 59 -6.85 -6.41 3.08
C LEU A 59 -6.49 -7.86 2.86
N LYS A 60 -6.79 -8.38 1.68
CA LYS A 60 -6.44 -9.74 1.35
C LYS A 60 -4.92 -9.91 1.42
N PRO A 61 -4.44 -11.10 1.80
CA PRO A 61 -3.01 -11.38 1.95
C PRO A 61 -2.25 -11.15 0.65
N SER A 62 -2.95 -11.27 -0.46
CA SER A 62 -2.37 -11.00 -1.77
C SER A 62 -2.17 -9.50 -1.96
N THR A 63 -3.09 -8.72 -1.40
CA THR A 63 -3.00 -7.26 -1.43
C THR A 63 -1.78 -6.81 -0.63
N LEU A 64 -1.66 -7.29 0.60
CA LEU A 64 -0.53 -6.95 1.47
C LEU A 64 0.80 -7.28 0.81
N ARG A 65 0.88 -8.46 0.22
CA ARG A 65 2.10 -8.91 -0.42
C ARG A 65 2.45 -8.01 -1.60
N GLU A 66 1.43 -7.48 -2.27
CA GLU A 66 1.62 -6.62 -3.42
C GLU A 66 2.09 -5.25 -2.95
N LEU A 67 1.54 -4.80 -1.83
CA LEU A 67 1.87 -3.50 -1.28
C LEU A 67 3.32 -3.52 -0.81
N GLU A 68 3.63 -4.53 -0.01
CA GLU A 68 4.95 -4.68 0.59
C GLU A 68 6.02 -4.95 -0.46
N ARG A 69 5.78 -5.92 -1.33
CA ARG A 69 6.75 -6.30 -2.36
C ARG A 69 7.04 -5.13 -3.28
N TYR A 70 6.05 -4.26 -3.45
CA TYR A 70 6.20 -3.11 -4.32
C TYR A 70 7.02 -2.01 -3.66
N VAL A 71 6.68 -1.68 -2.42
CA VAL A 71 7.37 -0.61 -1.72
C VAL A 71 8.81 -0.97 -1.44
N THR A 72 9.04 -2.21 -1.01
CA THR A 72 10.38 -2.68 -0.70
C THR A 72 11.28 -2.58 -1.93
N SER A 73 10.68 -2.72 -3.10
CA SER A 73 11.42 -2.58 -4.36
C SER A 73 11.93 -1.14 -4.51
N CYS A 74 11.17 -0.21 -3.92
CA CYS A 74 11.47 1.21 -4.03
C CYS A 74 12.41 1.65 -2.90
N LEU A 75 12.07 1.30 -1.66
CA LEU A 75 12.87 1.61 -0.49
C LEU A 75 14.31 1.14 -0.68
N ARG A 76 14.46 0.00 -1.35
CA ARG A 76 15.77 -0.61 -1.55
C ARG A 76 16.39 -0.15 -2.87
N LYS A 77 15.84 0.91 -3.45
CA LYS A 77 16.41 1.49 -4.67
C LYS A 77 16.53 3.01 -4.52
N LYS A 78 17.73 3.48 -4.15
CA LYS A 78 17.92 4.89 -3.86
C LYS A 78 18.17 5.70 -5.12
N ARG A 79 19.15 5.29 -5.91
CA ARG A 79 19.55 6.07 -7.08
C ARG A 79 19.03 5.41 -8.35
N LYS A 80 17.87 4.80 -8.23
CA LYS A 80 17.21 4.14 -9.35
C LYS A 80 15.70 4.36 -9.29
N PRO A 81 15.24 5.61 -9.47
CA PRO A 81 13.82 5.95 -9.40
C PRO A 81 13.04 5.52 -10.64
N GLN A 82 11.72 5.66 -10.59
CA GLN A 82 10.85 5.25 -11.68
C GLN A 82 9.51 5.96 -11.58
N ALA A 83 9.04 6.49 -12.70
CA ALA A 83 7.75 7.17 -12.73
C ALA A 83 6.64 6.20 -13.09
N GLU B 1 -7.40 -2.96 13.56
CA GLU B 1 -6.85 -1.82 14.32
C GLU B 1 -5.93 -0.97 13.46
N ILE B 2 -5.11 -1.61 12.63
CA ILE B 2 -4.17 -0.89 11.78
C ILE B 2 -4.90 -0.21 10.62
N LYS B 3 -4.90 1.10 10.63
CA LYS B 3 -5.47 1.87 9.53
C LYS B 3 -4.40 2.81 8.98
N LEU B 4 -4.59 3.27 7.75
CA LEU B 4 -3.58 4.08 7.09
C LEU B 4 -4.23 5.21 6.29
N LYS B 5 -3.86 6.43 6.63
CA LYS B 5 -4.30 7.60 5.89
C LYS B 5 -3.17 8.10 5.01
N ILE B 6 -3.00 7.51 3.84
CA ILE B 6 -2.02 8.04 2.92
C ILE B 6 -2.61 9.29 2.27
N THR B 7 -2.24 10.44 2.79
CA THR B 7 -2.76 11.69 2.29
C THR B 7 -1.81 12.29 1.26
N LYS B 8 -2.25 12.29 0.01
CA LYS B 8 -1.41 12.68 -1.11
C LYS B 8 -2.27 12.84 -2.37
N THR B 9 -1.64 12.77 -3.54
CA THR B 9 -2.33 12.83 -4.83
C THR B 9 -3.29 14.00 -4.91
N ILE B 10 -2.78 15.20 -4.63
CA ILE B 10 -3.61 16.40 -4.68
C ILE B 10 -4.19 16.59 -6.08
N GLN B 11 -5.43 16.18 -6.26
CA GLN B 11 -6.07 16.21 -7.55
C GLN B 11 -6.65 17.59 -7.82
N ASN B 12 -5.80 18.48 -8.33
CA ASN B 12 -6.23 19.80 -8.72
C ASN B 12 -6.17 19.95 -10.23
N SER A 1 0.49 -19.88 -11.13
CA SER A 1 0.18 -18.44 -11.12
C SER A 1 -0.63 -18.05 -9.88
N GLU A 2 -1.11 -19.04 -9.15
CA GLU A 2 -2.04 -18.80 -8.04
C GLU A 2 -1.31 -18.55 -6.73
N GLU A 3 -0.03 -18.86 -6.69
CA GLU A 3 0.75 -18.81 -5.44
C GLU A 3 0.81 -17.40 -4.87
N GLU A 4 0.65 -16.40 -5.72
CA GLU A 4 0.73 -15.01 -5.27
C GLU A 4 -0.60 -14.55 -4.67
N ASP A 5 -1.71 -15.07 -5.20
CA ASP A 5 -3.02 -14.74 -4.67
C ASP A 5 -3.37 -15.64 -3.50
N LYS A 6 -2.63 -16.73 -3.36
CA LYS A 6 -2.83 -17.65 -2.25
C LYS A 6 -1.72 -17.45 -1.22
N CYS A 7 -1.24 -16.22 -1.17
CA CYS A 7 -0.14 -15.86 -0.27
C CYS A 7 -0.61 -15.89 1.17
N LYS A 8 0.32 -16.18 2.08
CA LYS A 8 0.02 -16.21 3.49
C LYS A 8 0.01 -14.79 4.06
N PRO A 9 -0.91 -14.50 5.01
CA PRO A 9 -1.01 -13.19 5.63
C PRO A 9 0.20 -12.88 6.50
N MET A 10 0.65 -11.63 6.47
CA MET A 10 1.75 -11.19 7.30
C MET A 10 1.20 -10.70 8.64
N SER A 11 2.02 -10.80 9.67
CA SER A 11 1.58 -10.55 11.04
C SER A 11 1.47 -9.06 11.34
N TYR A 12 1.05 -8.73 12.56
CA TYR A 12 0.83 -7.35 13.00
C TYR A 12 2.11 -6.52 12.82
N GLU A 13 3.24 -7.10 13.19
CA GLU A 13 4.53 -6.42 13.11
C GLU A 13 4.83 -6.05 11.65
N GLU A 14 4.45 -6.93 10.74
CA GLU A 14 4.72 -6.74 9.32
C GLU A 14 3.70 -5.79 8.69
N LYS A 15 2.43 -5.98 9.04
CA LYS A 15 1.37 -5.10 8.58
C LYS A 15 1.64 -3.65 8.99
N ARG A 16 2.08 -3.47 10.25
CA ARG A 16 2.42 -2.15 10.75
C ARG A 16 3.58 -1.56 9.95
N GLN A 17 4.60 -2.38 9.71
CA GLN A 17 5.78 -1.95 8.98
C GLN A 17 5.44 -1.60 7.54
N LEU A 18 4.38 -2.21 7.04
CA LEU A 18 3.92 -1.97 5.68
C LEU A 18 3.26 -0.59 5.60
N SER A 19 2.51 -0.24 6.63
CA SER A 19 1.97 1.10 6.72
C SER A 19 3.10 2.12 6.77
N LEU A 20 4.21 1.69 7.35
CA LEU A 20 5.37 2.54 7.49
C LEU A 20 6.19 2.60 6.21
N ASP A 21 6.22 1.51 5.46
CA ASP A 21 7.02 1.44 4.24
C ASP A 21 6.35 2.19 3.09
N ILE A 22 5.02 2.19 3.06
CA ILE A 22 4.30 2.98 2.07
C ILE A 22 4.40 4.46 2.39
N ASN A 23 4.41 4.76 3.68
CA ASN A 23 4.55 6.13 4.15
C ASN A 23 5.91 6.71 3.74
N LYS A 24 6.85 5.82 3.41
CA LYS A 24 8.19 6.21 3.00
C LYS A 24 8.24 6.61 1.52
N LEU A 25 7.33 6.03 0.74
CA LEU A 25 7.30 6.25 -0.71
C LEU A 25 7.03 7.71 -1.08
N PRO A 26 7.83 8.28 -2.00
CA PRO A 26 7.53 9.59 -2.59
C PRO A 26 6.19 9.58 -3.32
N GLY A 27 5.53 10.75 -3.37
CA GLY A 27 4.17 10.85 -3.90
C GLY A 27 3.92 10.09 -5.19
N GLU A 28 4.85 10.20 -6.15
CA GLU A 28 4.73 9.48 -7.42
C GLU A 28 4.58 7.97 -7.19
N LYS A 29 5.53 7.40 -6.46
CA LYS A 29 5.54 5.99 -6.14
C LYS A 29 4.36 5.63 -5.24
N LEU A 30 4.04 6.55 -4.35
CA LEU A 30 2.96 6.39 -3.40
C LEU A 30 1.62 6.20 -4.10
N GLY A 31 1.37 6.98 -5.15
CA GLY A 31 0.11 6.91 -5.86
C GLY A 31 -0.23 5.52 -6.37
N ARG A 32 0.78 4.67 -6.52
CA ARG A 32 0.56 3.30 -6.94
C ARG A 32 -0.12 2.49 -5.84
N VAL A 33 0.40 2.60 -4.62
CA VAL A 33 -0.09 1.80 -3.50
C VAL A 33 -1.51 2.17 -3.15
N VAL A 34 -1.77 3.47 -3.03
CA VAL A 34 -3.14 3.95 -2.81
C VAL A 34 -4.07 3.33 -3.83
N HIS A 35 -3.58 3.24 -5.06
CA HIS A 35 -4.32 2.64 -6.16
C HIS A 35 -4.45 1.12 -5.98
N ILE A 36 -3.37 0.46 -5.57
CA ILE A 36 -3.36 -0.98 -5.38
C ILE A 36 -4.42 -1.41 -4.36
N ILE A 37 -4.38 -0.80 -3.19
CA ILE A 37 -5.32 -1.16 -2.13
C ILE A 37 -6.75 -0.91 -2.58
N GLN A 38 -7.00 0.29 -3.11
CA GLN A 38 -8.32 0.66 -3.61
C GLN A 38 -8.82 -0.31 -4.68
N SER A 39 -7.91 -0.82 -5.49
CA SER A 39 -8.27 -1.75 -6.55
C SER A 39 -8.58 -3.13 -5.99
N ARG A 40 -7.76 -3.59 -5.06
CA ARG A 40 -7.90 -4.95 -4.54
C ARG A 40 -8.98 -5.03 -3.46
N GLU A 41 -9.13 -3.97 -2.68
CA GLU A 41 -10.12 -3.94 -1.61
C GLU A 41 -11.29 -3.00 -1.94
N PRO A 42 -12.30 -3.47 -2.73
CA PRO A 42 -13.52 -2.70 -3.03
C PRO A 42 -14.11 -1.94 -1.83
N SER A 43 -13.99 -2.50 -0.63
CA SER A 43 -14.60 -1.95 0.56
C SER A 43 -14.14 -0.51 0.85
N LEU A 44 -12.99 -0.13 0.33
CA LEU A 44 -12.45 1.19 0.60
C LEU A 44 -12.20 1.96 -0.70
N LYS A 45 -12.81 1.48 -1.79
CA LYS A 45 -12.62 2.14 -3.09
C LYS A 45 -13.46 3.41 -3.16
N ASN A 46 -14.25 3.65 -2.13
CA ASN A 46 -15.07 4.85 -2.05
C ASN A 46 -14.38 5.91 -1.21
N SER A 47 -13.13 5.65 -0.85
CA SER A 47 -12.31 6.64 -0.15
C SER A 47 -11.78 7.65 -1.16
N ASN A 48 -11.75 8.92 -0.76
CA ASN A 48 -11.21 9.96 -1.63
C ASN A 48 -9.74 9.68 -1.87
N PRO A 49 -9.30 9.73 -3.13
CA PRO A 49 -7.91 9.38 -3.50
C PRO A 49 -6.89 10.30 -2.85
N ASP A 50 -7.34 11.42 -2.32
CA ASP A 50 -6.49 12.36 -1.61
C ASP A 50 -6.34 11.93 -0.15
N GLU A 51 -7.40 11.33 0.37
CA GLU A 51 -7.55 11.03 1.79
C GLU A 51 -8.00 9.59 1.95
N ILE A 52 -7.20 8.67 1.47
CA ILE A 52 -7.65 7.29 1.34
C ILE A 52 -7.66 6.58 2.69
N GLU A 53 -8.61 5.67 2.85
CA GLU A 53 -8.83 4.99 4.10
C GLU A 53 -8.44 3.52 3.97
N ILE A 54 -7.38 3.11 4.66
CA ILE A 54 -6.90 1.73 4.58
C ILE A 54 -7.11 0.99 5.89
N ASP A 55 -7.59 -0.24 5.80
CA ASP A 55 -7.78 -1.07 6.99
C ASP A 55 -6.91 -2.30 6.89
N PHE A 56 -5.71 -2.21 7.46
CA PHE A 56 -4.69 -3.24 7.27
C PHE A 56 -5.11 -4.60 7.84
N GLU A 57 -6.14 -4.61 8.69
CA GLU A 57 -6.62 -5.85 9.26
C GLU A 57 -7.69 -6.50 8.41
N THR A 58 -8.02 -5.88 7.28
CA THR A 58 -9.04 -6.42 6.39
C THR A 58 -8.52 -6.62 4.97
N LEU A 59 -7.36 -6.05 4.67
CA LEU A 59 -6.78 -6.20 3.33
C LEU A 59 -6.44 -7.67 3.07
N LYS A 60 -6.70 -8.12 1.86
CA LYS A 60 -6.39 -9.49 1.47
C LYS A 60 -4.88 -9.75 1.55
N PRO A 61 -4.48 -10.99 1.84
CA PRO A 61 -3.07 -11.36 1.96
C PRO A 61 -2.28 -11.06 0.68
N SER A 62 -2.95 -11.14 -0.46
CA SER A 62 -2.28 -10.84 -1.74
C SER A 62 -2.16 -9.32 -1.91
N THR A 63 -3.04 -8.58 -1.26
CA THR A 63 -2.94 -7.14 -1.26
C THR A 63 -1.71 -6.71 -0.46
N LEU A 64 -1.62 -7.20 0.77
CA LEU A 64 -0.48 -6.89 1.65
C LEU A 64 0.84 -7.25 0.97
N ARG A 65 0.91 -8.44 0.40
CA ARG A 65 2.13 -8.91 -0.23
C ARG A 65 2.47 -8.05 -1.44
N GLU A 66 1.45 -7.52 -2.11
CA GLU A 66 1.64 -6.67 -3.27
C GLU A 66 2.12 -5.30 -2.85
N LEU A 67 1.56 -4.81 -1.76
CA LEU A 67 1.89 -3.52 -1.22
C LEU A 67 3.34 -3.53 -0.77
N GLU A 68 3.68 -4.55 0.01
CA GLU A 68 5.02 -4.70 0.58
C GLU A 68 6.06 -4.94 -0.51
N ARG A 69 5.80 -5.93 -1.37
CA ARG A 69 6.73 -6.29 -2.44
C ARG A 69 7.01 -5.09 -3.33
N TYR A 70 6.02 -4.25 -3.50
CA TYR A 70 6.14 -3.10 -4.38
C TYR A 70 6.95 -2.00 -3.72
N VAL A 71 6.60 -1.66 -2.48
CA VAL A 71 7.27 -0.57 -1.79
C VAL A 71 8.73 -0.90 -1.52
N THR A 72 8.99 -2.14 -1.13
CA THR A 72 10.35 -2.58 -0.84
C THR A 72 11.23 -2.45 -2.08
N SER A 73 10.61 -2.55 -3.26
CA SER A 73 11.32 -2.35 -4.52
C SER A 73 11.74 -0.89 -4.66
N CYS A 74 10.98 0.00 -4.03
CA CYS A 74 11.25 1.44 -4.08
C CYS A 74 12.17 1.89 -2.94
N LEU A 75 11.86 1.47 -1.72
CA LEU A 75 12.69 1.78 -0.56
C LEU A 75 14.13 1.36 -0.81
N ARG A 76 14.30 0.28 -1.56
CA ARG A 76 15.61 -0.28 -1.82
C ARG A 76 16.11 0.07 -3.23
N LYS A 77 15.30 0.81 -3.98
CA LYS A 77 15.65 1.24 -5.34
C LYS A 77 14.76 2.38 -5.82
N LYS A 78 15.38 3.48 -6.26
CA LYS A 78 14.66 4.61 -6.84
C LYS A 78 13.75 5.30 -5.82
N ARG A 79 14.31 6.26 -5.08
CA ARG A 79 13.51 7.01 -4.10
C ARG A 79 13.49 8.49 -4.45
N LYS A 80 13.56 8.79 -5.73
CA LYS A 80 13.62 10.16 -6.20
C LYS A 80 12.96 10.32 -7.58
N PRO A 81 11.65 10.62 -7.63
CA PRO A 81 10.97 10.93 -8.89
C PRO A 81 11.37 12.31 -9.41
N GLN A 82 12.47 12.35 -10.13
CA GLN A 82 13.03 13.61 -10.61
C GLN A 82 13.36 13.54 -12.10
N ALA A 83 14.55 13.07 -12.40
CA ALA A 83 15.03 13.00 -13.77
C ALA A 83 15.91 11.77 -13.95
N GLU B 1 -7.89 -0.90 13.84
CA GLU B 1 -6.60 -1.29 14.46
C GLU B 1 -5.45 -0.58 13.75
N ILE B 2 -5.07 -1.08 12.58
CA ILE B 2 -4.02 -0.44 11.79
C ILE B 2 -4.65 0.29 10.61
N LYS B 3 -4.65 1.60 10.66
CA LYS B 3 -5.24 2.42 9.62
C LYS B 3 -4.17 3.25 8.94
N LEU B 4 -4.28 3.40 7.63
CA LEU B 4 -3.32 4.20 6.88
C LEU B 4 -4.05 5.23 6.04
N LYS B 5 -4.07 6.46 6.52
CA LYS B 5 -4.60 7.57 5.76
C LYS B 5 -3.51 8.18 4.89
N ILE B 6 -3.18 7.54 3.78
CA ILE B 6 -2.13 8.07 2.92
C ILE B 6 -2.63 9.36 2.27
N THR B 7 -2.07 10.48 2.67
CA THR B 7 -2.40 11.75 2.06
C THR B 7 -1.42 12.07 0.94
N LYS B 8 -1.94 12.21 -0.28
CA LYS B 8 -1.11 12.39 -1.47
C LYS B 8 -1.99 12.52 -2.70
N THR B 9 -1.35 12.71 -3.87
CA THR B 9 -2.00 12.84 -5.17
C THR B 9 -3.29 13.66 -5.10
N ILE B 10 -3.13 14.95 -4.78
CA ILE B 10 -4.25 15.87 -4.68
C ILE B 10 -5.00 15.96 -6.00
N GLN B 11 -6.29 15.73 -5.94
CA GLN B 11 -7.15 15.80 -7.11
C GLN B 11 -8.34 16.71 -6.83
N ASN B 12 -9.06 16.41 -5.76
CA ASN B 12 -10.23 17.19 -5.39
C ASN B 12 -10.21 17.48 -3.89
N SER A 1 2.02 -20.09 -9.68
CA SER A 1 0.98 -19.28 -10.35
C SER A 1 -0.05 -18.77 -9.34
N GLU A 2 -0.34 -19.57 -8.31
CA GLU A 2 -1.35 -19.19 -7.32
C GLU A 2 -0.71 -18.58 -6.08
N GLU A 3 0.56 -18.90 -5.86
CA GLU A 3 1.26 -18.54 -4.63
C GLU A 3 1.23 -17.04 -4.33
N GLU A 4 1.11 -16.23 -5.37
CA GLU A 4 1.13 -14.78 -5.18
C GLU A 4 -0.20 -14.27 -4.61
N ASP A 5 -1.32 -14.87 -5.03
CA ASP A 5 -2.61 -14.50 -4.47
C ASP A 5 -2.94 -15.37 -3.26
N LYS A 6 -2.28 -16.52 -3.17
CA LYS A 6 -2.56 -17.49 -2.13
C LYS A 6 -1.45 -17.45 -1.08
N CYS A 7 -0.92 -16.26 -0.87
CA CYS A 7 0.16 -16.04 0.08
C CYS A 7 -0.39 -15.98 1.50
N LYS A 8 0.45 -16.29 2.47
CA LYS A 8 0.06 -16.23 3.87
C LYS A 8 0.01 -14.79 4.35
N PRO A 9 -0.94 -14.45 5.24
CA PRO A 9 -1.04 -13.11 5.79
C PRO A 9 0.11 -12.78 6.72
N MET A 10 0.67 -11.59 6.56
CA MET A 10 1.71 -11.12 7.45
C MET A 10 1.08 -10.61 8.74
N SER A 11 1.84 -10.65 9.81
CA SER A 11 1.32 -10.37 11.14
C SER A 11 1.20 -8.87 11.44
N TYR A 12 0.68 -8.53 12.63
CA TYR A 12 0.47 -7.14 13.05
C TYR A 12 1.76 -6.32 12.91
N GLU A 13 2.87 -6.93 13.32
CA GLU A 13 4.17 -6.25 13.27
C GLU A 13 4.53 -5.88 11.83
N GLU A 14 4.16 -6.75 10.90
CA GLU A 14 4.53 -6.59 9.51
C GLU A 14 3.55 -5.68 8.78
N LYS A 15 2.26 -5.84 9.10
CA LYS A 15 1.23 -4.97 8.58
C LYS A 15 1.49 -3.52 8.99
N ARG A 16 1.87 -3.34 10.25
CA ARG A 16 2.22 -2.02 10.76
C ARG A 16 3.44 -1.47 10.01
N GLN A 17 4.41 -2.34 9.78
CA GLN A 17 5.64 -1.94 9.11
C GLN A 17 5.38 -1.63 7.64
N LEU A 18 4.34 -2.24 7.10
CA LEU A 18 3.91 -2.00 5.73
C LEU A 18 3.26 -0.63 5.64
N SER A 19 2.52 -0.28 6.66
CA SER A 19 1.98 1.07 6.77
C SER A 19 3.14 2.07 6.81
N LEU A 20 4.25 1.63 7.38
CA LEU A 20 5.43 2.46 7.52
C LEU A 20 6.25 2.48 6.23
N ASP A 21 6.21 1.39 5.45
CA ASP A 21 7.00 1.32 4.23
C ASP A 21 6.35 2.10 3.09
N ILE A 22 5.03 2.14 3.07
CA ILE A 22 4.31 2.97 2.09
C ILE A 22 4.46 4.45 2.43
N ASN A 23 4.51 4.74 3.72
CA ASN A 23 4.71 6.10 4.20
C ASN A 23 6.07 6.66 3.72
N LYS A 24 6.99 5.76 3.39
CA LYS A 24 8.30 6.15 2.89
C LYS A 24 8.25 6.58 1.43
N LEU A 25 7.38 5.95 0.66
CA LEU A 25 7.29 6.21 -0.78
C LEU A 25 6.92 7.66 -1.07
N PRO A 26 7.72 8.34 -1.91
CA PRO A 26 7.39 9.68 -2.42
C PRO A 26 6.06 9.70 -3.15
N GLY A 27 5.38 10.85 -3.13
CA GLY A 27 4.03 10.97 -3.66
C GLY A 27 3.78 10.24 -4.99
N GLU A 28 4.72 10.37 -5.92
CA GLU A 28 4.60 9.71 -7.22
C GLU A 28 4.50 8.19 -7.07
N LYS A 29 5.50 7.61 -6.39
CA LYS A 29 5.53 6.18 -6.14
C LYS A 29 4.36 5.78 -5.25
N LEU A 30 4.06 6.64 -4.30
CA LEU A 30 3.00 6.43 -3.34
C LEU A 30 1.64 6.26 -4.02
N GLY A 31 1.41 7.01 -5.10
CA GLY A 31 0.14 6.93 -5.82
C GLY A 31 -0.16 5.54 -6.34
N ARG A 32 0.88 4.71 -6.48
CA ARG A 32 0.69 3.33 -6.92
C ARG A 32 0.01 2.50 -5.85
N VAL A 33 0.53 2.55 -4.62
CA VAL A 33 0.01 1.73 -3.52
C VAL A 33 -1.42 2.10 -3.21
N VAL A 34 -1.70 3.39 -3.07
CA VAL A 34 -3.08 3.86 -2.82
C VAL A 34 -4.01 3.26 -3.87
N HIS A 35 -3.53 3.23 -5.11
CA HIS A 35 -4.28 2.67 -6.22
C HIS A 35 -4.41 1.15 -6.09
N ILE A 36 -3.32 0.50 -5.68
CA ILE A 36 -3.32 -0.96 -5.50
C ILE A 36 -4.42 -1.40 -4.53
N ILE A 37 -4.46 -0.79 -3.35
CA ILE A 37 -5.42 -1.19 -2.34
C ILE A 37 -6.85 -0.97 -2.83
N GLN A 38 -7.14 0.26 -3.27
CA GLN A 38 -8.46 0.61 -3.79
C GLN A 38 -8.89 -0.32 -4.92
N SER A 39 -7.92 -0.82 -5.67
CA SER A 39 -8.20 -1.72 -6.78
C SER A 39 -8.50 -3.14 -6.31
N ARG A 40 -7.86 -3.57 -5.22
CA ARG A 40 -8.02 -4.94 -4.76
C ARG A 40 -9.18 -5.03 -3.78
N GLU A 41 -9.35 -3.97 -3.01
CA GLU A 41 -10.35 -3.93 -1.95
C GLU A 41 -11.45 -2.91 -2.24
N PRO A 42 -12.55 -3.35 -2.85
CA PRO A 42 -13.70 -2.49 -3.17
C PRO A 42 -14.36 -1.90 -1.92
N SER A 43 -14.02 -2.43 -0.76
CA SER A 43 -14.60 -1.99 0.52
C SER A 43 -14.15 -0.56 0.86
N LEU A 44 -13.03 -0.14 0.29
CA LEU A 44 -12.45 1.15 0.63
C LEU A 44 -12.26 2.00 -0.61
N LYS A 45 -12.88 1.59 -1.71
CA LYS A 45 -12.78 2.34 -2.97
C LYS A 45 -13.60 3.62 -2.90
N ASN A 46 -14.43 3.74 -1.87
CA ASN A 46 -15.25 4.93 -1.67
C ASN A 46 -14.50 5.97 -0.85
N SER A 47 -13.19 5.88 -0.88
CA SER A 47 -12.33 6.82 -0.19
C SER A 47 -11.72 7.78 -1.20
N ASN A 48 -11.78 9.08 -0.92
CA ASN A 48 -11.18 10.08 -1.81
C ASN A 48 -9.70 9.77 -1.99
N PRO A 49 -9.24 9.74 -3.25
CA PRO A 49 -7.87 9.31 -3.57
C PRO A 49 -6.81 10.15 -2.88
N ASP A 50 -7.16 11.38 -2.54
CA ASP A 50 -6.23 12.28 -1.87
C ASP A 50 -6.09 11.90 -0.40
N GLU A 51 -7.16 11.31 0.15
CA GLU A 51 -7.22 10.96 1.57
C GLU A 51 -7.79 9.56 1.73
N ILE A 52 -7.07 8.54 1.27
CA ILE A 52 -7.61 7.19 1.24
C ILE A 52 -7.54 6.55 2.61
N GLU A 53 -8.43 5.60 2.87
CA GLU A 53 -8.43 4.87 4.13
C GLU A 53 -8.03 3.43 3.87
N ILE A 54 -7.05 2.94 4.62
CA ILE A 54 -6.63 1.55 4.51
C ILE A 54 -6.89 0.85 5.84
N ASP A 55 -7.38 -0.39 5.77
CA ASP A 55 -7.59 -1.16 6.99
C ASP A 55 -6.76 -2.43 6.93
N PHE A 56 -5.55 -2.34 7.47
CA PHE A 56 -4.55 -3.38 7.30
C PHE A 56 -4.98 -4.72 7.90
N GLU A 57 -5.99 -4.71 8.74
CA GLU A 57 -6.45 -5.93 9.38
C GLU A 57 -7.55 -6.61 8.55
N THR A 58 -7.97 -5.97 7.47
CA THR A 58 -9.02 -6.53 6.63
C THR A 58 -8.56 -6.70 5.18
N LEU A 59 -7.36 -6.22 4.86
CA LEU A 59 -6.84 -6.37 3.51
C LEU A 59 -6.55 -7.84 3.25
N LYS A 60 -6.67 -8.24 2.00
CA LYS A 60 -6.34 -9.58 1.58
C LYS A 60 -4.84 -9.82 1.71
N PRO A 61 -4.43 -11.07 2.01
CA PRO A 61 -3.01 -11.43 2.14
C PRO A 61 -2.22 -11.10 0.88
N SER A 62 -2.90 -11.17 -0.26
CA SER A 62 -2.27 -10.88 -1.53
C SER A 62 -2.13 -9.38 -1.74
N THR A 63 -3.08 -8.61 -1.21
CA THR A 63 -3.00 -7.16 -1.23
C THR A 63 -1.76 -6.73 -0.46
N LEU A 64 -1.60 -7.29 0.74
CA LEU A 64 -0.44 -6.98 1.59
C LEU A 64 0.87 -7.31 0.90
N ARG A 65 0.91 -8.44 0.22
CA ARG A 65 2.14 -8.87 -0.43
C ARG A 65 2.39 -8.06 -1.70
N GLU A 66 1.35 -7.40 -2.20
CA GLU A 66 1.50 -6.56 -3.36
C GLU A 66 1.98 -5.18 -2.92
N LEU A 67 1.44 -4.71 -1.80
CA LEU A 67 1.81 -3.43 -1.24
C LEU A 67 3.27 -3.50 -0.80
N GLU A 68 3.58 -4.55 -0.03
CA GLU A 68 4.91 -4.75 0.52
C GLU A 68 5.94 -5.02 -0.57
N ARG A 69 5.68 -6.02 -1.42
CA ARG A 69 6.62 -6.38 -2.49
C ARG A 69 6.99 -5.17 -3.34
N TYR A 70 6.02 -4.30 -3.56
CA TYR A 70 6.24 -3.15 -4.41
C TYR A 70 7.05 -2.06 -3.67
N VAL A 71 6.67 -1.76 -2.44
CA VAL A 71 7.34 -0.70 -1.71
C VAL A 71 8.79 -1.07 -1.41
N THR A 72 9.01 -2.30 -0.97
CA THR A 72 10.35 -2.76 -0.66
C THR A 72 11.26 -2.64 -1.88
N SER A 73 10.68 -2.78 -3.06
CA SER A 73 11.44 -2.62 -4.30
C SER A 73 11.87 -1.16 -4.49
N CYS A 74 11.10 -0.25 -3.92
CA CYS A 74 11.36 1.18 -4.04
C CYS A 74 12.26 1.67 -2.89
N LEU A 75 11.94 1.28 -1.66
CA LEU A 75 12.74 1.66 -0.48
C LEU A 75 14.19 1.22 -0.66
N ARG A 76 14.38 0.09 -1.32
CA ARG A 76 15.70 -0.49 -1.51
C ARG A 76 16.32 -0.03 -2.82
N LYS A 77 15.81 1.08 -3.34
CA LYS A 77 16.36 1.71 -4.54
C LYS A 77 16.11 3.22 -4.51
N LYS A 78 17.17 3.99 -4.27
CA LYS A 78 17.02 5.42 -4.05
C LYS A 78 16.93 6.18 -5.38
N ARG A 79 17.01 7.51 -5.27
CA ARG A 79 16.80 8.40 -6.40
C ARG A 79 15.35 8.34 -6.85
N LYS A 80 14.63 9.44 -6.65
CA LYS A 80 13.23 9.52 -7.03
C LYS A 80 13.02 10.58 -8.13
N PRO A 81 13.55 10.35 -9.35
CA PRO A 81 13.32 11.25 -10.49
C PRO A 81 11.83 11.49 -10.74
N GLN A 82 11.33 12.58 -10.20
CA GLN A 82 9.92 12.92 -10.32
C GLN A 82 9.74 14.18 -11.17
N ALA A 83 10.57 15.17 -10.89
CA ALA A 83 10.52 16.43 -11.61
C ALA A 83 11.91 17.00 -11.80
N GLU B 1 -6.33 -1.64 15.87
CA GLU B 1 -6.75 -1.08 14.57
C GLU B 1 -5.56 -0.48 13.84
N ILE B 2 -5.42 -0.81 12.56
CA ILE B 2 -4.33 -0.28 11.74
C ILE B 2 -4.88 0.38 10.48
N LYS B 3 -4.97 1.70 10.50
CA LYS B 3 -5.46 2.46 9.36
C LYS B 3 -4.33 3.28 8.77
N LEU B 4 -4.38 3.50 7.46
CA LEU B 4 -3.39 4.34 6.79
C LEU B 4 -4.08 5.38 5.93
N LYS B 5 -4.15 6.59 6.43
CA LYS B 5 -4.65 7.71 5.66
C LYS B 5 -3.56 8.26 4.76
N ILE B 6 -3.24 7.54 3.70
CA ILE B 6 -2.22 8.02 2.78
C ILE B 6 -2.72 9.30 2.10
N THR B 7 -1.97 10.38 2.25
CA THR B 7 -2.35 11.66 1.66
C THR B 7 -1.45 12.00 0.48
N LYS B 8 -1.99 11.92 -0.73
CA LYS B 8 -1.20 12.18 -1.94
C LYS B 8 -2.11 12.21 -3.18
N THR B 9 -1.50 11.99 -4.36
CA THR B 9 -2.17 12.00 -5.67
C THR B 9 -2.72 13.38 -6.01
N ILE B 10 -3.00 13.58 -7.30
CA ILE B 10 -3.51 14.85 -7.80
C ILE B 10 -2.59 15.99 -7.37
N GLN B 11 -1.38 15.99 -7.92
CA GLN B 11 -0.40 17.02 -7.60
C GLN B 11 -0.63 18.25 -8.45
N ASN B 12 -1.78 18.86 -8.26
CA ASN B 12 -2.15 20.05 -9.01
C ASN B 12 -1.55 21.29 -8.37
N SER A 1 -0.92 -15.05 -10.92
CA SER A 1 -0.79 -16.51 -10.75
C SER A 1 -1.53 -16.96 -9.47
N GLU A 2 -1.40 -18.23 -9.09
CA GLU A 2 -2.19 -18.75 -7.97
C GLU A 2 -1.60 -18.38 -6.61
N GLU A 3 -0.37 -18.82 -6.36
CA GLU A 3 0.25 -18.70 -5.04
C GLU A 3 0.39 -17.25 -4.58
N GLU A 4 0.45 -16.31 -5.52
CA GLU A 4 0.59 -14.90 -5.16
C GLU A 4 -0.71 -14.37 -4.56
N ASP A 5 -1.84 -14.85 -5.07
CA ASP A 5 -3.14 -14.43 -4.54
C ASP A 5 -3.55 -15.35 -3.39
N LYS A 6 -2.86 -16.48 -3.28
CA LYS A 6 -3.14 -17.45 -2.23
C LYS A 6 -2.03 -17.39 -1.18
N CYS A 7 -1.48 -16.20 -1.03
CA CYS A 7 -0.39 -15.98 -0.08
C CYS A 7 -0.94 -15.95 1.34
N LYS A 8 -0.09 -16.33 2.28
CA LYS A 8 -0.46 -16.36 3.68
C LYS A 8 -0.34 -14.97 4.29
N PRO A 9 -1.20 -14.65 5.28
CA PRO A 9 -1.20 -13.33 5.92
C PRO A 9 0.12 -13.04 6.60
N MET A 10 0.66 -11.87 6.33
CA MET A 10 1.86 -11.43 7.01
C MET A 10 1.53 -11.02 8.43
N SER A 11 2.56 -10.98 9.25
CA SER A 11 2.42 -10.73 10.68
C SER A 11 1.96 -9.30 10.99
N TYR A 12 1.58 -9.07 12.24
CA TYR A 12 1.19 -7.73 12.68
C TYR A 12 2.37 -6.77 12.53
N GLU A 13 3.57 -7.25 12.88
CA GLU A 13 4.78 -6.46 12.75
C GLU A 13 4.99 -6.02 11.30
N GLU A 14 4.81 -6.96 10.39
CA GLU A 14 5.03 -6.72 8.98
C GLU A 14 3.92 -5.87 8.37
N LYS A 15 2.68 -6.08 8.81
CA LYS A 15 1.57 -5.21 8.41
C LYS A 15 1.82 -3.76 8.83
N ARG A 16 2.24 -3.59 10.07
CA ARG A 16 2.54 -2.26 10.61
C ARG A 16 3.66 -1.61 9.81
N GLN A 17 4.71 -2.37 9.55
CA GLN A 17 5.85 -1.85 8.82
C GLN A 17 5.46 -1.54 7.38
N LEU A 18 4.57 -2.34 6.83
CA LEU A 18 4.06 -2.12 5.48
C LEU A 18 3.44 -0.72 5.40
N SER A 19 2.65 -0.39 6.41
CA SER A 19 2.05 0.93 6.52
C SER A 19 3.12 2.02 6.58
N LEU A 20 4.16 1.75 7.35
CA LEU A 20 5.26 2.69 7.53
C LEU A 20 6.11 2.81 6.28
N ASP A 21 6.23 1.71 5.54
CA ASP A 21 7.07 1.66 4.37
C ASP A 21 6.41 2.34 3.17
N ILE A 22 5.09 2.29 3.10
CA ILE A 22 4.35 3.03 2.07
C ILE A 22 4.45 4.52 2.33
N ASN A 23 4.46 4.85 3.61
CA ASN A 23 4.62 6.23 4.05
C ASN A 23 5.97 6.79 3.61
N LYS A 24 6.93 5.90 3.38
CA LYS A 24 8.28 6.30 2.96
C LYS A 24 8.33 6.68 1.47
N LEU A 25 7.46 6.06 0.69
CA LEU A 25 7.44 6.26 -0.76
C LEU A 25 7.19 7.73 -1.12
N PRO A 26 7.96 8.26 -2.08
CA PRO A 26 7.69 9.59 -2.65
C PRO A 26 6.32 9.62 -3.32
N GLY A 27 5.67 10.79 -3.30
CA GLY A 27 4.28 10.92 -3.75
C GLY A 27 3.96 10.19 -5.05
N GLU A 28 4.87 10.27 -6.03
CA GLU A 28 4.68 9.58 -7.31
C GLU A 28 4.50 8.09 -7.11
N LYS A 29 5.51 7.47 -6.48
CA LYS A 29 5.51 6.06 -6.19
C LYS A 29 4.35 5.69 -5.27
N LEU A 30 4.06 6.59 -4.34
CA LEU A 30 2.99 6.42 -3.39
C LEU A 30 1.64 6.24 -4.09
N GLY A 31 1.41 7.00 -5.15
CA GLY A 31 0.14 6.92 -5.88
C GLY A 31 -0.18 5.52 -6.36
N ARG A 32 0.86 4.70 -6.55
CA ARG A 32 0.68 3.33 -6.96
C ARG A 32 -0.04 2.53 -5.88
N VAL A 33 0.46 2.63 -4.66
CA VAL A 33 -0.05 1.82 -3.55
C VAL A 33 -1.48 2.18 -3.22
N VAL A 34 -1.75 3.48 -3.09
CA VAL A 34 -3.12 3.97 -2.86
C VAL A 34 -4.06 3.35 -3.91
N HIS A 35 -3.56 3.28 -5.13
CA HIS A 35 -4.30 2.67 -6.23
C HIS A 35 -4.43 1.16 -6.04
N ILE A 36 -3.34 0.51 -5.63
CA ILE A 36 -3.34 -0.94 -5.42
C ILE A 36 -4.41 -1.36 -4.42
N ILE A 37 -4.40 -0.73 -3.24
CA ILE A 37 -5.36 -1.10 -2.19
C ILE A 37 -6.79 -0.87 -2.65
N GLN A 38 -7.06 0.33 -3.17
CA GLN A 38 -8.39 0.69 -3.65
C GLN A 38 -8.89 -0.27 -4.73
N SER A 39 -7.97 -0.80 -5.51
CA SER A 39 -8.33 -1.72 -6.58
C SER A 39 -8.61 -3.12 -6.03
N ARG A 40 -7.75 -3.59 -5.13
CA ARG A 40 -7.88 -4.95 -4.60
C ARG A 40 -8.95 -5.03 -3.52
N GLU A 41 -9.10 -3.95 -2.76
CA GLU A 41 -10.11 -3.88 -1.73
C GLU A 41 -11.24 -2.94 -2.16
N PRO A 42 -12.27 -3.46 -2.86
CA PRO A 42 -13.41 -2.64 -3.32
C PRO A 42 -14.24 -2.11 -2.16
N SER A 43 -13.93 -2.54 -0.95
CA SER A 43 -14.65 -2.09 0.23
C SER A 43 -14.23 -0.68 0.66
N LEU A 44 -13.09 -0.22 0.16
CA LEU A 44 -12.59 1.10 0.53
C LEU A 44 -12.36 1.98 -0.70
N LYS A 45 -12.90 1.57 -1.84
CA LYS A 45 -12.73 2.34 -3.07
C LYS A 45 -13.59 3.60 -3.03
N ASN A 46 -14.43 3.71 -2.01
CA ASN A 46 -15.26 4.89 -1.80
C ASN A 46 -14.44 6.00 -1.17
N SER A 47 -13.25 5.66 -0.70
CA SER A 47 -12.38 6.62 -0.04
C SER A 47 -11.81 7.61 -1.04
N ASN A 48 -11.86 8.91 -0.72
CA ASN A 48 -11.30 9.93 -1.60
C ASN A 48 -9.82 9.63 -1.83
N PRO A 49 -9.38 9.66 -3.09
CA PRO A 49 -8.02 9.26 -3.46
C PRO A 49 -6.95 10.10 -2.77
N ASP A 50 -7.32 11.29 -2.33
CA ASP A 50 -6.39 12.18 -1.66
C ASP A 50 -6.23 11.79 -0.19
N GLU A 51 -7.30 11.24 0.38
CA GLU A 51 -7.36 10.88 1.79
C GLU A 51 -7.90 9.47 1.94
N ILE A 52 -7.16 8.48 1.48
CA ILE A 52 -7.68 7.14 1.37
C ILE A 52 -7.68 6.43 2.73
N GLU A 53 -8.71 5.62 2.95
CA GLU A 53 -8.90 4.94 4.22
C GLU A 53 -8.51 3.47 4.08
N ILE A 54 -7.39 3.09 4.66
CA ILE A 54 -6.90 1.72 4.57
C ILE A 54 -7.08 1.00 5.90
N ASP A 55 -7.56 -0.24 5.85
CA ASP A 55 -7.72 -1.01 7.07
C ASP A 55 -6.88 -2.28 6.95
N PHE A 56 -5.66 -2.21 7.48
CA PHE A 56 -4.67 -3.25 7.27
C PHE A 56 -5.09 -4.61 7.82
N GLU A 57 -6.09 -4.62 8.69
CA GLU A 57 -6.54 -5.85 9.30
C GLU A 57 -7.65 -6.50 8.48
N THR A 58 -8.02 -5.87 7.37
CA THR A 58 -9.07 -6.40 6.52
C THR A 58 -8.61 -6.54 5.07
N LEU A 59 -7.41 -6.05 4.76
CA LEU A 59 -6.86 -6.20 3.42
C LEU A 59 -6.57 -7.66 3.18
N LYS A 60 -6.81 -8.12 1.96
CA LYS A 60 -6.50 -9.48 1.58
C LYS A 60 -4.99 -9.71 1.65
N PRO A 61 -4.57 -10.92 2.05
CA PRO A 61 -3.15 -11.29 2.16
C PRO A 61 -2.39 -11.01 0.88
N SER A 62 -3.09 -11.17 -0.24
CA SER A 62 -2.51 -10.92 -1.55
C SER A 62 -2.27 -9.42 -1.75
N THR A 63 -3.18 -8.62 -1.24
CA THR A 63 -3.05 -7.17 -1.29
C THR A 63 -1.82 -6.74 -0.52
N LEU A 64 -1.68 -7.27 0.70
CA LEU A 64 -0.53 -6.95 1.55
C LEU A 64 0.79 -7.29 0.88
N ARG A 65 0.85 -8.44 0.23
CA ARG A 65 2.10 -8.90 -0.38
C ARG A 65 2.39 -8.15 -1.66
N GLU A 66 1.38 -7.47 -2.20
CA GLU A 66 1.56 -6.61 -3.35
C GLU A 66 2.01 -5.24 -2.88
N LEU A 67 1.41 -4.77 -1.79
CA LEU A 67 1.75 -3.47 -1.23
C LEU A 67 3.19 -3.51 -0.74
N GLU A 68 3.52 -4.58 -0.03
CA GLU A 68 4.82 -4.75 0.59
C GLU A 68 5.90 -5.01 -0.45
N ARG A 69 5.70 -6.04 -1.28
CA ARG A 69 6.68 -6.36 -2.33
C ARG A 69 7.01 -5.14 -3.16
N TYR A 70 6.01 -4.29 -3.36
CA TYR A 70 6.19 -3.11 -4.17
C TYR A 70 7.02 -2.06 -3.44
N VAL A 71 6.64 -1.73 -2.21
CA VAL A 71 7.32 -0.69 -1.46
C VAL A 71 8.74 -1.10 -1.11
N THR A 72 8.92 -2.33 -0.66
CA THR A 72 10.24 -2.83 -0.27
C THR A 72 11.20 -2.75 -1.45
N SER A 73 10.66 -2.86 -2.66
CA SER A 73 11.46 -2.75 -3.87
C SER A 73 11.86 -1.30 -4.16
N CYS A 74 11.09 -0.36 -3.62
CA CYS A 74 11.38 1.05 -3.81
C CYS A 74 12.30 1.58 -2.71
N LEU A 75 11.93 1.31 -1.46
CA LEU A 75 12.73 1.70 -0.30
C LEU A 75 14.17 1.21 -0.43
N ARG A 76 14.31 -0.01 -0.91
CA ARG A 76 15.60 -0.67 -1.01
C ARG A 76 16.24 -0.44 -2.37
N LYS A 77 15.94 0.71 -2.95
CA LYS A 77 16.44 1.06 -4.28
C LYS A 77 16.75 2.56 -4.29
N LYS A 78 17.37 3.08 -5.35
CA LYS A 78 17.78 4.48 -5.39
C LYS A 78 16.63 5.44 -5.12
N ARG A 79 15.47 5.19 -5.75
CA ARG A 79 14.26 6.01 -5.61
C ARG A 79 14.54 7.52 -5.62
N LYS A 80 14.57 8.08 -6.82
CA LYS A 80 14.81 9.51 -7.00
C LYS A 80 13.92 10.06 -8.12
N PRO A 81 12.61 10.16 -7.87
CA PRO A 81 11.66 10.65 -8.87
C PRO A 81 11.92 12.11 -9.25
N GLN A 82 12.54 12.29 -10.42
CA GLN A 82 12.90 13.62 -10.89
C GLN A 82 12.41 13.81 -12.32
N ALA A 83 11.57 12.89 -12.76
CA ALA A 83 11.05 12.92 -14.12
C ALA A 83 9.70 12.24 -14.17
N GLU B 1 -6.64 -2.93 13.98
CA GLU B 1 -6.24 -1.65 14.63
C GLU B 1 -5.08 -0.98 13.89
N ILE B 2 -5.04 -1.13 12.56
CA ILE B 2 -4.01 -0.50 11.76
C ILE B 2 -4.63 0.20 10.55
N LYS B 3 -4.64 1.51 10.59
CA LYS B 3 -5.24 2.32 9.53
C LYS B 3 -4.18 3.18 8.87
N LEU B 4 -4.22 3.29 7.55
CA LEU B 4 -3.27 4.11 6.83
C LEU B 4 -3.99 5.16 6.00
N LYS B 5 -4.01 6.38 6.50
CA LYS B 5 -4.53 7.50 5.75
C LYS B 5 -3.46 8.10 4.87
N ILE B 6 -3.18 7.46 3.73
CA ILE B 6 -2.18 8.02 2.83
C ILE B 6 -2.72 9.28 2.18
N THR B 7 -2.11 10.41 2.47
CA THR B 7 -2.52 11.66 1.87
C THR B 7 -1.60 12.04 0.71
N LYS B 8 -2.14 12.01 -0.50
CA LYS B 8 -1.38 12.34 -1.71
C LYS B 8 -2.29 12.40 -2.93
N THR B 9 -1.68 12.39 -4.12
CA THR B 9 -2.37 12.50 -5.43
C THR B 9 -3.05 13.86 -5.62
N ILE B 10 -3.13 14.64 -4.54
CA ILE B 10 -3.62 16.01 -4.62
C ILE B 10 -2.53 16.89 -5.20
N GLN B 11 -1.30 16.41 -5.11
CA GLN B 11 -0.16 17.08 -5.70
C GLN B 11 0.50 16.17 -6.71
N ASN B 12 1.14 16.76 -7.71
CA ASN B 12 1.80 15.99 -8.75
C ASN B 12 3.30 16.03 -8.58
N SER A 1 1.98 -16.27 -10.79
CA SER A 1 1.01 -15.17 -10.67
C SER A 1 -0.06 -15.46 -9.62
N GLU A 2 -0.39 -16.73 -9.40
CA GLU A 2 -1.43 -17.07 -8.44
C GLU A 2 -0.87 -17.15 -7.02
N GLU A 3 0.45 -17.08 -6.91
CA GLU A 3 1.14 -17.19 -5.62
C GLU A 3 0.72 -16.07 -4.66
N GLU A 4 0.28 -14.95 -5.20
CA GLU A 4 -0.14 -13.83 -4.36
C GLU A 4 -1.53 -14.06 -3.78
N ASP A 5 -2.42 -14.68 -4.55
CA ASP A 5 -3.78 -14.96 -4.10
C ASP A 5 -3.76 -16.17 -3.17
N LYS A 6 -2.66 -16.91 -3.19
CA LYS A 6 -2.52 -18.10 -2.36
C LYS A 6 -1.53 -17.80 -1.24
N CYS A 7 -1.23 -16.53 -1.06
CA CYS A 7 -0.23 -16.10 -0.09
C CYS A 7 -0.83 -16.04 1.30
N LYS A 8 -0.04 -16.41 2.29
CA LYS A 8 -0.47 -16.34 3.68
C LYS A 8 -0.30 -14.91 4.22
N PRO A 9 -1.18 -14.50 5.15
CA PRO A 9 -1.13 -13.15 5.73
C PRO A 9 0.14 -12.93 6.54
N MET A 10 0.69 -11.73 6.43
CA MET A 10 1.83 -11.36 7.24
C MET A 10 1.39 -10.98 8.65
N SER A 11 2.32 -10.99 9.57
CA SER A 11 2.03 -10.76 10.99
C SER A 11 1.79 -9.27 11.29
N TYR A 12 1.47 -8.98 12.55
CA TYR A 12 1.14 -7.62 12.96
C TYR A 12 2.32 -6.67 12.75
N GLU A 13 3.51 -7.10 13.15
CA GLU A 13 4.71 -6.27 13.05
C GLU A 13 4.98 -5.90 11.59
N GLU A 14 4.62 -6.81 10.69
CA GLU A 14 4.85 -6.60 9.26
C GLU A 14 3.78 -5.67 8.68
N LYS A 15 2.51 -5.92 9.03
CA LYS A 15 1.42 -5.08 8.60
C LYS A 15 1.63 -3.62 9.00
N ARG A 16 2.03 -3.41 10.26
CA ARG A 16 2.32 -2.07 10.74
C ARG A 16 3.50 -1.46 9.98
N GLN A 17 4.51 -2.28 9.69
CA GLN A 17 5.70 -1.81 8.99
C GLN A 17 5.35 -1.49 7.54
N LEU A 18 4.31 -2.11 7.04
CA LEU A 18 3.84 -1.88 5.68
C LEU A 18 3.16 -0.52 5.60
N SER A 19 2.44 -0.17 6.64
CA SER A 19 1.90 1.18 6.76
C SER A 19 3.05 2.18 6.78
N LEU A 20 4.15 1.78 7.39
CA LEU A 20 5.33 2.62 7.50
C LEU A 20 6.11 2.68 6.18
N ASP A 21 6.09 1.59 5.42
CA ASP A 21 6.88 1.51 4.20
C ASP A 21 6.21 2.25 3.04
N ILE A 22 4.89 2.28 3.01
CA ILE A 22 4.16 3.07 2.02
C ILE A 22 4.31 4.55 2.34
N ASN A 23 4.35 4.85 3.63
CA ASN A 23 4.59 6.21 4.10
C ASN A 23 5.95 6.73 3.60
N LYS A 24 6.85 5.81 3.32
CA LYS A 24 8.20 6.16 2.87
C LYS A 24 8.23 6.53 1.39
N LEU A 25 7.30 5.99 0.63
CA LEU A 25 7.27 6.22 -0.82
C LEU A 25 6.92 7.66 -1.16
N PRO A 26 7.76 8.31 -1.98
CA PRO A 26 7.47 9.64 -2.55
C PRO A 26 6.19 9.61 -3.39
N GLY A 27 5.52 10.76 -3.50
CA GLY A 27 4.20 10.82 -4.14
C GLY A 27 4.07 10.04 -5.44
N GLU A 28 5.09 10.07 -6.29
CA GLU A 28 5.09 9.31 -7.54
C GLU A 28 4.89 7.82 -7.25
N LYS A 29 5.77 7.29 -6.44
CA LYS A 29 5.77 5.89 -6.07
C LYS A 29 4.56 5.56 -5.20
N LEU A 30 4.19 6.52 -4.38
CA LEU A 30 3.08 6.38 -3.44
C LEU A 30 1.75 6.19 -4.15
N GLY A 31 1.51 6.95 -5.22
CA GLY A 31 0.23 6.88 -5.92
C GLY A 31 -0.09 5.48 -6.42
N ARG A 32 0.93 4.65 -6.62
CA ARG A 32 0.71 3.27 -7.02
C ARG A 32 0.03 2.49 -5.91
N VAL A 33 0.57 2.57 -4.70
CA VAL A 33 0.05 1.76 -3.58
C VAL A 33 -1.38 2.15 -3.24
N VAL A 34 -1.63 3.45 -3.08
CA VAL A 34 -3.00 3.94 -2.83
C VAL A 34 -3.94 3.33 -3.86
N HIS A 35 -3.47 3.30 -5.10
CA HIS A 35 -4.23 2.76 -6.21
C HIS A 35 -4.35 1.23 -6.09
N ILE A 36 -3.26 0.56 -5.72
CA ILE A 36 -3.26 -0.89 -5.58
C ILE A 36 -4.35 -1.32 -4.60
N ILE A 37 -4.35 -0.73 -3.41
CA ILE A 37 -5.32 -1.13 -2.39
C ILE A 37 -6.74 -0.91 -2.88
N GLN A 38 -7.04 0.30 -3.34
CA GLN A 38 -8.37 0.63 -3.83
C GLN A 38 -8.80 -0.28 -4.98
N SER A 39 -7.82 -0.73 -5.77
CA SER A 39 -8.11 -1.57 -6.92
C SER A 39 -8.29 -3.04 -6.51
N ARG A 40 -7.63 -3.46 -5.44
CA ARG A 40 -7.76 -4.84 -5.00
C ARG A 40 -8.93 -4.96 -4.04
N GLU A 41 -9.13 -3.90 -3.28
CA GLU A 41 -10.17 -3.84 -2.28
C GLU A 41 -11.20 -2.77 -2.60
N PRO A 42 -12.19 -3.09 -3.46
CA PRO A 42 -13.25 -2.15 -3.84
C PRO A 42 -14.09 -1.70 -2.64
N SER A 43 -13.94 -2.41 -1.54
CA SER A 43 -14.66 -2.11 -0.32
C SER A 43 -14.23 -0.77 0.28
N LEU A 44 -13.03 -0.33 -0.06
CA LEU A 44 -12.49 0.90 0.51
C LEU A 44 -12.29 1.96 -0.56
N LYS A 45 -12.91 1.77 -1.71
CA LYS A 45 -12.80 2.76 -2.78
C LYS A 45 -13.73 3.93 -2.49
N ASN A 46 -14.49 3.83 -1.41
CA ASN A 46 -15.36 4.91 -0.96
C ASN A 46 -14.53 6.04 -0.36
N SER A 47 -13.35 5.68 0.12
CA SER A 47 -12.42 6.65 0.68
C SER A 47 -11.88 7.53 -0.44
N ASN A 48 -11.94 8.84 -0.26
CA ASN A 48 -11.49 9.78 -1.28
C ASN A 48 -10.04 9.48 -1.64
N PRO A 49 -9.73 9.33 -2.94
CA PRO A 49 -8.41 8.91 -3.40
C PRO A 49 -7.28 9.86 -2.97
N ASP A 50 -7.61 11.03 -2.47
CA ASP A 50 -6.60 11.96 -1.95
C ASP A 50 -6.37 11.72 -0.46
N GLU A 51 -7.41 11.28 0.22
CA GLU A 51 -7.38 11.03 1.66
C GLU A 51 -7.83 9.61 1.93
N ILE A 52 -7.10 8.66 1.39
CA ILE A 52 -7.55 7.28 1.41
C ILE A 52 -7.40 6.67 2.81
N GLU A 53 -8.27 5.74 3.13
CA GLU A 53 -8.22 5.06 4.41
C GLU A 53 -8.00 3.57 4.22
N ILE A 54 -6.86 3.09 4.67
CA ILE A 54 -6.54 1.68 4.56
C ILE A 54 -6.77 0.99 5.90
N ASP A 55 -7.36 -0.19 5.87
CA ASP A 55 -7.58 -0.95 7.10
C ASP A 55 -6.78 -2.23 7.03
N PHE A 56 -5.58 -2.20 7.60
CA PHE A 56 -4.63 -3.29 7.43
C PHE A 56 -5.10 -4.60 8.03
N GLU A 57 -6.16 -4.57 8.83
CA GLU A 57 -6.71 -5.79 9.40
C GLU A 57 -7.83 -6.36 8.54
N THR A 58 -8.11 -5.73 7.40
CA THR A 58 -9.14 -6.22 6.51
C THR A 58 -8.61 -6.48 5.11
N LEU A 59 -7.41 -5.98 4.81
CA LEU A 59 -6.83 -6.17 3.48
C LEU A 59 -6.56 -7.64 3.23
N LYS A 60 -6.77 -8.05 2.00
CA LYS A 60 -6.51 -9.41 1.57
C LYS A 60 -4.99 -9.67 1.64
N PRO A 61 -4.61 -10.93 1.94
CA PRO A 61 -3.19 -11.31 2.02
C PRO A 61 -2.44 -11.04 0.73
N SER A 62 -3.16 -11.06 -0.38
CA SER A 62 -2.57 -10.78 -1.68
C SER A 62 -2.29 -9.29 -1.80
N THR A 63 -3.17 -8.48 -1.26
CA THR A 63 -3.01 -7.04 -1.25
C THR A 63 -1.76 -6.67 -0.46
N LEU A 64 -1.65 -7.20 0.76
CA LEU A 64 -0.50 -6.96 1.62
C LEU A 64 0.81 -7.33 0.94
N ARG A 65 0.80 -8.44 0.23
CA ARG A 65 2.02 -8.94 -0.39
C ARG A 65 2.32 -8.19 -1.68
N GLU A 66 1.32 -7.48 -2.20
CA GLU A 66 1.53 -6.64 -3.37
C GLU A 66 1.98 -5.26 -2.93
N LEU A 67 1.44 -4.78 -1.81
CA LEU A 67 1.80 -3.49 -1.26
C LEU A 67 3.25 -3.56 -0.79
N GLU A 68 3.53 -4.58 0.02
CA GLU A 68 4.84 -4.77 0.62
C GLU A 68 5.91 -5.07 -0.45
N ARG A 69 5.64 -6.08 -1.30
CA ARG A 69 6.58 -6.42 -2.37
C ARG A 69 6.95 -5.20 -3.22
N TYR A 70 5.98 -4.35 -3.47
CA TYR A 70 6.17 -3.20 -4.33
C TYR A 70 6.98 -2.11 -3.62
N VAL A 71 6.61 -1.78 -2.40
CA VAL A 71 7.28 -0.71 -1.68
C VAL A 71 8.71 -1.07 -1.37
N THR A 72 8.95 -2.30 -0.94
CA THR A 72 10.29 -2.76 -0.61
C THR A 72 11.21 -2.63 -1.83
N SER A 73 10.64 -2.76 -3.02
CA SER A 73 11.41 -2.59 -4.25
C SER A 73 11.89 -1.15 -4.36
N CYS A 74 11.09 -0.23 -3.81
CA CYS A 74 11.37 1.19 -3.89
C CYS A 74 12.24 1.65 -2.72
N LEU A 75 11.88 1.24 -1.51
CA LEU A 75 12.67 1.56 -0.31
C LEU A 75 14.12 1.11 -0.48
N ARG A 76 14.31 0.10 -1.32
CA ARG A 76 15.63 -0.46 -1.55
C ARG A 76 16.18 -0.03 -2.92
N LYS A 77 15.55 0.99 -3.50
CA LYS A 77 16.01 1.59 -4.77
C LYS A 77 15.38 2.97 -4.96
N LYS A 78 16.15 4.04 -4.72
CA LYS A 78 15.56 5.37 -4.57
C LYS A 78 15.90 6.30 -5.71
N ARG A 79 16.75 5.87 -6.65
CA ARG A 79 17.24 6.77 -7.69
C ARG A 79 16.19 7.09 -8.75
N LYS A 80 15.22 7.94 -8.37
CA LYS A 80 14.22 8.45 -9.29
C LYS A 80 13.76 9.84 -8.87
N PRO A 81 14.56 10.87 -9.12
CA PRO A 81 14.19 12.25 -8.80
C PRO A 81 13.17 12.82 -9.79
N GLN A 82 12.08 13.35 -9.26
CA GLN A 82 11.07 13.99 -10.10
C GLN A 82 10.95 15.46 -9.73
N ALA A 83 10.92 15.73 -8.44
CA ALA A 83 10.89 17.09 -7.94
C ALA A 83 12.26 17.48 -7.40
N GLU B 1 -5.67 -1.83 15.65
CA GLU B 1 -6.21 -0.84 14.69
C GLU B 1 -5.07 -0.21 13.91
N ILE B 2 -4.95 -0.58 12.64
CA ILE B 2 -3.91 -0.03 11.77
C ILE B 2 -4.55 0.63 10.55
N LYS B 3 -4.80 1.93 10.65
CA LYS B 3 -5.36 2.70 9.55
C LYS B 3 -4.28 3.54 8.89
N LEU B 4 -4.15 3.43 7.59
CA LEU B 4 -3.21 4.26 6.86
C LEU B 4 -3.95 5.33 6.07
N LYS B 5 -3.87 6.56 6.56
CA LYS B 5 -4.39 7.70 5.83
C LYS B 5 -3.31 8.23 4.90
N ILE B 6 -3.19 7.66 3.71
CA ILE B 6 -2.19 8.15 2.78
C ILE B 6 -2.67 9.45 2.14
N THR B 7 -2.27 10.57 2.72
CA THR B 7 -2.61 11.86 2.17
C THR B 7 -1.64 12.25 1.06
N LYS B 8 -2.15 12.23 -0.18
CA LYS B 8 -1.32 12.52 -1.35
C LYS B 8 -2.21 12.74 -2.57
N THR B 9 -1.60 12.72 -3.75
CA THR B 9 -2.29 12.88 -5.04
C THR B 9 -3.09 14.19 -5.12
N ILE B 10 -2.81 15.10 -4.19
CA ILE B 10 -3.47 16.40 -4.19
C ILE B 10 -2.87 17.29 -5.27
N GLN B 11 -1.61 17.02 -5.60
CA GLN B 11 -0.91 17.73 -6.65
C GLN B 11 -0.47 16.76 -7.73
N ASN B 12 -1.43 16.26 -8.50
CA ASN B 12 -1.14 15.32 -9.57
C ASN B 12 -1.07 16.04 -10.90
N SER A 1 2.93 -19.87 -8.89
CA SER A 1 2.58 -18.50 -9.33
C SER A 1 1.38 -17.96 -8.56
N GLU A 2 0.49 -18.85 -8.10
CA GLU A 2 -0.74 -18.43 -7.42
C GLU A 2 -0.48 -18.08 -5.96
N GLU A 3 0.70 -18.43 -5.47
CA GLU A 3 1.05 -18.25 -4.07
C GLU A 3 1.02 -16.79 -3.64
N GLU A 4 1.03 -15.87 -4.60
CA GLU A 4 0.98 -14.45 -4.26
C GLU A 4 -0.45 -14.00 -4.05
N ASP A 5 -1.38 -14.59 -4.79
CA ASP A 5 -2.79 -14.21 -4.71
C ASP A 5 -3.51 -15.04 -3.63
N LYS A 6 -2.88 -16.13 -3.20
CA LYS A 6 -3.44 -16.95 -2.13
C LYS A 6 -2.40 -17.07 -1.02
N CYS A 7 -1.65 -16.00 -0.84
CA CYS A 7 -0.60 -15.94 0.17
C CYS A 7 -1.21 -15.91 1.58
N LYS A 8 -0.41 -16.28 2.56
CA LYS A 8 -0.82 -16.20 3.96
C LYS A 8 -0.57 -14.79 4.49
N PRO A 9 -1.43 -14.30 5.40
CA PRO A 9 -1.31 -12.97 5.98
C PRO A 9 -0.02 -12.79 6.75
N MET A 10 0.61 -11.65 6.56
CA MET A 10 1.79 -11.29 7.34
C MET A 10 1.35 -10.84 8.72
N SER A 11 2.25 -10.93 9.69
CA SER A 11 1.91 -10.70 11.09
C SER A 11 1.66 -9.21 11.40
N TYR A 12 1.29 -8.94 12.64
CA TYR A 12 1.00 -7.58 13.11
C TYR A 12 2.19 -6.67 12.86
N GLU A 13 3.39 -7.16 13.17
CA GLU A 13 4.62 -6.39 13.01
C GLU A 13 4.84 -6.00 11.56
N GLU A 14 4.47 -6.91 10.66
CA GLU A 14 4.69 -6.73 9.24
C GLU A 14 3.65 -5.78 8.64
N LYS A 15 2.39 -5.99 9.00
CA LYS A 15 1.31 -5.12 8.57
C LYS A 15 1.57 -3.68 9.01
N ARG A 16 2.02 -3.52 10.25
CA ARG A 16 2.38 -2.21 10.78
C ARG A 16 3.52 -1.59 9.98
N GLN A 17 4.55 -2.39 9.73
CA GLN A 17 5.72 -1.93 9.00
C GLN A 17 5.38 -1.58 7.57
N LEU A 18 4.34 -2.22 7.05
CA LEU A 18 3.88 -1.99 5.69
C LEU A 18 3.20 -0.63 5.60
N SER A 19 2.45 -0.27 6.61
CA SER A 19 1.88 1.06 6.69
C SER A 19 3.00 2.09 6.71
N LEU A 20 4.09 1.72 7.37
CA LEU A 20 5.24 2.58 7.52
C LEU A 20 6.06 2.66 6.23
N ASP A 21 6.08 1.56 5.46
CA ASP A 21 6.91 1.49 4.27
C ASP A 21 6.27 2.19 3.08
N ILE A 22 4.94 2.17 2.99
CA ILE A 22 4.23 2.90 1.94
C ILE A 22 4.27 4.39 2.23
N ASN A 23 4.22 4.73 3.51
CA ASN A 23 4.32 6.11 3.95
C ASN A 23 5.68 6.71 3.57
N LYS A 24 6.65 5.84 3.30
CA LYS A 24 7.98 6.26 2.90
C LYS A 24 8.01 6.70 1.44
N LEU A 25 7.21 6.05 0.62
CA LEU A 25 7.17 6.34 -0.81
C LEU A 25 6.72 7.78 -1.07
N PRO A 26 7.52 8.54 -1.84
CA PRO A 26 7.11 9.87 -2.31
C PRO A 26 5.80 9.82 -3.08
N GLY A 27 5.03 10.90 -3.03
CA GLY A 27 3.67 10.92 -3.57
C GLY A 27 3.51 10.25 -4.93
N GLU A 28 4.48 10.45 -5.81
CA GLU A 28 4.45 9.85 -7.14
C GLU A 28 4.45 8.32 -7.05
N LYS A 29 5.45 7.77 -6.36
CA LYS A 29 5.56 6.34 -6.14
C LYS A 29 4.39 5.86 -5.29
N LEU A 30 4.02 6.68 -4.33
CA LEU A 30 2.95 6.38 -3.39
C LEU A 30 1.62 6.18 -4.12
N GLY A 31 1.37 6.98 -5.16
CA GLY A 31 0.13 6.89 -5.90
C GLY A 31 -0.19 5.48 -6.38
N ARG A 32 0.86 4.71 -6.66
CA ARG A 32 0.70 3.32 -7.08
C ARG A 32 0.00 2.51 -6.00
N VAL A 33 0.48 2.65 -4.77
CA VAL A 33 0.01 1.82 -3.66
C VAL A 33 -1.42 2.16 -3.29
N VAL A 34 -1.71 3.45 -3.16
CA VAL A 34 -3.08 3.91 -2.93
C VAL A 34 -4.00 3.29 -3.97
N HIS A 35 -3.51 3.23 -5.19
CA HIS A 35 -4.23 2.59 -6.29
C HIS A 35 -4.34 1.08 -6.08
N ILE A 36 -3.24 0.44 -5.68
CA ILE A 36 -3.21 -1.01 -5.47
C ILE A 36 -4.27 -1.43 -4.45
N ILE A 37 -4.27 -0.78 -3.29
CA ILE A 37 -5.22 -1.14 -2.24
C ILE A 37 -6.65 -0.92 -2.69
N GLN A 38 -6.94 0.26 -3.22
CA GLN A 38 -8.28 0.60 -3.71
C GLN A 38 -8.76 -0.40 -4.77
N SER A 39 -7.84 -0.88 -5.58
CA SER A 39 -8.16 -1.83 -6.63
C SER A 39 -8.48 -3.20 -6.04
N ARG A 40 -7.63 -3.68 -5.13
CA ARG A 40 -7.79 -5.01 -4.56
C ARG A 40 -8.88 -5.04 -3.50
N GLU A 41 -8.99 -3.96 -2.74
CA GLU A 41 -9.98 -3.86 -1.67
C GLU A 41 -11.12 -2.92 -2.06
N PRO A 42 -12.22 -3.48 -2.61
CA PRO A 42 -13.40 -2.68 -2.96
C PRO A 42 -14.03 -2.02 -1.74
N SER A 43 -13.77 -2.57 -0.57
CA SER A 43 -14.36 -2.09 0.68
C SER A 43 -13.93 -0.67 1.02
N LEU A 44 -12.82 -0.22 0.42
CA LEU A 44 -12.31 1.13 0.71
C LEU A 44 -12.14 1.94 -0.56
N LYS A 45 -12.73 1.46 -1.66
CA LYS A 45 -12.62 2.17 -2.94
C LYS A 45 -13.46 3.45 -2.91
N ASN A 46 -14.26 3.58 -1.86
CA ASN A 46 -15.09 4.76 -1.66
C ASN A 46 -14.29 5.88 -1.00
N SER A 47 -13.04 5.59 -0.65
CA SER A 47 -12.18 6.58 -0.04
C SER A 47 -11.66 7.53 -1.12
N ASN A 48 -11.76 8.83 -0.86
CA ASN A 48 -11.27 9.84 -1.81
C ASN A 48 -9.80 9.58 -2.09
N PRO A 49 -9.41 9.55 -3.38
CA PRO A 49 -8.05 9.17 -3.78
C PRO A 49 -6.97 10.08 -3.18
N ASP A 50 -7.36 11.26 -2.73
CA ASP A 50 -6.40 12.18 -2.11
C ASP A 50 -6.18 11.81 -0.64
N GLU A 51 -7.23 11.30 -0.01
CA GLU A 51 -7.22 10.96 1.41
C GLU A 51 -7.77 9.55 1.60
N ILE A 52 -6.97 8.54 1.32
CA ILE A 52 -7.49 7.19 1.28
C ILE A 52 -7.42 6.54 2.66
N GLU A 53 -8.37 5.66 2.92
CA GLU A 53 -8.54 5.05 4.22
C GLU A 53 -8.12 3.58 4.16
N ILE A 54 -6.97 3.24 4.74
CA ILE A 54 -6.50 1.86 4.72
C ILE A 54 -6.86 1.17 6.04
N ASP A 55 -7.39 -0.04 5.95
CA ASP A 55 -7.62 -0.85 7.15
C ASP A 55 -6.82 -2.13 7.03
N PHE A 56 -5.64 -2.15 7.63
CA PHE A 56 -4.66 -3.21 7.39
C PHE A 56 -5.14 -4.58 7.87
N GLU A 57 -6.20 -4.62 8.65
CA GLU A 57 -6.72 -5.87 9.14
C GLU A 57 -7.83 -6.43 8.23
N THR A 58 -8.17 -5.69 7.20
CA THR A 58 -9.19 -6.13 6.27
C THR A 58 -8.66 -6.27 4.86
N LEU A 59 -7.43 -5.82 4.64
CA LEU A 59 -6.79 -6.01 3.33
C LEU A 59 -6.50 -7.48 3.13
N LYS A 60 -6.73 -7.97 1.93
CA LYS A 60 -6.44 -9.36 1.59
C LYS A 60 -4.93 -9.61 1.69
N PRO A 61 -4.53 -10.85 2.05
CA PRO A 61 -3.12 -11.22 2.21
C PRO A 61 -2.33 -10.99 0.93
N SER A 62 -3.02 -11.10 -0.20
CA SER A 62 -2.41 -10.86 -1.49
C SER A 62 -2.16 -9.38 -1.70
N THR A 63 -3.06 -8.55 -1.16
CA THR A 63 -2.91 -7.12 -1.20
C THR A 63 -1.68 -6.70 -0.42
N LEU A 64 -1.57 -7.22 0.80
CA LEU A 64 -0.40 -6.94 1.65
C LEU A 64 0.90 -7.31 0.95
N ARG A 65 0.90 -8.44 0.27
CA ARG A 65 2.11 -8.93 -0.38
C ARG A 65 2.36 -8.19 -1.68
N GLU A 66 1.37 -7.47 -2.17
CA GLU A 66 1.54 -6.64 -3.34
C GLU A 66 2.02 -5.26 -2.92
N LEU A 67 1.48 -4.78 -1.81
CA LEU A 67 1.85 -3.49 -1.27
C LEU A 67 3.30 -3.53 -0.83
N GLU A 68 3.60 -4.55 -0.02
CA GLU A 68 4.92 -4.73 0.55
C GLU A 68 5.97 -5.00 -0.53
N ARG A 69 5.72 -6.01 -1.36
CA ARG A 69 6.64 -6.37 -2.45
C ARG A 69 6.97 -5.15 -3.31
N TYR A 70 5.98 -4.30 -3.52
CA TYR A 70 6.16 -3.13 -4.38
C TYR A 70 7.02 -2.09 -3.69
N VAL A 71 6.66 -1.72 -2.47
CA VAL A 71 7.37 -0.67 -1.76
C VAL A 71 8.81 -1.08 -1.45
N THR A 72 9.00 -2.33 -1.03
CA THR A 72 10.33 -2.83 -0.69
C THR A 72 11.24 -2.76 -1.93
N SER A 73 10.64 -2.80 -3.11
CA SER A 73 11.37 -2.66 -4.35
C SER A 73 11.84 -1.22 -4.55
N CYS A 74 11.08 -0.27 -3.98
CA CYS A 74 11.42 1.15 -4.09
C CYS A 74 12.33 1.58 -2.93
N LEU A 75 11.87 1.34 -1.70
CA LEU A 75 12.61 1.68 -0.50
C LEU A 75 14.05 1.19 -0.56
N ARG A 76 14.23 -0.10 -0.79
CA ARG A 76 15.53 -0.73 -0.66
C ARG A 76 16.43 -0.44 -1.85
N LYS A 77 15.90 0.26 -2.84
CA LYS A 77 16.65 0.55 -4.05
C LYS A 77 16.63 2.04 -4.38
N LYS A 78 17.76 2.70 -4.15
CA LYS A 78 17.89 4.11 -4.47
C LYS A 78 18.51 4.29 -5.86
N ARG A 79 18.61 5.54 -6.30
CA ARG A 79 19.29 5.88 -7.56
C ARG A 79 18.66 5.17 -8.76
N LYS A 80 17.35 5.10 -8.79
CA LYS A 80 16.65 4.51 -9.92
C LYS A 80 15.23 5.10 -10.07
N PRO A 81 15.13 6.38 -10.41
CA PRO A 81 13.85 7.05 -10.60
C PRO A 81 13.17 6.62 -11.90
N GLN A 82 11.86 6.47 -11.85
CA GLN A 82 11.08 6.09 -13.02
C GLN A 82 10.72 7.32 -13.83
N ALA A 83 10.77 8.47 -13.15
CA ALA A 83 10.52 9.75 -13.78
C ALA A 83 11.52 10.79 -13.29
N GLU B 1 -6.78 -0.37 14.58
CA GLU B 1 -5.44 -0.15 15.17
C GLU B 1 -4.43 0.20 14.08
N ILE B 2 -4.13 -0.76 13.22
CA ILE B 2 -3.17 -0.55 12.14
C ILE B 2 -3.86 0.10 10.95
N LYS B 3 -3.65 1.39 10.81
CA LYS B 3 -4.32 2.15 9.76
C LYS B 3 -3.30 2.93 8.93
N LEU B 4 -3.76 3.49 7.84
CA LEU B 4 -2.88 4.24 6.94
C LEU B 4 -3.70 5.24 6.13
N LYS B 5 -3.82 6.46 6.62
CA LYS B 5 -4.41 7.51 5.82
C LYS B 5 -3.42 8.00 4.78
N ILE B 6 -3.21 7.21 3.73
CA ILE B 6 -2.28 7.60 2.67
C ILE B 6 -2.81 8.86 2.01
N THR B 7 -2.22 9.99 2.36
CA THR B 7 -2.65 11.27 1.81
C THR B 7 -1.62 11.78 0.81
N LYS B 8 -2.03 11.91 -0.45
CA LYS B 8 -1.11 12.27 -1.52
C LYS B 8 -1.86 12.61 -2.81
N THR B 9 -1.20 12.37 -3.94
CA THR B 9 -1.75 12.61 -5.29
C THR B 9 -2.15 14.08 -5.46
N ILE B 10 -1.27 14.96 -5.01
CA ILE B 10 -1.46 16.39 -5.17
C ILE B 10 -0.32 16.98 -6.01
N GLN B 11 0.86 16.40 -5.85
CA GLN B 11 2.03 16.78 -6.63
C GLN B 11 2.29 15.71 -7.69
N ASN B 12 1.31 14.83 -7.86
CA ASN B 12 1.37 13.76 -8.85
C ASN B 12 -0.04 13.28 -9.16
N SER A 1 1.78 -17.90 -10.09
CA SER A 1 0.35 -17.54 -10.11
C SER A 1 -0.38 -18.11 -8.90
N GLU A 2 0.04 -19.28 -8.44
CA GLU A 2 -0.63 -19.94 -7.31
C GLU A 2 -0.18 -19.36 -5.97
N GLU A 3 1.02 -18.80 -5.92
CA GLU A 3 1.56 -18.28 -4.67
C GLU A 3 0.87 -17.00 -4.24
N GLU A 4 0.24 -16.29 -5.17
CA GLU A 4 -0.47 -15.07 -4.83
C GLU A 4 -1.86 -15.37 -4.30
N ASP A 5 -2.41 -16.52 -4.68
CA ASP A 5 -3.69 -16.98 -4.13
C ASP A 5 -3.46 -17.81 -2.88
N LYS A 6 -2.22 -18.23 -2.67
CA LYS A 6 -1.87 -19.06 -1.52
C LYS A 6 -0.83 -18.33 -0.66
N CYS A 7 -0.95 -17.01 -0.64
CA CYS A 7 -0.02 -16.16 0.10
C CYS A 7 -0.38 -16.20 1.58
N LYS A 8 0.63 -16.28 2.43
CA LYS A 8 0.41 -16.32 3.86
C LYS A 8 0.25 -14.91 4.42
N PRO A 9 -0.68 -14.74 5.39
CA PRO A 9 -0.91 -13.45 6.02
C PRO A 9 0.28 -12.99 6.85
N MET A 10 0.77 -11.80 6.58
CA MET A 10 1.84 -11.23 7.38
C MET A 10 1.28 -10.76 8.71
N SER A 11 2.13 -10.75 9.72
CA SER A 11 1.70 -10.49 11.10
C SER A 11 1.47 -8.99 11.36
N TYR A 12 0.95 -8.69 12.55
CA TYR A 12 0.69 -7.29 12.97
C TYR A 12 1.95 -6.45 12.79
N GLU A 13 3.10 -7.03 13.14
CA GLU A 13 4.38 -6.36 13.03
C GLU A 13 4.60 -5.88 11.60
N GLU A 14 4.39 -6.80 10.66
CA GLU A 14 4.68 -6.55 9.26
C GLU A 14 3.65 -5.63 8.64
N LYS A 15 2.37 -5.84 8.97
CA LYS A 15 1.29 -4.97 8.53
C LYS A 15 1.55 -3.53 8.98
N ARG A 16 1.99 -3.37 10.23
CA ARG A 16 2.33 -2.06 10.77
C ARG A 16 3.49 -1.44 9.99
N GLN A 17 4.54 -2.24 9.78
CA GLN A 17 5.72 -1.78 9.07
C GLN A 17 5.39 -1.46 7.61
N LEU A 18 4.38 -2.12 7.08
CA LEU A 18 3.93 -1.90 5.71
C LEU A 18 3.26 -0.53 5.61
N SER A 19 2.52 -0.17 6.65
CA SER A 19 1.97 1.17 6.73
C SER A 19 3.10 2.20 6.79
N LEU A 20 4.21 1.78 7.40
CA LEU A 20 5.37 2.64 7.54
C LEU A 20 6.20 2.68 6.25
N ASP A 21 6.21 1.58 5.50
CA ASP A 21 7.02 1.49 4.30
C ASP A 21 6.37 2.21 3.11
N ILE A 22 5.05 2.20 3.06
CA ILE A 22 4.33 2.97 2.04
C ILE A 22 4.42 4.46 2.35
N ASN A 23 4.43 4.78 3.64
CA ASN A 23 4.62 6.15 4.10
C ASN A 23 5.97 6.71 3.62
N LYS A 24 6.89 5.82 3.30
CA LYS A 24 8.22 6.19 2.83
C LYS A 24 8.20 6.60 1.36
N LEU A 25 7.36 5.95 0.57
CA LEU A 25 7.31 6.19 -0.86
C LEU A 25 6.96 7.64 -1.19
N PRO A 26 7.77 8.30 -2.04
CA PRO A 26 7.44 9.63 -2.57
C PRO A 26 6.09 9.63 -3.29
N GLY A 27 5.41 10.77 -3.27
CA GLY A 27 4.05 10.89 -3.80
C GLY A 27 3.80 10.13 -5.09
N GLU A 28 4.73 10.23 -6.04
CA GLU A 28 4.60 9.55 -7.33
C GLU A 28 4.50 8.03 -7.14
N LYS A 29 5.48 7.48 -6.44
CA LYS A 29 5.51 6.05 -6.16
C LYS A 29 4.37 5.65 -5.24
N LEU A 30 4.04 6.55 -4.34
CA LEU A 30 2.98 6.37 -3.38
C LEU A 30 1.61 6.21 -4.07
N GLY A 31 1.37 7.00 -5.11
CA GLY A 31 0.10 6.95 -5.82
C GLY A 31 -0.25 5.56 -6.31
N ARG A 32 0.76 4.74 -6.59
CA ARG A 32 0.53 3.37 -7.02
C ARG A 32 -0.14 2.56 -5.92
N VAL A 33 0.38 2.67 -4.70
CA VAL A 33 -0.11 1.86 -3.58
C VAL A 33 -1.54 2.21 -3.24
N VAL A 34 -1.82 3.51 -3.09
CA VAL A 34 -3.18 3.98 -2.86
C VAL A 34 -4.12 3.36 -3.90
N HIS A 35 -3.63 3.31 -5.14
CA HIS A 35 -4.38 2.72 -6.24
C HIS A 35 -4.50 1.20 -6.06
N ILE A 36 -3.39 0.55 -5.68
CA ILE A 36 -3.38 -0.89 -5.49
C ILE A 36 -4.47 -1.33 -4.52
N ILE A 37 -4.47 -0.76 -3.32
CA ILE A 37 -5.42 -1.17 -2.30
C ILE A 37 -6.85 -0.94 -2.77
N GLN A 38 -7.14 0.28 -3.20
CA GLN A 38 -8.47 0.64 -3.69
C GLN A 38 -8.91 -0.27 -4.83
N SER A 39 -7.95 -0.75 -5.61
CA SER A 39 -8.25 -1.61 -6.74
C SER A 39 -8.48 -3.06 -6.30
N ARG A 40 -7.82 -3.49 -5.22
CA ARG A 40 -7.94 -4.88 -4.80
C ARG A 40 -9.10 -5.03 -3.83
N GLU A 41 -9.29 -3.99 -3.02
CA GLU A 41 -10.27 -4.01 -1.97
C GLU A 41 -11.45 -3.08 -2.26
N PRO A 42 -12.56 -3.63 -2.77
CA PRO A 42 -13.76 -2.85 -3.07
C PRO A 42 -14.40 -2.25 -1.80
N SER A 43 -13.96 -2.71 -0.64
CA SER A 43 -14.55 -2.26 0.62
C SER A 43 -14.06 -0.86 1.01
N LEU A 44 -13.09 -0.34 0.27
CA LEU A 44 -12.54 0.97 0.59
C LEU A 44 -12.35 1.83 -0.65
N LYS A 45 -13.08 1.52 -1.72
CA LYS A 45 -12.90 2.24 -2.97
C LYS A 45 -13.69 3.56 -2.99
N ASN A 46 -14.45 3.82 -1.92
CA ASN A 46 -15.19 5.08 -1.79
C ASN A 46 -14.32 6.12 -1.11
N SER A 47 -13.18 5.69 -0.60
CA SER A 47 -12.26 6.57 0.09
C SER A 47 -11.71 7.62 -0.87
N ASN A 48 -11.70 8.89 -0.45
CA ASN A 48 -11.15 9.97 -1.27
C ASN A 48 -9.71 9.63 -1.64
N PRO A 49 -9.37 9.67 -2.92
CA PRO A 49 -8.05 9.23 -3.40
C PRO A 49 -6.91 10.04 -2.80
N ASP A 50 -7.21 11.22 -2.30
CA ASP A 50 -6.20 12.08 -1.69
C ASP A 50 -5.95 11.67 -0.24
N GLU A 51 -6.99 11.16 0.42
CA GLU A 51 -6.96 10.83 1.85
C GLU A 51 -7.57 9.45 2.05
N ILE A 52 -6.96 8.45 1.46
CA ILE A 52 -7.57 7.13 1.38
C ILE A 52 -7.57 6.43 2.73
N GLU A 53 -8.50 5.50 2.90
CA GLU A 53 -8.65 4.79 4.16
C GLU A 53 -8.29 3.32 3.98
N ILE A 54 -7.15 2.93 4.52
CA ILE A 54 -6.70 1.55 4.45
C ILE A 54 -6.90 0.86 5.79
N ASP A 55 -7.45 -0.35 5.77
CA ASP A 55 -7.66 -1.08 7.00
C ASP A 55 -6.83 -2.36 6.97
N PHE A 56 -5.62 -2.29 7.51
CA PHE A 56 -4.62 -3.33 7.31
C PHE A 56 -5.02 -4.69 7.86
N GLU A 57 -5.99 -4.73 8.75
CA GLU A 57 -6.45 -6.00 9.32
C GLU A 57 -7.50 -6.68 8.44
N THR A 58 -7.96 -5.99 7.42
CA THR A 58 -8.99 -6.54 6.56
C THR A 58 -8.53 -6.69 5.12
N LEU A 59 -7.34 -6.17 4.81
CA LEU A 59 -6.78 -6.32 3.47
C LEU A 59 -6.47 -7.78 3.22
N LYS A 60 -6.58 -8.18 1.96
CA LYS A 60 -6.21 -9.52 1.55
C LYS A 60 -4.70 -9.72 1.69
N PRO A 61 -4.27 -10.95 2.02
CA PRO A 61 -2.84 -11.27 2.12
C PRO A 61 -2.09 -10.99 0.82
N SER A 62 -2.80 -11.11 -0.29
CA SER A 62 -2.23 -10.82 -1.60
C SER A 62 -2.07 -9.32 -1.79
N THR A 63 -3.02 -8.56 -1.24
CA THR A 63 -2.92 -7.11 -1.25
C THR A 63 -1.67 -6.69 -0.48
N LEU A 64 -1.53 -7.22 0.73
CA LEU A 64 -0.38 -6.93 1.59
C LEU A 64 0.94 -7.28 0.90
N ARG A 65 0.98 -8.44 0.26
CA ARG A 65 2.22 -8.89 -0.38
C ARG A 65 2.45 -8.12 -1.68
N GLU A 66 1.42 -7.43 -2.16
CA GLU A 66 1.54 -6.57 -3.32
C GLU A 66 2.03 -5.20 -2.89
N LEU A 67 1.47 -4.71 -1.79
CA LEU A 67 1.81 -3.42 -1.25
C LEU A 67 3.26 -3.45 -0.78
N GLU A 68 3.58 -4.50 -0.03
CA GLU A 68 4.90 -4.66 0.56
C GLU A 68 5.96 -4.90 -0.51
N ARG A 69 5.75 -5.91 -1.36
CA ARG A 69 6.72 -6.21 -2.43
C ARG A 69 7.02 -4.97 -3.26
N TYR A 70 6.00 -4.17 -3.47
CA TYR A 70 6.12 -3.01 -4.33
C TYR A 70 6.93 -1.92 -3.64
N VAL A 71 6.64 -1.68 -2.38
CA VAL A 71 7.37 -0.65 -1.66
C VAL A 71 8.79 -1.07 -1.38
N THR A 72 8.98 -2.32 -0.95
CA THR A 72 10.30 -2.83 -0.62
C THR A 72 11.20 -2.77 -1.87
N SER A 73 10.58 -2.93 -3.04
CA SER A 73 11.31 -2.82 -4.29
C SER A 73 11.86 -1.39 -4.46
N CYS A 74 11.13 -0.43 -3.90
CA CYS A 74 11.49 0.98 -4.02
C CYS A 74 12.41 1.42 -2.87
N LEU A 75 12.01 1.14 -1.63
CA LEU A 75 12.78 1.51 -0.43
C LEU A 75 14.23 1.05 -0.53
N ARG A 76 14.43 -0.14 -1.08
CA ARG A 76 15.75 -0.76 -1.11
C ARG A 76 16.60 -0.25 -2.26
N LYS A 77 16.05 0.70 -3.02
CA LYS A 77 16.75 1.25 -4.18
C LYS A 77 16.71 2.77 -4.16
N LYS A 78 17.80 3.38 -4.58
CA LYS A 78 17.91 4.84 -4.56
C LYS A 78 17.28 5.47 -5.79
N ARG A 79 15.95 5.43 -5.84
CA ARG A 79 15.22 6.10 -6.91
C ARG A 79 14.11 6.96 -6.34
N LYS A 80 14.51 8.08 -5.74
CA LYS A 80 13.56 9.05 -5.21
C LYS A 80 13.91 10.47 -5.69
N PRO A 81 13.89 10.71 -7.03
CA PRO A 81 14.18 12.03 -7.59
C PRO A 81 13.26 13.13 -7.03
N GLN A 82 11.96 12.86 -7.08
CA GLN A 82 10.97 13.82 -6.62
C GLN A 82 10.20 13.26 -5.43
N ALA A 83 10.20 14.00 -4.33
CA ALA A 83 9.51 13.57 -3.12
C ALA A 83 8.90 14.78 -2.40
N GLU B 1 -6.23 -2.19 15.73
CA GLU B 1 -6.39 -2.04 14.27
C GLU B 1 -5.28 -1.17 13.70
N ILE B 2 -5.01 -1.33 12.40
CA ILE B 2 -3.97 -0.56 11.73
C ILE B 2 -4.57 0.14 10.50
N LYS B 3 -4.72 1.45 10.60
CA LYS B 3 -5.32 2.21 9.52
C LYS B 3 -4.33 3.20 8.93
N LEU B 4 -4.15 3.15 7.61
CA LEU B 4 -3.25 4.06 6.93
C LEU B 4 -4.06 5.10 6.16
N LYS B 5 -3.86 6.36 6.50
CA LYS B 5 -4.48 7.45 5.77
C LYS B 5 -3.45 8.11 4.88
N ILE B 6 -3.11 7.46 3.77
CA ILE B 6 -2.09 8.00 2.89
C ILE B 6 -2.58 9.30 2.26
N THR B 7 -1.86 10.39 2.51
CA THR B 7 -2.21 11.69 1.97
C THR B 7 -1.33 12.03 0.77
N LYS B 8 -1.91 11.96 -0.42
CA LYS B 8 -1.16 12.26 -1.65
C LYS B 8 -2.10 12.41 -2.84
N THR B 9 -1.52 12.48 -4.04
CA THR B 9 -2.24 12.68 -5.30
C THR B 9 -3.07 13.96 -5.27
N ILE B 10 -2.69 14.88 -4.39
CA ILE B 10 -3.42 16.12 -4.21
C ILE B 10 -2.97 17.15 -5.24
N GLN B 11 -3.88 17.51 -6.14
CA GLN B 11 -3.57 18.45 -7.19
C GLN B 11 -3.54 19.88 -6.66
N ASN B 12 -2.35 20.43 -6.54
CA ASN B 12 -2.18 21.81 -6.11
C ASN B 12 -1.03 22.45 -6.88
N SER A 1 3.12 -18.51 -10.47
CA SER A 1 2.24 -17.38 -10.83
C SER A 1 1.03 -17.29 -9.89
N GLU A 2 0.69 -18.40 -9.25
CA GLU A 2 -0.50 -18.46 -8.40
C GLU A 2 -0.16 -18.27 -6.93
N GLU A 3 1.13 -18.30 -6.60
CA GLU A 3 1.56 -18.20 -5.20
C GLU A 3 1.23 -16.84 -4.60
N GLU A 4 1.05 -15.84 -5.46
CA GLU A 4 0.71 -14.50 -5.00
C GLU A 4 -0.75 -14.42 -4.55
N ASP A 5 -1.60 -15.24 -5.17
CA ASP A 5 -3.00 -15.32 -4.77
C ASP A 5 -3.15 -16.36 -3.68
N LYS A 6 -2.12 -17.17 -3.49
CA LYS A 6 -2.12 -18.21 -2.47
C LYS A 6 -1.16 -17.80 -1.36
N CYS A 7 -1.08 -16.50 -1.13
CA CYS A 7 -0.18 -15.95 -0.13
C CYS A 7 -0.83 -15.96 1.24
N LYS A 8 -0.02 -16.17 2.27
CA LYS A 8 -0.49 -16.16 3.65
C LYS A 8 -0.38 -14.76 4.24
N PRO A 9 -1.22 -14.43 5.24
CA PRO A 9 -1.21 -13.11 5.88
C PRO A 9 0.09 -12.85 6.62
N MET A 10 0.56 -11.62 6.55
CA MET A 10 1.72 -11.20 7.32
C MET A 10 1.27 -10.76 8.70
N SER A 11 2.19 -10.80 9.66
CA SER A 11 1.86 -10.56 11.06
C SER A 11 1.63 -9.08 11.35
N TYR A 12 1.27 -8.76 12.59
CA TYR A 12 0.97 -7.39 13.00
C TYR A 12 2.19 -6.49 12.78
N GLU A 13 3.38 -7.00 13.11
CA GLU A 13 4.62 -6.25 12.93
C GLU A 13 4.78 -5.88 11.46
N GLU A 14 4.53 -6.85 10.59
CA GLU A 14 4.73 -6.68 9.16
C GLU A 14 3.69 -5.74 8.56
N LYS A 15 2.43 -5.93 8.93
CA LYS A 15 1.35 -5.04 8.50
C LYS A 15 1.64 -3.59 8.91
N ARG A 16 2.11 -3.43 10.13
CA ARG A 16 2.49 -2.11 10.63
C ARG A 16 3.66 -1.54 9.86
N GLN A 17 4.68 -2.36 9.63
CA GLN A 17 5.85 -1.94 8.87
C GLN A 17 5.46 -1.58 7.44
N LEU A 18 4.40 -2.20 6.96
CA LEU A 18 3.90 -1.93 5.62
C LEU A 18 3.25 -0.55 5.57
N SER A 19 2.55 -0.21 6.63
CA SER A 19 2.02 1.14 6.77
C SER A 19 3.17 2.14 6.78
N LEU A 20 4.28 1.72 7.35
CA LEU A 20 5.47 2.55 7.44
C LEU A 20 6.22 2.61 6.11
N ASP A 21 6.22 1.51 5.37
CA ASP A 21 7.00 1.42 4.14
C ASP A 21 6.31 2.17 2.99
N ILE A 22 4.98 2.22 3.02
CA ILE A 22 4.24 3.03 2.05
C ILE A 22 4.39 4.51 2.38
N ASN A 23 4.45 4.80 3.67
CA ASN A 23 4.66 6.16 4.15
C ASN A 23 6.00 6.71 3.64
N LYS A 24 6.93 5.81 3.34
CA LYS A 24 8.25 6.19 2.85
C LYS A 24 8.19 6.67 1.40
N LEU A 25 7.37 5.99 0.61
CA LEU A 25 7.28 6.26 -0.82
C LEU A 25 6.92 7.71 -1.12
N PRO A 26 7.73 8.38 -1.97
CA PRO A 26 7.40 9.71 -2.47
C PRO A 26 6.06 9.71 -3.20
N GLY A 27 5.37 10.85 -3.20
CA GLY A 27 4.02 10.96 -3.74
C GLY A 27 3.79 10.21 -5.05
N GLU A 28 4.71 10.34 -5.99
CA GLU A 28 4.61 9.67 -7.28
C GLU A 28 4.53 8.15 -7.09
N LYS A 29 5.49 7.60 -6.37
CA LYS A 29 5.55 6.17 -6.10
C LYS A 29 4.40 5.75 -5.19
N LEU A 30 4.06 6.65 -4.28
CA LEU A 30 2.99 6.44 -3.32
C LEU A 30 1.66 6.22 -4.01
N GLY A 31 1.39 6.99 -5.06
CA GLY A 31 0.12 6.87 -5.77
C GLY A 31 -0.19 5.45 -6.23
N ARG A 32 0.86 4.66 -6.45
CA ARG A 32 0.68 3.27 -6.86
C ARG A 32 0.00 2.46 -5.74
N VAL A 33 0.54 2.54 -4.53
CA VAL A 33 0.04 1.73 -3.42
C VAL A 33 -1.39 2.11 -3.08
N VAL A 34 -1.68 3.41 -2.95
CA VAL A 34 -3.05 3.87 -2.71
C VAL A 34 -3.98 3.26 -3.76
N HIS A 35 -3.50 3.23 -4.99
CA HIS A 35 -4.25 2.68 -6.10
C HIS A 35 -4.37 1.16 -5.99
N ILE A 36 -3.27 0.51 -5.61
CA ILE A 36 -3.26 -0.94 -5.44
C ILE A 36 -4.35 -1.39 -4.48
N ILE A 37 -4.35 -0.82 -3.28
CA ILE A 37 -5.33 -1.21 -2.28
C ILE A 37 -6.75 -0.99 -2.78
N GLN A 38 -7.03 0.22 -3.26
CA GLN A 38 -8.35 0.56 -3.78
C GLN A 38 -8.78 -0.38 -4.90
N SER A 39 -7.81 -0.84 -5.68
CA SER A 39 -8.09 -1.71 -6.81
C SER A 39 -8.35 -3.16 -6.36
N ARG A 40 -7.73 -3.58 -5.26
CA ARG A 40 -7.88 -4.94 -4.80
C ARG A 40 -9.05 -5.03 -3.82
N GLU A 41 -9.23 -3.95 -3.08
CA GLU A 41 -10.24 -3.88 -2.05
C GLU A 41 -11.32 -2.85 -2.39
N PRO A 42 -12.38 -3.27 -3.10
CA PRO A 42 -13.48 -2.38 -3.49
C PRO A 42 -14.25 -1.81 -2.30
N SER A 43 -14.06 -2.40 -1.13
CA SER A 43 -14.76 -1.97 0.07
C SER A 43 -14.28 -0.59 0.54
N LEU A 44 -13.06 -0.24 0.15
CA LEU A 44 -12.48 1.03 0.56
C LEU A 44 -12.26 1.96 -0.62
N LYS A 45 -12.83 1.60 -1.77
CA LYS A 45 -12.69 2.43 -2.96
C LYS A 45 -13.59 3.65 -2.87
N ASN A 46 -14.40 3.70 -1.82
CA ASN A 46 -15.30 4.82 -1.58
C ASN A 46 -14.57 5.93 -0.84
N SER A 47 -13.30 5.68 -0.55
CA SER A 47 -12.46 6.67 0.09
C SER A 47 -11.95 7.67 -0.95
N ASN A 48 -11.89 8.95 -0.58
CA ASN A 48 -11.35 9.97 -1.47
C ASN A 48 -9.88 9.67 -1.74
N PRO A 49 -9.46 9.67 -3.01
CA PRO A 49 -8.11 9.28 -3.39
C PRO A 49 -7.03 10.17 -2.77
N ASP A 50 -7.41 11.37 -2.35
CA ASP A 50 -6.48 12.28 -1.69
C ASP A 50 -6.25 11.84 -0.25
N GLU A 51 -7.27 11.23 0.32
CA GLU A 51 -7.30 10.87 1.74
C GLU A 51 -7.79 9.45 1.88
N ILE A 52 -7.08 8.52 1.26
CA ILE A 52 -7.55 7.15 1.19
C ILE A 52 -7.55 6.51 2.56
N GLU A 53 -8.50 5.61 2.78
CA GLU A 53 -8.66 4.97 4.06
C GLU A 53 -8.31 3.49 3.93
N ILE A 54 -7.27 3.06 4.62
CA ILE A 54 -6.82 1.67 4.55
C ILE A 54 -7.10 0.95 5.86
N ASP A 55 -7.67 -0.25 5.77
CA ASP A 55 -7.92 -1.04 6.97
C ASP A 55 -7.01 -2.26 6.94
N PHE A 56 -5.83 -2.11 7.52
CA PHE A 56 -4.77 -3.09 7.37
C PHE A 56 -5.11 -4.47 7.94
N GLU A 57 -6.20 -4.55 8.69
CA GLU A 57 -6.61 -5.82 9.25
C GLU A 57 -7.54 -6.58 8.30
N THR A 58 -8.12 -5.88 7.35
CA THR A 58 -9.10 -6.48 6.47
C THR A 58 -8.57 -6.66 5.05
N LEU A 59 -7.41 -6.07 4.76
CA LEU A 59 -6.81 -6.22 3.43
C LEU A 59 -6.47 -7.69 3.21
N LYS A 60 -6.70 -8.15 2.00
CA LYS A 60 -6.37 -9.51 1.61
C LYS A 60 -4.86 -9.72 1.70
N PRO A 61 -4.43 -10.94 2.02
CA PRO A 61 -3.00 -11.28 2.10
C PRO A 61 -2.28 -10.98 0.79
N SER A 62 -2.98 -11.16 -0.31
CA SER A 62 -2.44 -10.85 -1.63
C SER A 62 -2.22 -9.34 -1.78
N THR A 63 -3.13 -8.57 -1.21
CA THR A 63 -3.01 -7.12 -1.22
C THR A 63 -1.79 -6.70 -0.42
N LEU A 64 -1.71 -7.17 0.82
CA LEU A 64 -0.57 -6.88 1.70
C LEU A 64 0.74 -7.26 1.02
N ARG A 65 0.76 -8.43 0.41
CA ARG A 65 1.96 -8.95 -0.20
C ARG A 65 2.33 -8.14 -1.45
N GLU A 66 1.34 -7.53 -2.09
CA GLU A 66 1.60 -6.70 -3.26
C GLU A 66 2.05 -5.32 -2.84
N LEU A 67 1.48 -4.83 -1.74
CA LEU A 67 1.85 -3.53 -1.20
C LEU A 67 3.30 -3.57 -0.74
N GLU A 68 3.61 -4.61 0.04
CA GLU A 68 4.93 -4.77 0.65
C GLU A 68 6.01 -5.03 -0.42
N ARG A 69 5.74 -5.97 -1.31
CA ARG A 69 6.71 -6.37 -2.32
C ARG A 69 7.05 -5.19 -3.24
N TYR A 70 6.07 -4.34 -3.49
CA TYR A 70 6.26 -3.20 -4.37
C TYR A 70 7.06 -2.11 -3.67
N VAL A 71 6.69 -1.75 -2.45
CA VAL A 71 7.35 -0.69 -1.73
C VAL A 71 8.80 -1.03 -1.43
N THR A 72 9.03 -2.26 -0.97
CA THR A 72 10.37 -2.70 -0.63
C THR A 72 11.28 -2.67 -1.86
N SER A 73 10.69 -2.81 -3.04
CA SER A 73 11.44 -2.70 -4.27
C SER A 73 11.92 -1.25 -4.46
N CYS A 74 11.16 -0.32 -3.91
CA CYS A 74 11.47 1.10 -4.02
C CYS A 74 12.41 1.54 -2.89
N LEU A 75 12.08 1.15 -1.65
CA LEU A 75 12.90 1.46 -0.48
C LEU A 75 14.32 0.91 -0.64
N ARG A 76 14.44 -0.20 -1.35
CA ARG A 76 15.73 -0.84 -1.58
C ARG A 76 16.43 -0.23 -2.80
N LYS A 77 15.85 0.84 -3.32
CA LYS A 77 16.42 1.57 -4.44
C LYS A 77 16.48 3.06 -4.12
N LYS A 78 16.80 3.86 -5.11
CA LYS A 78 16.82 5.31 -4.92
C LYS A 78 15.46 5.90 -5.23
N ARG A 79 14.99 6.75 -4.34
CA ARG A 79 13.72 7.43 -4.56
C ARG A 79 13.99 8.86 -5.02
N LYS A 80 14.08 9.02 -6.34
CA LYS A 80 14.40 10.31 -6.94
C LYS A 80 13.29 10.77 -7.88
N PRO A 81 12.15 11.22 -7.34
CA PRO A 81 11.06 11.77 -8.14
C PRO A 81 11.39 13.19 -8.59
N GLN A 82 11.28 13.45 -9.87
CA GLN A 82 11.64 14.75 -10.42
C GLN A 82 10.49 15.75 -10.22
N ALA A 83 10.06 15.89 -8.98
CA ALA A 83 8.98 16.78 -8.64
C ALA A 83 9.50 17.95 -7.81
N GLU B 1 -7.16 -1.36 15.62
CA GLU B 1 -7.23 -1.46 14.14
C GLU B 1 -6.24 -0.50 13.49
N ILE B 2 -5.48 -1.01 12.53
CA ILE B 2 -4.47 -0.21 11.86
C ILE B 2 -5.03 0.45 10.60
N LYS B 3 -5.07 1.78 10.60
CA LYS B 3 -5.56 2.54 9.46
C LYS B 3 -4.41 3.33 8.83
N LEU B 4 -4.53 3.63 7.55
CA LEU B 4 -3.53 4.46 6.89
C LEU B 4 -4.21 5.50 6.00
N LYS B 5 -4.28 6.73 6.49
CA LYS B 5 -4.77 7.84 5.69
C LYS B 5 -3.66 8.36 4.82
N ILE B 6 -3.34 7.65 3.73
CA ILE B 6 -2.28 8.09 2.85
C ILE B 6 -2.70 9.38 2.15
N THR B 7 -2.07 10.49 2.53
CA THR B 7 -2.38 11.77 1.93
C THR B 7 -1.42 12.07 0.78
N LYS B 8 -1.99 12.24 -0.42
CA LYS B 8 -1.21 12.45 -1.63
C LYS B 8 -2.15 12.55 -2.84
N THR B 9 -1.57 12.50 -4.04
CA THR B 9 -2.31 12.54 -5.33
C THR B 9 -3.07 13.84 -5.53
N ILE B 10 -3.54 14.03 -6.76
CA ILE B 10 -4.32 15.20 -7.16
C ILE B 10 -3.59 16.50 -6.79
N GLN B 11 -2.58 16.82 -7.58
CA GLN B 11 -1.83 18.05 -7.37
C GLN B 11 -2.67 19.24 -7.82
N ASN B 12 -2.91 20.17 -6.92
CA ASN B 12 -3.72 21.33 -7.22
C ASN B 12 -2.86 22.51 -7.68
N SER A 1 3.16 -18.26 -9.44
CA SER A 1 1.87 -18.17 -10.16
C SER A 1 0.70 -18.25 -9.19
N GLU A 2 0.68 -19.27 -8.32
CA GLU A 2 -0.38 -19.42 -7.35
C GLU A 2 0.02 -18.89 -5.97
N GLU A 3 1.28 -19.08 -5.61
CA GLU A 3 1.72 -18.85 -4.23
C GLU A 3 1.67 -17.38 -3.81
N GLU A 4 1.75 -16.48 -4.76
CA GLU A 4 1.64 -15.05 -4.43
C GLU A 4 0.18 -14.65 -4.24
N ASP A 5 -0.74 -15.38 -4.87
CA ASP A 5 -2.15 -15.12 -4.68
C ASP A 5 -2.68 -15.93 -3.50
N LYS A 6 -1.90 -16.91 -3.08
CA LYS A 6 -2.27 -17.76 -1.95
C LYS A 6 -1.25 -17.56 -0.83
N CYS A 7 -0.76 -16.33 -0.76
CA CYS A 7 0.23 -15.96 0.23
C CYS A 7 -0.40 -15.91 1.62
N LYS A 8 0.40 -16.23 2.62
CA LYS A 8 -0.06 -16.28 4.00
C LYS A 8 -0.06 -14.88 4.60
N PRO A 9 -0.99 -14.60 5.53
CA PRO A 9 -1.08 -13.30 6.19
C PRO A 9 0.19 -12.96 6.94
N MET A 10 0.66 -11.73 6.75
CA MET A 10 1.84 -11.26 7.45
C MET A 10 1.45 -10.86 8.87
N SER A 11 2.43 -10.91 9.76
CA SER A 11 2.21 -10.67 11.19
C SER A 11 1.89 -9.21 11.50
N TYR A 12 1.58 -8.94 12.76
CA TYR A 12 1.20 -7.58 13.19
C TYR A 12 2.35 -6.60 12.93
N GLU A 13 3.57 -7.04 13.22
CA GLU A 13 4.76 -6.22 13.05
C GLU A 13 4.91 -5.83 11.58
N GLU A 14 4.58 -6.78 10.71
CA GLU A 14 4.77 -6.59 9.27
C GLU A 14 3.71 -5.65 8.71
N LYS A 15 2.45 -5.86 9.08
CA LYS A 15 1.37 -4.98 8.65
C LYS A 15 1.63 -3.54 9.07
N ARG A 16 2.11 -3.36 10.29
CA ARG A 16 2.44 -2.02 10.78
C ARG A 16 3.62 -1.43 9.99
N GLN A 17 4.60 -2.28 9.67
CA GLN A 17 5.76 -1.84 8.91
C GLN A 17 5.37 -1.48 7.49
N LEU A 18 4.34 -2.14 6.98
CA LEU A 18 3.85 -1.89 5.63
C LEU A 18 3.20 -0.52 5.55
N SER A 19 2.48 -0.16 6.60
CA SER A 19 1.96 1.19 6.69
C SER A 19 3.13 2.19 6.75
N LEU A 20 4.23 1.76 7.34
CA LEU A 20 5.41 2.59 7.46
C LEU A 20 6.21 2.65 6.15
N ASP A 21 6.18 1.56 5.38
CA ASP A 21 6.96 1.49 4.15
C ASP A 21 6.29 2.26 3.02
N ILE A 22 4.96 2.27 3.00
CA ILE A 22 4.22 3.08 2.03
C ILE A 22 4.38 4.55 2.35
N ASN A 23 4.45 4.85 3.65
CA ASN A 23 4.68 6.21 4.13
C ASN A 23 6.05 6.72 3.68
N LYS A 24 6.94 5.81 3.33
CA LYS A 24 8.28 6.16 2.87
C LYS A 24 8.27 6.59 1.41
N LEU A 25 7.45 5.93 0.62
CA LEU A 25 7.40 6.16 -0.83
C LEU A 25 7.14 7.63 -1.16
N PRO A 26 7.94 8.22 -2.07
CA PRO A 26 7.67 9.55 -2.60
C PRO A 26 6.31 9.59 -3.28
N GLY A 27 5.66 10.76 -3.26
CA GLY A 27 4.28 10.88 -3.72
C GLY A 27 3.98 10.18 -5.02
N GLU A 28 4.88 10.29 -6.00
CA GLU A 28 4.73 9.62 -7.29
C GLU A 28 4.53 8.12 -7.09
N LYS A 29 5.50 7.50 -6.42
CA LYS A 29 5.49 6.08 -6.15
C LYS A 29 4.35 5.71 -5.22
N LEU A 30 4.04 6.62 -4.31
CA LEU A 30 2.97 6.45 -3.35
C LEU A 30 1.62 6.27 -4.05
N GLY A 31 1.39 7.01 -5.14
CA GLY A 31 0.12 6.94 -5.84
C GLY A 31 -0.19 5.54 -6.38
N ARG A 32 0.84 4.70 -6.49
CA ARG A 32 0.64 3.32 -6.92
C ARG A 32 -0.04 2.51 -5.83
N VAL A 33 0.47 2.60 -4.61
CA VAL A 33 -0.04 1.77 -3.50
C VAL A 33 -1.46 2.15 -3.15
N VAL A 34 -1.74 3.47 -3.01
CA VAL A 34 -3.11 3.94 -2.78
C VAL A 34 -4.04 3.31 -3.81
N HIS A 35 -3.56 3.29 -5.05
CA HIS A 35 -4.31 2.70 -6.17
C HIS A 35 -4.44 1.18 -6.01
N ILE A 36 -3.35 0.52 -5.60
CA ILE A 36 -3.35 -0.92 -5.42
C ILE A 36 -4.42 -1.36 -4.44
N ILE A 37 -4.41 -0.79 -3.23
CA ILE A 37 -5.37 -1.18 -2.20
C ILE A 37 -6.80 -0.96 -2.68
N GLN A 38 -7.07 0.25 -3.19
CA GLN A 38 -8.41 0.59 -3.68
C GLN A 38 -8.87 -0.36 -4.80
N SER A 39 -7.92 -0.86 -5.57
CA SER A 39 -8.23 -1.77 -6.67
C SER A 39 -8.53 -3.17 -6.12
N ARG A 40 -7.67 -3.66 -5.24
CA ARG A 40 -7.81 -5.02 -4.71
C ARG A 40 -8.94 -5.08 -3.68
N GLU A 41 -9.09 -4.01 -2.91
CA GLU A 41 -10.15 -3.90 -1.92
C GLU A 41 -11.16 -2.83 -2.35
N PRO A 42 -12.11 -3.17 -3.24
CA PRO A 42 -13.08 -2.20 -3.80
C PRO A 42 -13.93 -1.52 -2.73
N SER A 43 -14.09 -2.17 -1.59
CA SER A 43 -14.92 -1.65 -0.50
C SER A 43 -14.44 -0.27 -0.04
N LEU A 44 -13.13 -0.05 -0.10
CA LEU A 44 -12.57 1.21 0.40
C LEU A 44 -12.24 2.16 -0.74
N LYS A 45 -12.82 1.93 -1.90
CA LYS A 45 -12.56 2.80 -3.05
C LYS A 45 -13.54 4.00 -3.00
N ASN A 46 -14.35 4.06 -1.94
CA ASN A 46 -15.28 5.17 -1.76
C ASN A 46 -14.59 6.27 -0.96
N SER A 47 -13.44 5.92 -0.42
CA SER A 47 -12.62 6.85 0.33
C SER A 47 -12.05 7.91 -0.61
N ASN A 48 -12.01 9.16 -0.16
CA ASN A 48 -11.44 10.24 -0.97
C ASN A 48 -10.01 9.86 -1.33
N PRO A 49 -9.67 9.77 -2.62
CA PRO A 49 -8.37 9.30 -3.07
C PRO A 49 -7.21 10.16 -2.58
N ASP A 50 -7.49 11.34 -2.04
CA ASP A 50 -6.46 12.20 -1.50
C ASP A 50 -6.17 11.86 -0.03
N GLU A 51 -7.19 11.36 0.64
CA GLU A 51 -7.11 10.97 2.05
C GLU A 51 -7.66 9.57 2.20
N ILE A 52 -7.01 8.61 1.54
CA ILE A 52 -7.58 7.29 1.38
C ILE A 52 -7.64 6.54 2.70
N GLU A 53 -8.62 5.65 2.82
CA GLU A 53 -8.88 4.92 4.04
C GLU A 53 -8.46 3.46 3.86
N ILE A 54 -7.39 3.07 4.52
CA ILE A 54 -6.92 1.68 4.46
C ILE A 54 -7.20 0.97 5.77
N ASP A 55 -7.71 -0.26 5.68
CA ASP A 55 -7.96 -1.05 6.87
C ASP A 55 -7.09 -2.28 6.82
N PHE A 56 -5.88 -2.17 7.34
CA PHE A 56 -4.86 -3.20 7.21
C PHE A 56 -5.29 -4.53 7.81
N GLU A 57 -6.31 -4.52 8.65
CA GLU A 57 -6.79 -5.74 9.29
C GLU A 57 -7.89 -6.41 8.48
N THR A 58 -8.12 -5.91 7.26
CA THR A 58 -9.14 -6.49 6.40
C THR A 58 -8.63 -6.74 4.99
N LEU A 59 -7.49 -6.13 4.63
CA LEU A 59 -6.93 -6.29 3.29
C LEU A 59 -6.63 -7.77 3.05
N LYS A 60 -6.78 -8.19 1.81
CA LYS A 60 -6.47 -9.57 1.43
C LYS A 60 -4.98 -9.82 1.57
N PRO A 61 -4.55 -11.04 1.95
CA PRO A 61 -3.15 -11.36 2.14
C PRO A 61 -2.29 -10.98 0.93
N SER A 62 -2.82 -11.25 -0.26
CA SER A 62 -2.12 -10.94 -1.49
C SER A 62 -2.02 -9.43 -1.70
N THR A 63 -3.03 -8.69 -1.23
CA THR A 63 -3.00 -7.24 -1.27
C THR A 63 -1.81 -6.73 -0.46
N LEU A 64 -1.68 -7.24 0.76
CA LEU A 64 -0.57 -6.88 1.64
C LEU A 64 0.77 -7.16 0.97
N ARG A 65 0.88 -8.30 0.31
CA ARG A 65 2.15 -8.70 -0.26
C ARG A 65 2.40 -8.01 -1.59
N GLU A 66 1.37 -7.42 -2.19
CA GLU A 66 1.57 -6.62 -3.38
C GLU A 66 2.00 -5.22 -2.96
N LEU A 67 1.44 -4.76 -1.84
CA LEU A 67 1.79 -3.48 -1.27
C LEU A 67 3.25 -3.52 -0.84
N GLU A 68 3.58 -4.54 -0.04
CA GLU A 68 4.92 -4.70 0.50
C GLU A 68 5.94 -4.98 -0.59
N ARG A 69 5.64 -5.93 -1.48
CA ARG A 69 6.62 -6.33 -2.49
C ARG A 69 6.99 -5.15 -3.37
N TYR A 70 6.03 -4.27 -3.58
CA TYR A 70 6.23 -3.12 -4.43
C TYR A 70 7.03 -2.03 -3.71
N VAL A 71 6.67 -1.75 -2.47
CA VAL A 71 7.33 -0.70 -1.72
C VAL A 71 8.78 -1.06 -1.39
N THR A 72 8.99 -2.30 -0.94
CA THR A 72 10.34 -2.76 -0.61
C THR A 72 11.23 -2.71 -1.85
N SER A 73 10.62 -2.84 -3.01
CA SER A 73 11.31 -2.68 -4.29
C SER A 73 11.84 -1.26 -4.43
N CYS A 74 11.11 -0.32 -3.85
CA CYS A 74 11.45 1.10 -3.94
C CYS A 74 12.37 1.52 -2.79
N LEU A 75 12.03 1.11 -1.57
CA LEU A 75 12.86 1.42 -0.39
C LEU A 75 14.29 0.89 -0.56
N ARG A 76 14.44 -0.16 -1.36
CA ARG A 76 15.74 -0.79 -1.56
C ARG A 76 16.45 -0.24 -2.81
N LYS A 77 15.83 0.74 -3.44
CA LYS A 77 16.39 1.34 -4.66
C LYS A 77 16.24 2.86 -4.67
N LYS A 78 17.35 3.57 -4.55
CA LYS A 78 17.33 5.02 -4.51
C LYS A 78 17.80 5.63 -5.83
N ARG A 79 17.86 6.96 -5.85
CA ARG A 79 18.29 7.73 -7.03
C ARG A 79 17.33 7.51 -8.20
N LYS A 80 16.04 7.48 -7.89
CA LYS A 80 15.01 7.31 -8.91
C LYS A 80 13.86 8.29 -8.68
N PRO A 81 14.11 9.60 -8.89
CA PRO A 81 13.07 10.62 -8.69
C PRO A 81 12.07 10.66 -9.85
N GLN A 82 11.13 11.58 -9.78
CA GLN A 82 10.15 11.74 -10.86
C GLN A 82 10.86 12.11 -12.15
N ALA A 83 11.65 13.17 -12.07
CA ALA A 83 12.41 13.65 -13.21
C ALA A 83 13.85 13.92 -12.79
N GLU B 1 -4.45 -1.84 16.18
CA GLU B 1 -5.24 -1.57 14.96
C GLU B 1 -4.40 -0.83 13.94
N ILE B 2 -4.13 -1.47 12.82
CA ILE B 2 -3.31 -0.86 11.78
C ILE B 2 -4.21 -0.20 10.74
N LYS B 3 -3.91 1.05 10.45
CA LYS B 3 -4.70 1.85 9.51
C LYS B 3 -3.82 2.87 8.82
N LEU B 4 -4.14 3.22 7.59
CA LEU B 4 -3.35 4.20 6.85
C LEU B 4 -4.23 5.19 6.12
N LYS B 5 -4.15 6.45 6.53
CA LYS B 5 -4.75 7.54 5.78
C LYS B 5 -3.69 8.18 4.89
N ILE B 6 -3.36 7.52 3.78
CA ILE B 6 -2.29 8.02 2.93
C ILE B 6 -2.68 9.35 2.30
N THR B 7 -2.04 10.42 2.74
CA THR B 7 -2.29 11.73 2.19
C THR B 7 -1.34 12.01 1.02
N LYS B 8 -1.93 12.22 -0.16
CA LYS B 8 -1.15 12.47 -1.37
C LYS B 8 -2.11 12.73 -2.53
N THR B 9 -1.61 12.59 -3.77
CA THR B 9 -2.41 12.76 -4.99
C THR B 9 -3.09 14.13 -5.05
N ILE B 10 -2.51 15.10 -4.35
CA ILE B 10 -3.06 16.45 -4.31
C ILE B 10 -2.59 17.25 -5.52
N GLN B 11 -1.99 16.54 -6.48
CA GLN B 11 -1.49 17.13 -7.71
C GLN B 11 -0.29 18.04 -7.45
N ASN B 12 0.29 18.57 -8.51
CA ASN B 12 1.45 19.44 -8.39
C ASN B 12 1.10 20.84 -8.87
N SER A 1 2.79 -17.65 -10.94
CA SER A 1 2.27 -16.27 -10.93
C SER A 1 1.06 -16.12 -10.02
N GLU A 2 0.36 -17.22 -9.74
CA GLU A 2 -0.85 -17.17 -8.92
C GLU A 2 -0.53 -17.33 -7.44
N GLU A 3 0.72 -17.65 -7.12
CA GLU A 3 1.11 -17.92 -5.74
C GLU A 3 1.15 -16.63 -4.91
N GLU A 4 1.27 -15.49 -5.57
CA GLU A 4 1.24 -14.21 -4.88
C GLU A 4 -0.19 -13.86 -4.49
N ASP A 5 -1.14 -14.45 -5.20
CA ASP A 5 -2.55 -14.29 -4.88
C ASP A 5 -2.97 -15.36 -3.87
N LYS A 6 -2.13 -16.38 -3.72
CA LYS A 6 -2.40 -17.48 -2.81
C LYS A 6 -1.44 -17.41 -1.63
N CYS A 7 -1.11 -16.20 -1.23
CA CYS A 7 -0.17 -15.98 -0.14
C CYS A 7 -0.91 -15.95 1.20
N LYS A 8 -0.16 -16.17 2.28
CA LYS A 8 -0.71 -16.12 3.62
C LYS A 8 -0.54 -14.73 4.20
N PRO A 9 -1.39 -14.34 5.17
CA PRO A 9 -1.32 -13.03 5.81
C PRO A 9 -0.02 -12.84 6.58
N MET A 10 0.38 -11.59 6.70
CA MET A 10 1.56 -11.26 7.48
C MET A 10 1.15 -10.80 8.87
N SER A 11 2.10 -10.80 9.79
CA SER A 11 1.83 -10.50 11.19
C SER A 11 1.46 -9.03 11.41
N TYR A 12 1.05 -8.71 12.63
CA TYR A 12 0.71 -7.33 12.99
C TYR A 12 1.93 -6.43 12.80
N GLU A 13 3.10 -6.94 13.18
CA GLU A 13 4.36 -6.23 13.01
C GLU A 13 4.56 -5.85 11.55
N GLU A 14 4.32 -6.83 10.68
CA GLU A 14 4.57 -6.66 9.26
C GLU A 14 3.57 -5.70 8.64
N LYS A 15 2.30 -5.87 8.99
CA LYS A 15 1.25 -4.99 8.53
C LYS A 15 1.52 -3.54 8.95
N ARG A 16 1.94 -3.36 10.18
CA ARG A 16 2.28 -2.04 10.69
C ARG A 16 3.52 -1.48 9.96
N GLN A 17 4.51 -2.33 9.71
CA GLN A 17 5.70 -1.92 8.99
C GLN A 17 5.36 -1.54 7.55
N LEU A 18 4.37 -2.20 7.01
CA LEU A 18 3.91 -1.93 5.65
C LEU A 18 3.25 -0.55 5.60
N SER A 19 2.53 -0.21 6.63
CA SER A 19 2.01 1.14 6.78
C SER A 19 3.17 2.14 6.81
N LEU A 20 4.28 1.71 7.40
CA LEU A 20 5.46 2.55 7.53
C LEU A 20 6.24 2.62 6.22
N ASP A 21 6.24 1.53 5.46
CA ASP A 21 7.04 1.47 4.24
C ASP A 21 6.36 2.22 3.07
N ILE A 22 5.05 2.23 3.04
CA ILE A 22 4.33 3.01 2.03
C ILE A 22 4.40 4.49 2.37
N ASN A 23 4.42 4.77 3.67
CA ASN A 23 4.58 6.12 4.17
C ASN A 23 5.95 6.70 3.75
N LYS A 24 6.87 5.81 3.37
CA LYS A 24 8.20 6.21 2.93
C LYS A 24 8.19 6.67 1.47
N LEU A 25 7.36 6.02 0.65
CA LEU A 25 7.33 6.27 -0.78
C LEU A 25 6.98 7.72 -1.12
N PRO A 26 7.79 8.38 -1.96
CA PRO A 26 7.46 9.70 -2.51
C PRO A 26 6.12 9.67 -3.26
N GLY A 27 5.44 10.82 -3.30
CA GLY A 27 4.08 10.91 -3.83
C GLY A 27 3.85 10.15 -5.14
N GLU A 28 4.78 10.25 -6.09
CA GLU A 28 4.62 9.59 -7.38
C GLU A 28 4.58 8.07 -7.21
N LYS A 29 5.53 7.54 -6.44
CA LYS A 29 5.60 6.13 -6.13
C LYS A 29 4.43 5.71 -5.24
N LEU A 30 4.08 6.61 -4.34
CA LEU A 30 3.00 6.39 -3.39
C LEU A 30 1.66 6.21 -4.09
N GLY A 31 1.40 7.01 -5.12
CA GLY A 31 0.12 6.94 -5.83
C GLY A 31 -0.22 5.54 -6.32
N ARG A 32 0.81 4.75 -6.57
CA ARG A 32 0.62 3.37 -7.01
C ARG A 32 -0.05 2.54 -5.90
N VAL A 33 0.46 2.65 -4.69
CA VAL A 33 -0.02 1.81 -3.58
C VAL A 33 -1.44 2.18 -3.21
N VAL A 34 -1.72 3.47 -3.07
CA VAL A 34 -3.08 3.93 -2.81
C VAL A 34 -4.02 3.33 -3.84
N HIS A 35 -3.54 3.26 -5.07
CA HIS A 35 -4.29 2.65 -6.17
C HIS A 35 -4.39 1.14 -6.00
N ILE A 36 -3.28 0.49 -5.62
CA ILE A 36 -3.27 -0.96 -5.42
C ILE A 36 -4.30 -1.40 -4.39
N ILE A 37 -4.25 -0.80 -3.21
CA ILE A 37 -5.17 -1.18 -2.14
C ILE A 37 -6.62 -0.94 -2.56
N GLN A 38 -6.89 0.25 -3.08
CA GLN A 38 -8.24 0.60 -3.52
C GLN A 38 -8.74 -0.35 -4.60
N SER A 39 -7.84 -0.78 -5.48
CA SER A 39 -8.20 -1.69 -6.55
C SER A 39 -8.51 -3.08 -6.01
N ARG A 40 -7.69 -3.56 -5.08
CA ARG A 40 -7.86 -4.92 -4.55
C ARG A 40 -8.95 -4.96 -3.49
N GLU A 41 -9.03 -3.88 -2.71
CA GLU A 41 -10.02 -3.78 -1.64
C GLU A 41 -11.09 -2.75 -1.99
N PRO A 42 -12.15 -3.14 -2.72
CA PRO A 42 -13.20 -2.22 -3.17
C PRO A 42 -13.99 -1.61 -2.00
N SER A 43 -13.89 -2.22 -0.83
CA SER A 43 -14.59 -1.74 0.36
C SER A 43 -14.08 -0.36 0.78
N LEU A 44 -12.80 -0.11 0.50
CA LEU A 44 -12.18 1.14 0.88
C LEU A 44 -11.91 1.99 -0.36
N LYS A 45 -12.52 1.61 -1.48
CA LYS A 45 -12.36 2.37 -2.71
C LYS A 45 -13.41 3.48 -2.75
N ASN A 46 -14.19 3.59 -1.66
CA ASN A 46 -15.16 4.64 -1.51
C ASN A 46 -14.50 5.83 -0.84
N SER A 47 -13.29 5.60 -0.34
CA SER A 47 -12.48 6.65 0.28
C SER A 47 -11.97 7.59 -0.80
N ASN A 48 -11.93 8.88 -0.49
CA ASN A 48 -11.41 9.87 -1.43
C ASN A 48 -9.96 9.55 -1.73
N PRO A 49 -9.59 9.48 -3.02
CA PRO A 49 -8.26 9.04 -3.44
C PRO A 49 -7.14 9.92 -2.90
N ASP A 50 -7.47 11.15 -2.49
CA ASP A 50 -6.47 12.05 -1.94
C ASP A 50 -6.23 11.74 -0.46
N GLU A 51 -7.29 11.31 0.22
CA GLU A 51 -7.23 11.02 1.66
C GLU A 51 -7.82 9.63 1.90
N ILE A 52 -7.07 8.60 1.53
CA ILE A 52 -7.62 7.26 1.50
C ILE A 52 -7.56 6.60 2.86
N GLU A 53 -8.56 5.77 3.13
CA GLU A 53 -8.69 5.11 4.41
C GLU A 53 -8.35 3.62 4.24
N ILE A 54 -7.21 3.19 4.77
CA ILE A 54 -6.81 1.80 4.62
C ILE A 54 -7.02 1.03 5.92
N ASP A 55 -7.50 -0.20 5.81
CA ASP A 55 -7.73 -1.02 6.99
C ASP A 55 -6.88 -2.28 6.89
N PHE A 56 -5.67 -2.22 7.43
CA PHE A 56 -4.67 -3.26 7.23
C PHE A 56 -5.09 -4.62 7.77
N GLU A 57 -6.12 -4.64 8.60
CA GLU A 57 -6.60 -5.88 9.17
C GLU A 57 -7.64 -6.57 8.29
N THR A 58 -8.05 -5.89 7.22
CA THR A 58 -9.08 -6.44 6.34
C THR A 58 -8.58 -6.59 4.91
N LEU A 59 -7.38 -6.08 4.63
CA LEU A 59 -6.79 -6.24 3.29
C LEU A 59 -6.51 -7.72 3.06
N LYS A 60 -6.68 -8.16 1.83
CA LYS A 60 -6.34 -9.53 1.46
C LYS A 60 -4.84 -9.77 1.62
N PRO A 61 -4.44 -11.02 1.93
CA PRO A 61 -3.02 -11.38 2.10
C PRO A 61 -2.23 -11.09 0.83
N SER A 62 -2.88 -11.24 -0.30
CA SER A 62 -2.27 -10.97 -1.59
C SER A 62 -2.06 -9.47 -1.77
N THR A 63 -2.99 -8.68 -1.25
CA THR A 63 -2.88 -7.24 -1.28
C THR A 63 -1.65 -6.80 -0.51
N LEU A 64 -1.51 -7.31 0.71
CA LEU A 64 -0.37 -6.99 1.56
C LEU A 64 0.96 -7.31 0.89
N ARG A 65 1.01 -8.43 0.20
CA ARG A 65 2.24 -8.87 -0.44
C ARG A 65 2.48 -8.13 -1.75
N GLU A 66 1.43 -7.51 -2.28
CA GLU A 66 1.56 -6.67 -3.45
C GLU A 66 2.05 -5.30 -3.02
N LEU A 67 1.57 -4.87 -1.85
CA LEU A 67 1.92 -3.57 -1.31
C LEU A 67 3.36 -3.60 -0.86
N GLU A 68 3.70 -4.59 -0.02
CA GLU A 68 5.05 -4.68 0.52
C GLU A 68 6.05 -4.94 -0.57
N ARG A 69 5.77 -5.90 -1.46
CA ARG A 69 6.71 -6.20 -2.54
C ARG A 69 7.02 -4.95 -3.35
N TYR A 70 6.01 -4.14 -3.55
CA TYR A 70 6.16 -2.97 -4.38
C TYR A 70 6.97 -1.90 -3.68
N VAL A 71 6.70 -1.70 -2.40
CA VAL A 71 7.39 -0.68 -1.65
C VAL A 71 8.83 -1.10 -1.36
N THR A 72 9.03 -2.34 -0.94
CA THR A 72 10.36 -2.84 -0.65
C THR A 72 11.22 -2.80 -1.92
N SER A 73 10.57 -2.93 -3.08
CA SER A 73 11.27 -2.79 -4.35
C SER A 73 11.76 -1.35 -4.55
N CYS A 74 11.05 -0.41 -3.93
CA CYS A 74 11.38 1.01 -4.05
C CYS A 74 12.35 1.44 -2.95
N LEU A 75 12.00 1.15 -1.69
CA LEU A 75 12.82 1.51 -0.54
C LEU A 75 14.26 1.00 -0.68
N ARG A 76 14.41 -0.19 -1.26
CA ARG A 76 15.71 -0.82 -1.38
C ARG A 76 16.37 -0.49 -2.71
N LYS A 77 15.74 0.38 -3.48
CA LYS A 77 16.29 0.84 -4.75
C LYS A 77 16.14 2.35 -4.85
N LYS A 78 16.30 2.90 -6.05
CA LYS A 78 16.15 4.34 -6.21
C LYS A 78 14.94 4.67 -7.08
N ARG A 79 15.18 4.98 -8.36
CA ARG A 79 14.13 5.45 -9.28
C ARG A 79 13.48 6.72 -8.74
N LYS A 80 14.01 7.87 -9.13
CA LYS A 80 13.52 9.14 -8.61
C LYS A 80 13.91 10.30 -9.56
N PRO A 81 13.25 10.40 -10.72
CA PRO A 81 13.50 11.48 -11.68
C PRO A 81 12.85 12.78 -11.26
N GLN A 82 12.28 12.80 -10.05
CA GLN A 82 11.65 13.98 -9.51
C GLN A 82 12.46 14.53 -8.33
N ALA A 83 12.68 15.83 -8.34
CA ALA A 83 13.39 16.50 -7.25
C ALA A 83 12.73 17.83 -6.94
N GLU B 1 -7.49 -1.62 14.00
CA GLU B 1 -6.02 -1.64 14.16
C GLU B 1 -5.32 -1.37 12.83
N ILE B 2 -4.38 -0.44 12.87
CA ILE B 2 -3.54 -0.10 11.71
C ILE B 2 -4.38 0.45 10.55
N LYS B 3 -4.68 1.73 10.60
CA LYS B 3 -5.36 2.39 9.51
C LYS B 3 -4.41 3.40 8.87
N LEU B 4 -4.11 3.20 7.59
CA LEU B 4 -3.17 4.07 6.91
C LEU B 4 -3.90 5.15 6.14
N LYS B 5 -3.79 6.39 6.62
CA LYS B 5 -4.30 7.53 5.89
C LYS B 5 -3.25 8.05 4.94
N ILE B 6 -3.09 7.44 3.78
CA ILE B 6 -2.16 7.96 2.81
C ILE B 6 -2.76 9.19 2.15
N THR B 7 -2.14 10.33 2.40
CA THR B 7 -2.63 11.59 1.86
C THR B 7 -1.70 12.07 0.74
N LYS B 8 -2.21 12.08 -0.50
CA LYS B 8 -1.39 12.41 -1.66
C LYS B 8 -2.23 12.51 -2.94
N THR B 9 -1.58 12.34 -4.09
CA THR B 9 -2.21 12.40 -5.42
C THR B 9 -2.90 13.72 -5.67
N ILE B 10 -2.21 14.81 -5.37
CA ILE B 10 -2.73 16.14 -5.62
C ILE B 10 -2.68 16.44 -7.12
N GLN B 11 -3.78 16.17 -7.81
CA GLN B 11 -3.82 16.31 -9.26
C GLN B 11 -3.92 17.77 -9.65
N ASN B 12 -4.54 18.57 -8.80
CA ASN B 12 -4.68 19.99 -9.06
C ASN B 12 -4.31 20.79 -7.82
N SER A 1 -1.13 -15.00 -11.08
CA SER A 1 -2.29 -14.22 -10.60
C SER A 1 -2.95 -14.88 -9.37
N GLU A 2 -2.88 -16.20 -9.30
CA GLU A 2 -3.53 -16.93 -8.20
C GLU A 2 -2.57 -17.18 -7.04
N GLU A 3 -1.27 -17.19 -7.34
CA GLU A 3 -0.26 -17.51 -6.33
C GLU A 3 -0.26 -16.48 -5.20
N GLU A 4 -0.57 -15.24 -5.55
CA GLU A 4 -0.55 -14.15 -4.57
C GLU A 4 -1.71 -14.26 -3.59
N ASP A 5 -2.85 -14.78 -4.04
CA ASP A 5 -4.00 -14.97 -3.17
C ASP A 5 -3.78 -16.16 -2.24
N LYS A 6 -2.78 -16.97 -2.56
CA LYS A 6 -2.44 -18.13 -1.76
C LYS A 6 -1.36 -17.75 -0.75
N CYS A 7 -0.95 -16.49 -0.78
CA CYS A 7 0.06 -15.98 0.13
C CYS A 7 -0.50 -15.96 1.55
N LYS A 8 0.37 -16.20 2.52
CA LYS A 8 -0.03 -16.20 3.91
C LYS A 8 -0.08 -14.77 4.44
N PRO A 9 -1.03 -14.47 5.35
CA PRO A 9 -1.15 -13.16 5.94
C PRO A 9 0.07 -12.79 6.75
N MET A 10 0.68 -11.67 6.42
CA MET A 10 1.82 -11.20 7.19
C MET A 10 1.37 -10.75 8.57
N SER A 11 2.30 -10.77 9.50
CA SER A 11 2.01 -10.54 10.91
C SER A 11 1.66 -9.08 11.21
N TYR A 12 1.23 -8.82 12.44
CA TYR A 12 0.86 -7.48 12.87
C TYR A 12 2.05 -6.52 12.72
N GLU A 13 3.23 -6.99 13.14
CA GLU A 13 4.45 -6.19 13.04
C GLU A 13 4.73 -5.80 11.58
N GLU A 14 4.52 -6.75 10.69
CA GLU A 14 4.83 -6.57 9.28
C GLU A 14 3.72 -5.74 8.58
N LYS A 15 2.46 -5.96 8.97
CA LYS A 15 1.36 -5.11 8.51
C LYS A 15 1.59 -3.66 8.90
N ARG A 16 1.91 -3.43 10.17
CA ARG A 16 2.15 -2.08 10.68
C ARG A 16 3.35 -1.42 9.98
N GLN A 17 4.38 -2.22 9.72
CA GLN A 17 5.57 -1.72 9.05
C GLN A 17 5.27 -1.44 7.59
N LEU A 18 4.29 -2.14 7.06
CA LEU A 18 3.85 -1.94 5.68
C LEU A 18 3.15 -0.60 5.56
N SER A 19 2.39 -0.24 6.57
CA SER A 19 1.80 1.09 6.63
C SER A 19 2.91 2.13 6.64
N LEU A 20 4.01 1.78 7.31
CA LEU A 20 5.15 2.68 7.43
C LEU A 20 5.99 2.71 6.15
N ASP A 21 6.02 1.60 5.42
CA ASP A 21 6.87 1.51 4.23
C ASP A 21 6.21 2.20 3.02
N ILE A 22 4.88 2.18 2.95
CA ILE A 22 4.17 2.91 1.90
C ILE A 22 4.23 4.40 2.17
N ASN A 23 4.17 4.74 3.45
CA ASN A 23 4.28 6.13 3.88
C ASN A 23 5.64 6.72 3.50
N LYS A 24 6.62 5.84 3.28
CA LYS A 24 7.96 6.25 2.89
C LYS A 24 8.04 6.61 1.41
N LEU A 25 7.19 6.00 0.60
CA LEU A 25 7.19 6.22 -0.84
C LEU A 25 6.82 7.66 -1.19
N PRO A 26 7.63 8.33 -2.03
CA PRO A 26 7.30 9.65 -2.57
C PRO A 26 5.99 9.62 -3.36
N GLY A 27 5.28 10.75 -3.39
CA GLY A 27 3.94 10.80 -3.98
C GLY A 27 3.78 10.04 -5.28
N GLU A 28 4.76 10.17 -6.17
CA GLU A 28 4.74 9.44 -7.45
C GLU A 28 4.62 7.93 -7.20
N LYS A 29 5.59 7.38 -6.50
CA LYS A 29 5.64 5.96 -6.19
C LYS A 29 4.45 5.57 -5.32
N LEU A 30 4.08 6.47 -4.45
CA LEU A 30 2.99 6.26 -3.53
C LEU A 30 1.67 6.03 -4.27
N GLY A 31 1.44 6.79 -5.33
CA GLY A 31 0.18 6.69 -6.07
C GLY A 31 -0.15 5.27 -6.52
N ARG A 32 0.88 4.47 -6.76
CA ARG A 32 0.69 3.08 -7.14
C ARG A 32 -0.02 2.30 -6.03
N VAL A 33 0.46 2.49 -4.80
CA VAL A 33 -0.02 1.70 -3.67
C VAL A 33 -1.44 2.09 -3.29
N VAL A 34 -1.70 3.39 -3.18
CA VAL A 34 -3.05 3.88 -2.95
C VAL A 34 -4.00 3.26 -3.97
N HIS A 35 -3.52 3.17 -5.20
CA HIS A 35 -4.27 2.56 -6.28
C HIS A 35 -4.41 1.05 -6.06
N ILE A 36 -3.32 0.38 -5.67
CA ILE A 36 -3.35 -1.06 -5.43
C ILE A 36 -4.41 -1.41 -4.39
N ILE A 37 -4.32 -0.83 -3.19
CA ILE A 37 -5.26 -1.16 -2.13
C ILE A 37 -6.69 -0.88 -2.55
N GLN A 38 -6.93 0.31 -3.08
CA GLN A 38 -8.25 0.71 -3.55
C GLN A 38 -8.80 -0.24 -4.60
N SER A 39 -7.92 -0.78 -5.42
CA SER A 39 -8.33 -1.69 -6.49
C SER A 39 -8.59 -3.10 -5.94
N ARG A 40 -7.80 -3.53 -4.97
CA ARG A 40 -7.94 -4.88 -4.44
C ARG A 40 -9.02 -4.93 -3.37
N GLU A 41 -9.13 -3.88 -2.57
CA GLU A 41 -10.13 -3.81 -1.51
C GLU A 41 -11.26 -2.84 -1.87
N PRO A 42 -12.40 -3.37 -2.36
CA PRO A 42 -13.56 -2.55 -2.70
C PRO A 42 -14.14 -1.80 -1.50
N SER A 43 -13.84 -2.31 -0.30
CA SER A 43 -14.38 -1.76 0.94
C SER A 43 -13.96 -0.30 1.15
N LEU A 44 -12.82 0.08 0.58
CA LEU A 44 -12.27 1.41 0.82
C LEU A 44 -12.07 2.16 -0.47
N LYS A 45 -12.66 1.66 -1.55
CA LYS A 45 -12.49 2.27 -2.87
C LYS A 45 -13.27 3.57 -2.98
N ASN A 46 -14.09 3.85 -1.98
CA ASN A 46 -14.90 5.05 -1.98
C ASN A 46 -14.18 6.17 -1.22
N SER A 47 -13.06 5.81 -0.57
CA SER A 47 -12.26 6.79 0.14
C SER A 47 -11.62 7.75 -0.85
N ASN A 48 -11.76 9.06 -0.59
CA ASN A 48 -11.20 10.08 -1.47
C ASN A 48 -9.72 9.82 -1.67
N PRO A 49 -9.26 9.83 -2.93
CA PRO A 49 -7.87 9.47 -3.29
C PRO A 49 -6.83 10.32 -2.59
N ASP A 50 -7.21 11.49 -2.11
CA ASP A 50 -6.30 12.38 -1.40
C ASP A 50 -6.25 12.01 0.09
N GLU A 51 -7.34 11.43 0.58
CA GLU A 51 -7.50 11.10 1.99
C GLU A 51 -7.96 9.65 2.12
N ILE A 52 -7.15 8.71 1.65
CA ILE A 52 -7.59 7.34 1.57
C ILE A 52 -7.47 6.64 2.91
N GLU A 53 -8.34 5.67 3.14
CA GLU A 53 -8.45 5.01 4.42
C GLU A 53 -8.10 3.52 4.26
N ILE A 54 -6.95 3.11 4.78
CA ILE A 54 -6.52 1.72 4.66
C ILE A 54 -6.90 0.96 5.93
N ASP A 55 -7.39 -0.26 5.80
CA ASP A 55 -7.67 -1.09 6.97
C ASP A 55 -6.85 -2.36 6.88
N PHE A 56 -5.67 -2.34 7.48
CA PHE A 56 -4.70 -3.41 7.28
C PHE A 56 -5.14 -4.75 7.82
N GLU A 57 -6.20 -4.78 8.62
CA GLU A 57 -6.72 -6.03 9.15
C GLU A 57 -7.78 -6.64 8.24
N THR A 58 -8.10 -5.96 7.15
CA THR A 58 -9.12 -6.47 6.22
C THR A 58 -8.57 -6.64 4.81
N LEU A 59 -7.40 -6.06 4.54
CA LEU A 59 -6.77 -6.21 3.23
C LEU A 59 -6.47 -7.68 3.00
N LYS A 60 -6.72 -8.15 1.79
CA LYS A 60 -6.39 -9.51 1.41
C LYS A 60 -4.89 -9.75 1.57
N PRO A 61 -4.49 -10.99 1.93
CA PRO A 61 -3.08 -11.36 2.06
C PRO A 61 -2.32 -11.12 0.76
N SER A 62 -3.03 -11.18 -0.36
CA SER A 62 -2.45 -10.88 -1.66
C SER A 62 -2.18 -9.40 -1.81
N THR A 63 -3.11 -8.60 -1.28
CA THR A 63 -2.95 -7.15 -1.28
C THR A 63 -1.71 -6.76 -0.49
N LEU A 64 -1.60 -7.28 0.72
CA LEU A 64 -0.45 -7.01 1.59
C LEU A 64 0.85 -7.41 0.92
N ARG A 65 0.88 -8.60 0.34
CA ARG A 65 2.09 -9.10 -0.31
C ARG A 65 2.45 -8.25 -1.52
N GLU A 66 1.44 -7.62 -2.11
CA GLU A 66 1.63 -6.78 -3.28
C GLU A 66 2.14 -5.41 -2.85
N LEU A 67 1.58 -4.90 -1.76
CA LEU A 67 1.93 -3.60 -1.24
C LEU A 67 3.39 -3.63 -0.77
N GLU A 68 3.67 -4.63 0.05
CA GLU A 68 4.99 -4.80 0.65
C GLU A 68 6.07 -5.06 -0.40
N ARG A 69 5.82 -6.02 -1.28
CA ARG A 69 6.79 -6.39 -2.31
C ARG A 69 7.13 -5.19 -3.19
N TYR A 70 6.15 -4.35 -3.40
CA TYR A 70 6.32 -3.20 -4.28
C TYR A 70 7.10 -2.10 -3.59
N VAL A 71 6.71 -1.77 -2.37
CA VAL A 71 7.36 -0.68 -1.64
C VAL A 71 8.80 -1.02 -1.33
N THR A 72 9.05 -2.25 -0.91
CA THR A 72 10.40 -2.69 -0.56
C THR A 72 11.33 -2.55 -1.77
N SER A 73 10.76 -2.69 -2.96
CA SER A 73 11.53 -2.52 -4.18
C SER A 73 11.98 -1.07 -4.32
N CYS A 74 11.18 -0.16 -3.76
CA CYS A 74 11.43 1.27 -3.85
C CYS A 74 12.32 1.74 -2.70
N LEU A 75 11.97 1.36 -1.47
CA LEU A 75 12.76 1.69 -0.29
C LEU A 75 14.20 1.23 -0.45
N ARG A 76 14.41 0.17 -1.22
CA ARG A 76 15.73 -0.39 -1.44
C ARG A 76 16.37 0.18 -2.71
N LYS A 77 15.77 1.24 -3.23
CA LYS A 77 16.35 1.98 -4.34
C LYS A 77 16.31 3.47 -4.06
N LYS A 78 17.43 4.05 -3.69
CA LYS A 78 17.48 5.45 -3.29
C LYS A 78 18.30 6.25 -4.29
N ARG A 79 19.52 5.81 -4.56
CA ARG A 79 20.36 6.49 -5.52
C ARG A 79 20.22 5.86 -6.90
N LYS A 80 19.07 5.25 -7.10
CA LYS A 80 18.73 4.59 -8.36
C LYS A 80 17.24 4.26 -8.41
N PRO A 81 16.38 5.29 -8.39
CA PRO A 81 14.93 5.10 -8.39
C PRO A 81 14.40 4.72 -9.77
N GLN A 82 13.17 4.23 -9.81
CA GLN A 82 12.54 3.86 -11.07
C GLN A 82 11.71 5.02 -11.61
N ALA A 83 12.39 6.11 -11.93
CA ALA A 83 11.73 7.30 -12.44
C ALA A 83 12.54 7.90 -13.58
N GLU B 1 -6.85 -2.33 14.19
CA GLU B 1 -7.17 -2.44 12.75
C GLU B 1 -6.00 -1.99 11.88
N ILE B 2 -5.14 -1.12 12.42
CA ILE B 2 -4.01 -0.56 11.69
C ILE B 2 -4.48 0.20 10.45
N LYS B 3 -4.72 1.48 10.62
CA LYS B 3 -5.18 2.33 9.54
C LYS B 3 -4.01 3.08 8.91
N LEU B 4 -4.17 3.43 7.65
CA LEU B 4 -3.17 4.19 6.93
C LEU B 4 -3.85 5.27 6.11
N LYS B 5 -3.71 6.52 6.53
CA LYS B 5 -4.22 7.63 5.75
C LYS B 5 -3.18 8.09 4.74
N ILE B 6 -3.06 7.35 3.64
CA ILE B 6 -2.12 7.71 2.60
C ILE B 6 -2.57 9.02 1.94
N THR B 7 -1.82 10.08 2.17
CA THR B 7 -2.17 11.38 1.64
C THR B 7 -1.25 11.79 0.49
N LYS B 8 -1.81 11.87 -0.71
CA LYS B 8 -1.05 12.23 -1.90
C LYS B 8 -1.98 12.49 -3.09
N THR B 9 -1.48 12.25 -4.30
CA THR B 9 -2.22 12.47 -5.55
C THR B 9 -2.69 13.91 -5.67
N ILE B 10 -1.76 14.84 -5.38
CA ILE B 10 -2.05 16.27 -5.47
C ILE B 10 -2.47 16.63 -6.89
N GLN B 11 -1.81 16.02 -7.87
CA GLN B 11 -2.16 16.19 -9.26
C GLN B 11 -2.86 14.94 -9.78
N ASN B 12 -4.16 15.04 -10.00
CA ASN B 12 -4.94 13.91 -10.46
C ASN B 12 -5.02 13.89 -11.98
#